data_1FKH
# 
_entry.id   1FKH 
# 
_audit_conform.dict_name       mmcif_pdbx.dic 
_audit_conform.dict_version    5.385 
_audit_conform.dict_location   http://mmcif.pdb.org/dictionaries/ascii/mmcif_pdbx.dic 
# 
loop_
_database_2.database_id 
_database_2.database_code 
_database_2.pdbx_database_accession 
_database_2.pdbx_DOI 
PDB   1FKH         pdb_00001fkh 10.2210/pdb1fkh/pdb 
WWPDB D_1000173316 ?            ?                   
# 
loop_
_pdbx_audit_revision_history.ordinal 
_pdbx_audit_revision_history.data_content_type 
_pdbx_audit_revision_history.major_revision 
_pdbx_audit_revision_history.minor_revision 
_pdbx_audit_revision_history.revision_date 
1 'Structure model' 1 0 1994-01-31 
2 'Structure model' 1 1 2008-03-03 
3 'Structure model' 1 2 2011-07-13 
4 'Structure model' 1 3 2017-11-29 
5 'Structure model' 1 4 2024-02-07 
# 
_pdbx_audit_revision_details.ordinal             1 
_pdbx_audit_revision_details.revision_ordinal    1 
_pdbx_audit_revision_details.data_content_type   'Structure model' 
_pdbx_audit_revision_details.provider            repository 
_pdbx_audit_revision_details.type                'Initial release' 
_pdbx_audit_revision_details.description         ? 
_pdbx_audit_revision_details.details             ? 
# 
loop_
_pdbx_audit_revision_group.ordinal 
_pdbx_audit_revision_group.revision_ordinal 
_pdbx_audit_revision_group.data_content_type 
_pdbx_audit_revision_group.group 
1 2 'Structure model' 'Version format compliance' 
2 3 'Structure model' 'Version format compliance' 
3 4 'Structure model' 'Derived calculations'      
4 4 'Structure model' Other                       
5 5 'Structure model' 'Data collection'           
6 5 'Structure model' 'Database references'       
7 5 'Structure model' 'Derived calculations'      
# 
loop_
_pdbx_audit_revision_category.ordinal 
_pdbx_audit_revision_category.revision_ordinal 
_pdbx_audit_revision_category.data_content_type 
_pdbx_audit_revision_category.category 
1 4 'Structure model' pdbx_database_status 
2 4 'Structure model' struct_conf          
3 4 'Structure model' struct_conf_type     
4 5 'Structure model' chem_comp_atom       
5 5 'Structure model' chem_comp_bond       
6 5 'Structure model' database_2           
7 5 'Structure model' struct_site          
# 
loop_
_pdbx_audit_revision_item.ordinal 
_pdbx_audit_revision_item.revision_ordinal 
_pdbx_audit_revision_item.data_content_type 
_pdbx_audit_revision_item.item 
1 4 'Structure model' '_pdbx_database_status.process_site'  
2 5 'Structure model' '_database_2.pdbx_DOI'                
3 5 'Structure model' '_database_2.pdbx_database_accession' 
4 5 'Structure model' '_struct_site.pdbx_auth_asym_id'      
5 5 'Structure model' '_struct_site.pdbx_auth_comp_id'      
6 5 'Structure model' '_struct_site.pdbx_auth_seq_id'       
# 
_pdbx_database_status.status_code                     REL 
_pdbx_database_status.entry_id                        1FKH 
_pdbx_database_status.recvd_initial_deposition_date   1993-08-05 
_pdbx_database_status.deposit_site                    ? 
_pdbx_database_status.process_site                    BNL 
_pdbx_database_status.SG_entry                        . 
_pdbx_database_status.pdb_format_compatible           Y 
_pdbx_database_status.status_code_mr                  ? 
_pdbx_database_status.status_code_sf                  ? 
_pdbx_database_status.status_code_cs                  ? 
_pdbx_database_status.methods_development_category    ? 
_pdbx_database_status.status_code_nmr_data            ? 
# 
loop_
_audit_author.name 
_audit_author.pdbx_ordinal 
'Holt, D.A.'      1  
'Luengo, J.I.'    2  
'Yamashita, D.S.' 3  
'Oh, H.-J.'       4  
'Konialian, A.L.' 5  
'Yen, H.-K.'      6  
'Rozamus, L.W.'   7  
'Brandt, M.'      8  
'Bossard, M.J.'   9  
'Levy, M.A.'      10 
'Eggleston, D.S.' 11 
'Stout, T.J.'     12 
'Liang, J.'       13 
'Schultz, L.W.'   14 
'Clardy, J.'      15 
# 
loop_
_citation.id 
_citation.title 
_citation.journal_abbrev 
_citation.journal_volume 
_citation.page_first 
_citation.page_last 
_citation.year 
_citation.journal_id_ASTM 
_citation.country 
_citation.journal_id_ISSN 
_citation.journal_id_CSD 
_citation.book_publisher 
_citation.pdbx_database_id_PubMed 
_citation.pdbx_database_id_DOI 
primary 
;DESIGN, SYNTHESIS, AND KINETIC EVALUATION OF HIGH-AFFINITY FKBP LIGANDS AND THE X-RAY CRYSTAL-STRUCTURES OF THEIR COMPLEXES WITH FKBP12.
;
J.Am.Chem.Soc. 115 9925 9938 1993 JACSAT US 0002-7863 0004 ? -1 ? 
1       'Atomic Structures of the Human Immunophilin Fkbp-12 Complexes with Fk506 and Rapamycin' J.Mol.Biol.    229 105  ?    1993 
JMOBAK UK 0022-2836 0070 ? ?  ? 
# 
loop_
_citation_author.citation_id 
_citation_author.name 
_citation_author.ordinal 
_citation_author.identifier_ORCID 
primary 'Holt, D.A.'      1  ? 
primary 'Luengo, J.I.'    2  ? 
primary 'Yamashita, D.S.' 3  ? 
primary 'Oh, H.J.'        4  ? 
primary 'Konialian, A.L.' 5  ? 
primary 'Yen, H.K.'       6  ? 
primary 'Rozamus, L.W.'   7  ? 
primary 'Brandt, M.'      8  ? 
primary 'Bossard, M.J.'   9  ? 
primary 'Levy, M.A.'      10 ? 
primary 'Eggleston, D.S.' 11 ? 
primary 'Liang, J.'       12 ? 
primary 'Schultz, L.W.'   13 ? 
primary 'Stout, T.J.'     14 ? 
primary 'Clardy, J.'      15 ? 
1       'Van Duyne, G.D.' 16 ? 
1       'Standaert, R.F.' 17 ? 
1       'Karplus, P.A.'   18 ? 
1       'Schreiber, S.L.' 19 ? 
1       'Clardy, J.'      20 ? 
# 
loop_
_entity.id 
_entity.type 
_entity.src_method 
_entity.pdbx_description 
_entity.formula_weight 
_entity.pdbx_number_of_molecules 
_entity.pdbx_ec 
_entity.pdbx_mutation 
_entity.pdbx_fragment 
_entity.details 
1 polymer     man 'FK506 BINDING PROTEIN'                                                                    11836.508 1   ? ? ? ? 
2 non-polymer syn '1-CYCLOHEXYL-3-PHENYL-1-PROPYL-1-(3,3-DIMETHYL-1,2-DIOXYPENTYL)-2-PIPERIDINE CARBOXYLATE' 455.629   1   ? ? ? ? 
3 water       nat water                                                                                      18.015    117 ? ? ? ? 
# 
_entity_poly.entity_id                      1 
_entity_poly.type                           'polypeptide(L)' 
_entity_poly.nstd_linkage                   no 
_entity_poly.nstd_monomer                   no 
_entity_poly.pdbx_seq_one_letter_code       
;GVQVETISPGDGRTFPKRGQTCVVHYTGMLEDGKKFDSSRDRNKPFKFMLGKQEVIRGWEEGVAQMSVGQRAKLTISPDY
AYGATGHPGIIPPHATLVFDVELLKLE
;
_entity_poly.pdbx_seq_one_letter_code_can   
;GVQVETISPGDGRTFPKRGQTCVVHYTGMLEDGKKFDSSRDRNKPFKFMLGKQEVIRGWEEGVAQMSVGQRAKLTISPDY
AYGATGHPGIIPPHATLVFDVELLKLE
;
_entity_poly.pdbx_strand_id                 A 
_entity_poly.pdbx_target_identifier         ? 
# 
loop_
_pdbx_entity_nonpoly.entity_id 
_pdbx_entity_nonpoly.name 
_pdbx_entity_nonpoly.comp_id 
2 '1-CYCLOHEXYL-3-PHENYL-1-PROPYL-1-(3,3-DIMETHYL-1,2-DIOXYPENTYL)-2-PIPERIDINE CARBOXYLATE' SBX 
3 water                                                                                      HOH 
# 
loop_
_entity_poly_seq.entity_id 
_entity_poly_seq.num 
_entity_poly_seq.mon_id 
_entity_poly_seq.hetero 
1 1   GLY n 
1 2   VAL n 
1 3   GLN n 
1 4   VAL n 
1 5   GLU n 
1 6   THR n 
1 7   ILE n 
1 8   SER n 
1 9   PRO n 
1 10  GLY n 
1 11  ASP n 
1 12  GLY n 
1 13  ARG n 
1 14  THR n 
1 15  PHE n 
1 16  PRO n 
1 17  LYS n 
1 18  ARG n 
1 19  GLY n 
1 20  GLN n 
1 21  THR n 
1 22  CYS n 
1 23  VAL n 
1 24  VAL n 
1 25  HIS n 
1 26  TYR n 
1 27  THR n 
1 28  GLY n 
1 29  MET n 
1 30  LEU n 
1 31  GLU n 
1 32  ASP n 
1 33  GLY n 
1 34  LYS n 
1 35  LYS n 
1 36  PHE n 
1 37  ASP n 
1 38  SER n 
1 39  SER n 
1 40  ARG n 
1 41  ASP n 
1 42  ARG n 
1 43  ASN n 
1 44  LYS n 
1 45  PRO n 
1 46  PHE n 
1 47  LYS n 
1 48  PHE n 
1 49  MET n 
1 50  LEU n 
1 51  GLY n 
1 52  LYS n 
1 53  GLN n 
1 54  GLU n 
1 55  VAL n 
1 56  ILE n 
1 57  ARG n 
1 58  GLY n 
1 59  TRP n 
1 60  GLU n 
1 61  GLU n 
1 62  GLY n 
1 63  VAL n 
1 64  ALA n 
1 65  GLN n 
1 66  MET n 
1 67  SER n 
1 68  VAL n 
1 69  GLY n 
1 70  GLN n 
1 71  ARG n 
1 72  ALA n 
1 73  LYS n 
1 74  LEU n 
1 75  THR n 
1 76  ILE n 
1 77  SER n 
1 78  PRO n 
1 79  ASP n 
1 80  TYR n 
1 81  ALA n 
1 82  TYR n 
1 83  GLY n 
1 84  ALA n 
1 85  THR n 
1 86  GLY n 
1 87  HIS n 
1 88  PRO n 
1 89  GLY n 
1 90  ILE n 
1 91  ILE n 
1 92  PRO n 
1 93  PRO n 
1 94  HIS n 
1 95  ALA n 
1 96  THR n 
1 97  LEU n 
1 98  VAL n 
1 99  PHE n 
1 100 ASP n 
1 101 VAL n 
1 102 GLU n 
1 103 LEU n 
1 104 LEU n 
1 105 LYS n 
1 106 LEU n 
1 107 GLU n 
# 
_entity_src_gen.entity_id                          1 
_entity_src_gen.pdbx_src_id                        1 
_entity_src_gen.pdbx_alt_source_flag               sample 
_entity_src_gen.pdbx_seq_type                      ? 
_entity_src_gen.pdbx_beg_seq_num                   ? 
_entity_src_gen.pdbx_end_seq_num                   ? 
_entity_src_gen.gene_src_common_name               human 
_entity_src_gen.gene_src_genus                     Homo 
_entity_src_gen.pdbx_gene_src_gene                 ? 
_entity_src_gen.gene_src_species                   ? 
_entity_src_gen.gene_src_strain                    ? 
_entity_src_gen.gene_src_tissue                    ? 
_entity_src_gen.gene_src_tissue_fraction           ? 
_entity_src_gen.gene_src_details                   ? 
_entity_src_gen.pdbx_gene_src_fragment             ? 
_entity_src_gen.pdbx_gene_src_scientific_name      'Homo sapiens' 
_entity_src_gen.pdbx_gene_src_ncbi_taxonomy_id     9606 
_entity_src_gen.pdbx_gene_src_variant              ? 
_entity_src_gen.pdbx_gene_src_cell_line            ? 
_entity_src_gen.pdbx_gene_src_atcc                 ? 
_entity_src_gen.pdbx_gene_src_organ                ? 
_entity_src_gen.pdbx_gene_src_organelle            ? 
_entity_src_gen.pdbx_gene_src_cell                 ? 
_entity_src_gen.pdbx_gene_src_cellular_location    ? 
_entity_src_gen.host_org_common_name               ? 
_entity_src_gen.pdbx_host_org_scientific_name      ? 
_entity_src_gen.pdbx_host_org_ncbi_taxonomy_id     ? 
_entity_src_gen.host_org_genus                     ? 
_entity_src_gen.pdbx_host_org_gene                 ? 
_entity_src_gen.pdbx_host_org_organ                ? 
_entity_src_gen.host_org_species                   ? 
_entity_src_gen.pdbx_host_org_tissue               ? 
_entity_src_gen.pdbx_host_org_tissue_fraction      ? 
_entity_src_gen.pdbx_host_org_strain               ? 
_entity_src_gen.pdbx_host_org_variant              ? 
_entity_src_gen.pdbx_host_org_cell_line            ? 
_entity_src_gen.pdbx_host_org_atcc                 ? 
_entity_src_gen.pdbx_host_org_culture_collection   ? 
_entity_src_gen.pdbx_host_org_cell                 ? 
_entity_src_gen.pdbx_host_org_organelle            ? 
_entity_src_gen.pdbx_host_org_cellular_location    ? 
_entity_src_gen.pdbx_host_org_vector_type          ? 
_entity_src_gen.pdbx_host_org_vector               ? 
_entity_src_gen.host_org_details                   ? 
_entity_src_gen.expression_system_id               ? 
_entity_src_gen.plasmid_name                       ? 
_entity_src_gen.plasmid_details                    ? 
_entity_src_gen.pdbx_description                   ? 
# 
loop_
_chem_comp.id 
_chem_comp.type 
_chem_comp.mon_nstd_flag 
_chem_comp.name 
_chem_comp.pdbx_synonyms 
_chem_comp.formula 
_chem_comp.formula_weight 
ALA 'L-peptide linking' y ALANINE                                                                                    ? 
'C3 H7 N O2'     89.093  
ARG 'L-peptide linking' y ARGININE                                                                                   ? 
'C6 H15 N4 O2 1' 175.209 
ASN 'L-peptide linking' y ASPARAGINE                                                                                 ? 
'C4 H8 N2 O3'    132.118 
ASP 'L-peptide linking' y 'ASPARTIC ACID'                                                                            ? 
'C4 H7 N O4'     133.103 
CYS 'L-peptide linking' y CYSTEINE                                                                                   ? 
'C3 H7 N O2 S'   121.158 
GLN 'L-peptide linking' y GLUTAMINE                                                                                  ? 
'C5 H10 N2 O3'   146.144 
GLU 'L-peptide linking' y 'GLUTAMIC ACID'                                                                            ? 
'C5 H9 N O4'     147.129 
GLY 'peptide linking'   y GLYCINE                                                                                    ? 
'C2 H5 N O2'     75.067  
HIS 'L-peptide linking' y HISTIDINE                                                                                  ? 
'C6 H10 N3 O2 1' 156.162 
HOH non-polymer         . WATER                                                                                      ? 'H2 O' 
18.015  
ILE 'L-peptide linking' y ISOLEUCINE                                                                                 ? 
'C6 H13 N O2'    131.173 
LEU 'L-peptide linking' y LEUCINE                                                                                    ? 
'C6 H13 N O2'    131.173 
LYS 'L-peptide linking' y LYSINE                                                                                     ? 
'C6 H15 N2 O2 1' 147.195 
MET 'L-peptide linking' y METHIONINE                                                                                 ? 
'C5 H11 N O2 S'  149.211 
PHE 'L-peptide linking' y PHENYLALANINE                                                                              ? 
'C9 H11 N O2'    165.189 
PRO 'L-peptide linking' y PROLINE                                                                                    ? 
'C5 H9 N O2'     115.130 
SBX non-polymer         . '1-CYCLOHEXYL-3-PHENYL-1-PROPYL-1-(3,3-DIMETHYL-1,2-DIOXYPENTYL)-2-PIPERIDINE CARBOXYLATE' ? 
'C28 H41 N O4'   455.629 
SER 'L-peptide linking' y SERINE                                                                                     ? 
'C3 H7 N O3'     105.093 
THR 'L-peptide linking' y THREONINE                                                                                  ? 
'C4 H9 N O3'     119.119 
TRP 'L-peptide linking' y TRYPTOPHAN                                                                                 ? 
'C11 H12 N2 O2'  204.225 
TYR 'L-peptide linking' y TYROSINE                                                                                   ? 
'C9 H11 N O3'    181.189 
VAL 'L-peptide linking' y VALINE                                                                                     ? 
'C5 H11 N O2'    117.146 
# 
loop_
_pdbx_poly_seq_scheme.asym_id 
_pdbx_poly_seq_scheme.entity_id 
_pdbx_poly_seq_scheme.seq_id 
_pdbx_poly_seq_scheme.mon_id 
_pdbx_poly_seq_scheme.ndb_seq_num 
_pdbx_poly_seq_scheme.pdb_seq_num 
_pdbx_poly_seq_scheme.auth_seq_num 
_pdbx_poly_seq_scheme.pdb_mon_id 
_pdbx_poly_seq_scheme.auth_mon_id 
_pdbx_poly_seq_scheme.pdb_strand_id 
_pdbx_poly_seq_scheme.pdb_ins_code 
_pdbx_poly_seq_scheme.hetero 
A 1 1   GLY 1   1   1   GLY GLY A . n 
A 1 2   VAL 2   2   2   VAL VAL A . n 
A 1 3   GLN 3   3   3   GLN GLN A . n 
A 1 4   VAL 4   4   4   VAL VAL A . n 
A 1 5   GLU 5   5   5   GLU GLU A . n 
A 1 6   THR 6   6   6   THR THR A . n 
A 1 7   ILE 7   7   7   ILE ILE A . n 
A 1 8   SER 8   8   8   SER SER A . n 
A 1 9   PRO 9   9   9   PRO PRO A . n 
A 1 10  GLY 10  10  10  GLY GLY A . n 
A 1 11  ASP 11  11  11  ASP ASP A . n 
A 1 12  GLY 12  12  12  GLY GLY A . n 
A 1 13  ARG 13  13  13  ARG ARG A . n 
A 1 14  THR 14  14  14  THR THR A . n 
A 1 15  PHE 15  15  15  PHE PHE A . n 
A 1 16  PRO 16  16  16  PRO PRO A . n 
A 1 17  LYS 17  17  17  LYS LYS A . n 
A 1 18  ARG 18  18  18  ARG ARG A . n 
A 1 19  GLY 19  19  19  GLY GLY A . n 
A 1 20  GLN 20  20  20  GLN GLN A . n 
A 1 21  THR 21  21  21  THR THR A . n 
A 1 22  CYS 22  22  22  CYS CYS A . n 
A 1 23  VAL 23  23  23  VAL VAL A . n 
A 1 24  VAL 24  24  24  VAL VAL A . n 
A 1 25  HIS 25  25  25  HIS HIS A . n 
A 1 26  TYR 26  26  26  TYR TYR A . n 
A 1 27  THR 27  27  27  THR THR A . n 
A 1 28  GLY 28  28  28  GLY GLY A . n 
A 1 29  MET 29  29  29  MET MET A . n 
A 1 30  LEU 30  30  30  LEU LEU A . n 
A 1 31  GLU 31  31  31  GLU GLU A . n 
A 1 32  ASP 32  32  32  ASP ASP A . n 
A 1 33  GLY 33  33  33  GLY GLY A . n 
A 1 34  LYS 34  34  34  LYS LYS A . n 
A 1 35  LYS 35  35  35  LYS LYS A . n 
A 1 36  PHE 36  36  36  PHE PHE A . n 
A 1 37  ASP 37  37  37  ASP ASP A . n 
A 1 38  SER 38  38  38  SER SER A . n 
A 1 39  SER 39  39  39  SER SER A . n 
A 1 40  ARG 40  40  40  ARG ARG A . n 
A 1 41  ASP 41  41  41  ASP ASP A . n 
A 1 42  ARG 42  42  42  ARG ARG A . n 
A 1 43  ASN 43  43  43  ASN ASN A . n 
A 1 44  LYS 44  44  44  LYS LYS A . n 
A 1 45  PRO 45  45  45  PRO PRO A . n 
A 1 46  PHE 46  46  46  PHE PHE A . n 
A 1 47  LYS 47  47  47  LYS LYS A . n 
A 1 48  PHE 48  48  48  PHE PHE A . n 
A 1 49  MET 49  49  49  MET MET A . n 
A 1 50  LEU 50  50  50  LEU LEU A . n 
A 1 51  GLY 51  51  51  GLY GLY A . n 
A 1 52  LYS 52  52  52  LYS LYS A . n 
A 1 53  GLN 53  53  53  GLN GLN A . n 
A 1 54  GLU 54  54  54  GLU GLU A . n 
A 1 55  VAL 55  55  55  VAL VAL A . n 
A 1 56  ILE 56  56  56  ILE ILE A . n 
A 1 57  ARG 57  57  57  ARG ARG A . n 
A 1 58  GLY 58  58  58  GLY GLY A . n 
A 1 59  TRP 59  59  59  TRP TRP A . n 
A 1 60  GLU 60  60  60  GLU GLU A . n 
A 1 61  GLU 61  61  61  GLU GLU A . n 
A 1 62  GLY 62  62  62  GLY GLY A . n 
A 1 63  VAL 63  63  63  VAL VAL A . n 
A 1 64  ALA 64  64  64  ALA ALA A . n 
A 1 65  GLN 65  65  65  GLN GLN A . n 
A 1 66  MET 66  66  66  MET MET A . n 
A 1 67  SER 67  67  67  SER SER A . n 
A 1 68  VAL 68  68  68  VAL VAL A . n 
A 1 69  GLY 69  69  69  GLY GLY A . n 
A 1 70  GLN 70  70  70  GLN GLN A . n 
A 1 71  ARG 71  71  71  ARG ARG A . n 
A 1 72  ALA 72  72  72  ALA ALA A . n 
A 1 73  LYS 73  73  73  LYS LYS A . n 
A 1 74  LEU 74  74  74  LEU LEU A . n 
A 1 75  THR 75  75  75  THR THR A . n 
A 1 76  ILE 76  76  76  ILE ILE A . n 
A 1 77  SER 77  77  77  SER SER A . n 
A 1 78  PRO 78  78  78  PRO PRO A . n 
A 1 79  ASP 79  79  79  ASP ASP A . n 
A 1 80  TYR 80  80  80  TYR TYR A . n 
A 1 81  ALA 81  81  81  ALA ALA A . n 
A 1 82  TYR 82  82  82  TYR TYR A . n 
A 1 83  GLY 83  83  83  GLY GLY A . n 
A 1 84  ALA 84  84  84  ALA ALA A . n 
A 1 85  THR 85  85  85  THR THR A . n 
A 1 86  GLY 86  86  86  GLY GLY A . n 
A 1 87  HIS 87  87  87  HIS HIS A . n 
A 1 88  PRO 88  88  88  PRO PRO A . n 
A 1 89  GLY 89  89  89  GLY GLY A . n 
A 1 90  ILE 90  90  90  ILE ILE A . n 
A 1 91  ILE 91  91  91  ILE ILE A . n 
A 1 92  PRO 92  92  92  PRO PRO A . n 
A 1 93  PRO 93  93  93  PRO PRO A . n 
A 1 94  HIS 94  94  94  HIS HIS A . n 
A 1 95  ALA 95  95  95  ALA ALA A . n 
A 1 96  THR 96  96  96  THR THR A . n 
A 1 97  LEU 97  97  97  LEU LEU A . n 
A 1 98  VAL 98  98  98  VAL VAL A . n 
A 1 99  PHE 99  99  99  PHE PHE A . n 
A 1 100 ASP 100 100 100 ASP ASP A . n 
A 1 101 VAL 101 101 101 VAL VAL A . n 
A 1 102 GLU 102 102 102 GLU GLU A . n 
A 1 103 LEU 103 103 103 LEU LEU A . n 
A 1 104 LEU 104 104 104 LEU LEU A . n 
A 1 105 LYS 105 105 105 LYS LYS A . n 
A 1 106 LEU 106 106 106 LEU LEU A . n 
A 1 107 GLU 107 107 107 GLU GLU A . n 
# 
loop_
_pdbx_nonpoly_scheme.asym_id 
_pdbx_nonpoly_scheme.entity_id 
_pdbx_nonpoly_scheme.mon_id 
_pdbx_nonpoly_scheme.ndb_seq_num 
_pdbx_nonpoly_scheme.pdb_seq_num 
_pdbx_nonpoly_scheme.auth_seq_num 
_pdbx_nonpoly_scheme.pdb_mon_id 
_pdbx_nonpoly_scheme.auth_mon_id 
_pdbx_nonpoly_scheme.pdb_strand_id 
_pdbx_nonpoly_scheme.pdb_ins_code 
B 2 SBX 1   108 108 SBX SBX A . 
C 3 HOH 1   109 109 HOH HOH A . 
C 3 HOH 2   110 110 HOH HOH A . 
C 3 HOH 3   111 111 HOH HOH A . 
C 3 HOH 4   112 112 HOH HOH A . 
C 3 HOH 5   113 113 HOH HOH A . 
C 3 HOH 6   114 114 HOH HOH A . 
C 3 HOH 7   115 115 HOH HOH A . 
C 3 HOH 8   116 116 HOH HOH A . 
C 3 HOH 9   117 117 HOH HOH A . 
C 3 HOH 10  118 118 HOH HOH A . 
C 3 HOH 11  119 119 HOH HOH A . 
C 3 HOH 12  120 120 HOH HOH A . 
C 3 HOH 13  121 121 HOH HOH A . 
C 3 HOH 14  122 122 HOH HOH A . 
C 3 HOH 15  123 123 HOH HOH A . 
C 3 HOH 16  124 124 HOH HOH A . 
C 3 HOH 17  125 125 HOH HOH A . 
C 3 HOH 18  126 126 HOH HOH A . 
C 3 HOH 19  127 127 HOH HOH A . 
C 3 HOH 20  128 128 HOH HOH A . 
C 3 HOH 21  129 129 HOH HOH A . 
C 3 HOH 22  130 130 HOH HOH A . 
C 3 HOH 23  131 131 HOH HOH A . 
C 3 HOH 24  132 132 HOH HOH A . 
C 3 HOH 25  133 133 HOH HOH A . 
C 3 HOH 26  134 134 HOH HOH A . 
C 3 HOH 27  135 135 HOH HOH A . 
C 3 HOH 28  136 136 HOH HOH A . 
C 3 HOH 29  137 137 HOH HOH A . 
C 3 HOH 30  138 138 HOH HOH A . 
C 3 HOH 31  139 139 HOH HOH A . 
C 3 HOH 32  140 140 HOH HOH A . 
C 3 HOH 33  141 141 HOH HOH A . 
C 3 HOH 34  142 142 HOH HOH A . 
C 3 HOH 35  143 143 HOH HOH A . 
C 3 HOH 36  144 144 HOH HOH A . 
C 3 HOH 37  145 145 HOH HOH A . 
C 3 HOH 38  146 146 HOH HOH A . 
C 3 HOH 39  147 147 HOH HOH A . 
C 3 HOH 40  148 148 HOH HOH A . 
C 3 HOH 41  149 149 HOH HOH A . 
C 3 HOH 42  150 150 HOH HOH A . 
C 3 HOH 43  151 151 HOH HOH A . 
C 3 HOH 44  152 152 HOH HOH A . 
C 3 HOH 45  153 153 HOH HOH A . 
C 3 HOH 46  154 154 HOH HOH A . 
C 3 HOH 47  155 155 HOH HOH A . 
C 3 HOH 48  156 156 HOH HOH A . 
C 3 HOH 49  157 157 HOH HOH A . 
C 3 HOH 50  158 158 HOH HOH A . 
C 3 HOH 51  159 159 HOH HOH A . 
C 3 HOH 52  160 160 HOH HOH A . 
C 3 HOH 53  161 161 HOH HOH A . 
C 3 HOH 54  162 162 HOH HOH A . 
C 3 HOH 55  163 163 HOH HOH A . 
C 3 HOH 56  164 164 HOH HOH A . 
C 3 HOH 57  165 165 HOH HOH A . 
C 3 HOH 58  166 166 HOH HOH A . 
C 3 HOH 59  167 167 HOH HOH A . 
C 3 HOH 60  168 168 HOH HOH A . 
C 3 HOH 61  169 169 HOH HOH A . 
C 3 HOH 62  170 170 HOH HOH A . 
C 3 HOH 63  171 171 HOH HOH A . 
C 3 HOH 64  172 172 HOH HOH A . 
C 3 HOH 65  173 173 HOH HOH A . 
C 3 HOH 66  174 174 HOH HOH A . 
C 3 HOH 67  175 175 HOH HOH A . 
C 3 HOH 68  176 176 HOH HOH A . 
C 3 HOH 69  177 177 HOH HOH A . 
C 3 HOH 70  178 178 HOH HOH A . 
C 3 HOH 71  179 179 HOH HOH A . 
C 3 HOH 72  180 180 HOH HOH A . 
C 3 HOH 73  181 181 HOH HOH A . 
C 3 HOH 74  182 182 HOH HOH A . 
C 3 HOH 75  183 183 HOH HOH A . 
C 3 HOH 76  184 184 HOH HOH A . 
C 3 HOH 77  185 185 HOH HOH A . 
C 3 HOH 78  186 186 HOH HOH A . 
C 3 HOH 79  187 187 HOH HOH A . 
C 3 HOH 80  188 188 HOH HOH A . 
C 3 HOH 81  189 189 HOH HOH A . 
C 3 HOH 82  190 190 HOH HOH A . 
C 3 HOH 83  191 191 HOH HOH A . 
C 3 HOH 84  192 192 HOH HOH A . 
C 3 HOH 85  193 193 HOH HOH A . 
C 3 HOH 86  194 194 HOH HOH A . 
C 3 HOH 87  195 195 HOH HOH A . 
C 3 HOH 88  196 196 HOH HOH A . 
C 3 HOH 89  197 197 HOH HOH A . 
C 3 HOH 90  198 198 HOH HOH A . 
C 3 HOH 91  199 199 HOH HOH A . 
C 3 HOH 92  200 200 HOH HOH A . 
C 3 HOH 93  201 201 HOH HOH A . 
C 3 HOH 94  202 202 HOH HOH A . 
C 3 HOH 95  203 203 HOH HOH A . 
C 3 HOH 96  204 204 HOH HOH A . 
C 3 HOH 97  205 205 HOH HOH A . 
C 3 HOH 98  206 206 HOH HOH A . 
C 3 HOH 99  207 207 HOH HOH A . 
C 3 HOH 100 208 208 HOH HOH A . 
C 3 HOH 101 209 209 HOH HOH A . 
C 3 HOH 102 210 210 HOH HOH A . 
C 3 HOH 103 211 211 HOH HOH A . 
C 3 HOH 104 212 212 HOH HOH A . 
C 3 HOH 105 213 213 HOH HOH A . 
C 3 HOH 106 214 214 HOH HOH A . 
C 3 HOH 107 215 215 HOH HOH A . 
C 3 HOH 108 216 216 HOH HOH A . 
C 3 HOH 109 217 217 HOH HOH A . 
C 3 HOH 110 218 218 HOH HOH A . 
C 3 HOH 111 219 219 HOH HOH A . 
C 3 HOH 112 220 220 HOH HOH A . 
C 3 HOH 113 221 221 HOH HOH A . 
C 3 HOH 114 222 222 HOH HOH A . 
C 3 HOH 115 223 223 HOH HOH A . 
C 3 HOH 116 224 224 HOH HOH A . 
C 3 HOH 117 225 225 HOH HOH A . 
# 
loop_
_software.name 
_software.classification 
_software.version 
_software.citation_id 
_software.pdbx_ordinal 
X-PLOR 'model building' . ? 1 
X-PLOR refinement       . ? 2 
X-PLOR phasing          . ? 3 
# 
_cell.entry_id           1FKH 
_cell.length_a           31.450 
_cell.length_b           43.380 
_cell.length_c           77.070 
_cell.angle_alpha        90.00 
_cell.angle_beta         90.00 
_cell.angle_gamma        90.00 
_cell.Z_PDB              4 
_cell.pdbx_unique_axis   ? 
# 
_symmetry.entry_id                         1FKH 
_symmetry.space_group_name_H-M             'P 21 21 21' 
_symmetry.pdbx_full_space_group_name_H-M   ? 
_symmetry.cell_setting                     ? 
_symmetry.Int_Tables_number                19 
# 
_exptl.entry_id          1FKH 
_exptl.method            'X-RAY DIFFRACTION' 
_exptl.crystals_number   ? 
# 
_exptl_crystal.id                    1 
_exptl_crystal.density_meas          ? 
_exptl_crystal.density_Matthews      2.22 
_exptl_crystal.density_percent_sol   44.58 
_exptl_crystal.description           ? 
# 
_diffrn.id                     1 
_diffrn.ambient_temp           ? 
_diffrn.ambient_temp_details   ? 
_diffrn.crystal_id             1 
# 
_diffrn_radiation.diffrn_id                        1 
_diffrn_radiation.wavelength_id                    1 
_diffrn_radiation.pdbx_monochromatic_or_laue_m_l   ? 
_diffrn_radiation.monochromator                    ? 
_diffrn_radiation.pdbx_diffrn_protocol             ? 
_diffrn_radiation.pdbx_scattering_type             x-ray 
# 
_diffrn_radiation_wavelength.id           1 
_diffrn_radiation_wavelength.wavelength   . 
_diffrn_radiation_wavelength.wt           1.0 
# 
_refine.entry_id                                 1FKH 
_refine.ls_number_reflns_obs                     ? 
_refine.ls_number_reflns_all                     ? 
_refine.pdbx_ls_sigma_I                          ? 
_refine.pdbx_ls_sigma_F                          ? 
_refine.pdbx_data_cutoff_high_absF               ? 
_refine.pdbx_data_cutoff_low_absF                ? 
_refine.pdbx_data_cutoff_high_rms_absF           ? 
_refine.ls_d_res_low                             10.0 
_refine.ls_d_res_high                            1.95 
_refine.ls_percent_reflns_obs                    ? 
_refine.ls_R_factor_obs                          0.1610000 
_refine.ls_R_factor_all                          ? 
_refine.ls_R_factor_R_work                       0.1610000 
_refine.ls_R_factor_R_free                       ? 
_refine.ls_R_factor_R_free_error                 ? 
_refine.ls_R_factor_R_free_error_details         ? 
_refine.ls_percent_reflns_R_free                 ? 
_refine.ls_number_reflns_R_free                  ? 
_refine.ls_number_parameters                     ? 
_refine.ls_number_restraints                     ? 
_refine.occupancy_min                            ? 
_refine.occupancy_max                            ? 
_refine.B_iso_mean                               ? 
_refine.aniso_B[1][1]                            ? 
_refine.aniso_B[2][2]                            ? 
_refine.aniso_B[3][3]                            ? 
_refine.aniso_B[1][2]                            ? 
_refine.aniso_B[1][3]                            ? 
_refine.aniso_B[2][3]                            ? 
_refine.solvent_model_details                    ? 
_refine.solvent_model_param_ksol                 ? 
_refine.solvent_model_param_bsol                 ? 
_refine.pdbx_ls_cross_valid_method               ? 
_refine.details                                  ? 
_refine.pdbx_starting_model                      ? 
_refine.pdbx_method_to_determine_struct          ? 
_refine.pdbx_isotropic_thermal_model             ? 
_refine.pdbx_stereochemistry_target_values       ? 
_refine.pdbx_stereochem_target_val_spec_case     ? 
_refine.pdbx_R_Free_selection_details            ? 
_refine.pdbx_overall_ESU_R                       ? 
_refine.pdbx_overall_ESU_R_Free                  ? 
_refine.overall_SU_ML                            ? 
_refine.overall_SU_B                             ? 
_refine.pdbx_refine_id                           'X-RAY DIFFRACTION' 
_refine.pdbx_diffrn_id                           1 
_refine.pdbx_TLS_residual_ADP_flag               ? 
_refine.correlation_coeff_Fo_to_Fc               ? 
_refine.correlation_coeff_Fo_to_Fc_free          ? 
_refine.pdbx_solvent_vdw_probe_radii             ? 
_refine.pdbx_solvent_ion_probe_radii             ? 
_refine.pdbx_solvent_shrinkage_radii             ? 
_refine.pdbx_overall_phase_error                 ? 
_refine.overall_SU_R_Cruickshank_DPI             ? 
_refine.pdbx_overall_SU_R_free_Cruickshank_DPI   ? 
_refine.pdbx_overall_SU_R_Blow_DPI               ? 
_refine.pdbx_overall_SU_R_free_Blow_DPI          ? 
# 
_refine_hist.pdbx_refine_id                   'X-RAY DIFFRACTION' 
_refine_hist.cycle_id                         LAST 
_refine_hist.pdbx_number_atoms_protein        1022 
_refine_hist.pdbx_number_atoms_nucleic_acid   0 
_refine_hist.pdbx_number_atoms_ligand         33 
_refine_hist.number_atoms_solvent             351 
_refine_hist.number_atoms_total               1406 
_refine_hist.d_res_high                       1.95 
_refine_hist.d_res_low                        10.0 
# 
loop_
_refine_ls_restr.type 
_refine_ls_restr.dev_ideal 
_refine_ls_restr.dev_ideal_target 
_refine_ls_restr.weight 
_refine_ls_restr.number 
_refine_ls_restr.pdbx_refine_id 
_refine_ls_restr.pdbx_restraint_function 
x_bond_d                0.014 ? ? ? 'X-RAY DIFFRACTION' ? 
x_bond_d_na             ?     ? ? ? 'X-RAY DIFFRACTION' ? 
x_bond_d_prot           ?     ? ? ? 'X-RAY DIFFRACTION' ? 
x_angle_d               ?     ? ? ? 'X-RAY DIFFRACTION' ? 
x_angle_d_na            ?     ? ? ? 'X-RAY DIFFRACTION' ? 
x_angle_d_prot          ?     ? ? ? 'X-RAY DIFFRACTION' ? 
x_angle_deg             3.0   ? ? ? 'X-RAY DIFFRACTION' ? 
x_angle_deg_na          ?     ? ? ? 'X-RAY DIFFRACTION' ? 
x_angle_deg_prot        ?     ? ? ? 'X-RAY DIFFRACTION' ? 
x_dihedral_angle_d      ?     ? ? ? 'X-RAY DIFFRACTION' ? 
x_dihedral_angle_d_na   ?     ? ? ? 'X-RAY DIFFRACTION' ? 
x_dihedral_angle_d_prot ?     ? ? ? 'X-RAY DIFFRACTION' ? 
x_improper_angle_d      ?     ? ? ? 'X-RAY DIFFRACTION' ? 
x_improper_angle_d_na   ?     ? ? ? 'X-RAY DIFFRACTION' ? 
x_improper_angle_d_prot ?     ? ? ? 'X-RAY DIFFRACTION' ? 
x_mcbond_it             ?     ? ? ? 'X-RAY DIFFRACTION' ? 
x_mcangle_it            ?     ? ? ? 'X-RAY DIFFRACTION' ? 
x_scbond_it             ?     ? ? ? 'X-RAY DIFFRACTION' ? 
x_scangle_it            ?     ? ? ? 'X-RAY DIFFRACTION' ? 
# 
_struct.entry_id                  1FKH 
_struct.title                     
;DESIGN, SYNTHESIS, AND KINETIC EVALUATION OF HIGH-AFFINITY FKBP LIGANDS, AND THE X-RAY CRYSTAL STRUCTURES OF THEIR COMPLEXES WITH FKBP12
;
_struct.pdbx_model_details        ? 
_struct.pdbx_CASP_flag            ? 
_struct.pdbx_model_type_details   ? 
# 
_struct_keywords.entry_id        1FKH 
_struct_keywords.pdbx_keywords   'CIS-TRANS ISOMERASE' 
_struct_keywords.text            'CIS-TRANS ISOMERASE' 
# 
loop_
_struct_asym.id 
_struct_asym.pdbx_blank_PDB_chainid_flag 
_struct_asym.pdbx_modified 
_struct_asym.entity_id 
_struct_asym.details 
A N N 1 ? 
B N N 2 ? 
C N N 3 ? 
# 
_struct_ref.id                         1 
_struct_ref.db_name                    UNP 
_struct_ref.db_code                    FKB1A_HUMAN 
_struct_ref.entity_id                  1 
_struct_ref.pdbx_db_accession          P62942 
_struct_ref.pdbx_align_begin           1 
_struct_ref.pdbx_seq_one_letter_code   
;GVQVETISPGDGRTFPKRGQTCVVHYTGMLEDGKKFDSSRDRNKPFKFMLGKQEVIRGWEEGVAQMSVGQRAKLTISPDY
AYGATGHPGIIPPHATLVFDVELLKLE
;
_struct_ref.pdbx_db_isoform            ? 
# 
_struct_ref_seq.align_id                      1 
_struct_ref_seq.ref_id                        1 
_struct_ref_seq.pdbx_PDB_id_code              1FKH 
_struct_ref_seq.pdbx_strand_id                A 
_struct_ref_seq.seq_align_beg                 1 
_struct_ref_seq.pdbx_seq_align_beg_ins_code   ? 
_struct_ref_seq.seq_align_end                 107 
_struct_ref_seq.pdbx_seq_align_end_ins_code   ? 
_struct_ref_seq.pdbx_db_accession             P62942 
_struct_ref_seq.db_align_beg                  1 
_struct_ref_seq.pdbx_db_align_beg_ins_code    ? 
_struct_ref_seq.db_align_end                  107 
_struct_ref_seq.pdbx_db_align_end_ins_code    ? 
_struct_ref_seq.pdbx_auth_seq_align_beg       1 
_struct_ref_seq.pdbx_auth_seq_align_end       107 
# 
_pdbx_struct_assembly.id                   1 
_pdbx_struct_assembly.details              author_defined_assembly 
_pdbx_struct_assembly.method_details       ? 
_pdbx_struct_assembly.oligomeric_details   monomeric 
_pdbx_struct_assembly.oligomeric_count     1 
# 
_pdbx_struct_assembly_gen.assembly_id       1 
_pdbx_struct_assembly_gen.oper_expression   1 
_pdbx_struct_assembly_gen.asym_id_list      A,B,C 
# 
_pdbx_struct_oper_list.id                   1 
_pdbx_struct_oper_list.type                 'identity operation' 
_pdbx_struct_oper_list.name                 1_555 
_pdbx_struct_oper_list.symmetry_operation   x,y,z 
_pdbx_struct_oper_list.matrix[1][1]         1.0000000000 
_pdbx_struct_oper_list.matrix[1][2]         0.0000000000 
_pdbx_struct_oper_list.matrix[1][3]         0.0000000000 
_pdbx_struct_oper_list.vector[1]            0.0000000000 
_pdbx_struct_oper_list.matrix[2][1]         0.0000000000 
_pdbx_struct_oper_list.matrix[2][2]         1.0000000000 
_pdbx_struct_oper_list.matrix[2][3]         0.0000000000 
_pdbx_struct_oper_list.vector[2]            0.0000000000 
_pdbx_struct_oper_list.matrix[3][1]         0.0000000000 
_pdbx_struct_oper_list.matrix[3][2]         0.0000000000 
_pdbx_struct_oper_list.matrix[3][3]         1.0000000000 
_pdbx_struct_oper_list.vector[3]            0.0000000000 
# 
_struct_biol.id   1 
# 
_struct_conf.conf_type_id            HELX_P 
_struct_conf.id                      HELX_P1 
_struct_conf.pdbx_PDB_helix_id       A 
_struct_conf.beg_label_comp_id       ARG 
_struct_conf.beg_label_asym_id       A 
_struct_conf.beg_label_seq_id        57 
_struct_conf.pdbx_beg_PDB_ins_code   ? 
_struct_conf.end_label_comp_id       VAL 
_struct_conf.end_label_asym_id       A 
_struct_conf.end_label_seq_id        63 
_struct_conf.pdbx_end_PDB_ins_code   ? 
_struct_conf.beg_auth_comp_id        ARG 
_struct_conf.beg_auth_asym_id        A 
_struct_conf.beg_auth_seq_id         57 
_struct_conf.end_auth_comp_id        VAL 
_struct_conf.end_auth_asym_id        A 
_struct_conf.end_auth_seq_id         63 
_struct_conf.pdbx_PDB_helix_class    1 
_struct_conf.details                 ? 
_struct_conf.pdbx_PDB_helix_length   7 
# 
_struct_conf_type.id          HELX_P 
_struct_conf_type.criteria    ? 
_struct_conf_type.reference   ? 
# 
loop_
_struct_sheet.id 
_struct_sheet.type 
_struct_sheet.number_strands 
_struct_sheet.details 
A1 ? 5 ? 
A2 ? 5 ? 
# 
loop_
_struct_sheet_order.sheet_id 
_struct_sheet_order.range_id_1 
_struct_sheet_order.range_id_2 
_struct_sheet_order.offset 
_struct_sheet_order.sense 
A1 1 2 ? anti-parallel 
A1 2 3 ? anti-parallel 
A1 3 4 ? anti-parallel 
A1 4 5 ? anti-parallel 
A2 1 2 ? anti-parallel 
A2 2 3 ? anti-parallel 
A2 3 4 ? anti-parallel 
A2 4 5 ? anti-parallel 
# 
loop_
_struct_sheet_range.sheet_id 
_struct_sheet_range.id 
_struct_sheet_range.beg_label_comp_id 
_struct_sheet_range.beg_label_asym_id 
_struct_sheet_range.beg_label_seq_id 
_struct_sheet_range.pdbx_beg_PDB_ins_code 
_struct_sheet_range.end_label_comp_id 
_struct_sheet_range.end_label_asym_id 
_struct_sheet_range.end_label_seq_id 
_struct_sheet_range.pdbx_end_PDB_ins_code 
_struct_sheet_range.beg_auth_comp_id 
_struct_sheet_range.beg_auth_asym_id 
_struct_sheet_range.beg_auth_seq_id 
_struct_sheet_range.end_auth_comp_id 
_struct_sheet_range.end_auth_asym_id 
_struct_sheet_range.end_auth_seq_id 
A1 1 VAL A 2  ? SER A 8   ? VAL A 2  SER A 8   
A1 2 ARG A 71 ? ILE A 76  ? ARG A 71 ILE A 76  
A1 3 LEU A 97 ? LEU A 106 ? LEU A 97 LEU A 106 
A1 4 THR A 21 ? LEU A 30  ? THR A 21 LEU A 30  
A1 5 LYS A 35 ? SER A 38  ? LYS A 35 SER A 38  
A2 1 VAL A 2  ? SER A 8   ? VAL A 2  SER A 8   
A2 2 ARG A 71 ? ILE A 76  ? ARG A 71 ILE A 76  
A2 3 LEU A 97 ? LEU A 106 ? LEU A 97 LEU A 106 
A2 4 THR A 21 ? LEU A 30  ? THR A 21 LEU A 30  
A2 5 PHE A 46 ? MET A 49  ? PHE A 46 MET A 49  
# 
loop_
_pdbx_struct_sheet_hbond.sheet_id 
_pdbx_struct_sheet_hbond.range_id_1 
_pdbx_struct_sheet_hbond.range_id_2 
_pdbx_struct_sheet_hbond.range_1_label_atom_id 
_pdbx_struct_sheet_hbond.range_1_label_comp_id 
_pdbx_struct_sheet_hbond.range_1_label_asym_id 
_pdbx_struct_sheet_hbond.range_1_label_seq_id 
_pdbx_struct_sheet_hbond.range_1_PDB_ins_code 
_pdbx_struct_sheet_hbond.range_1_auth_atom_id 
_pdbx_struct_sheet_hbond.range_1_auth_comp_id 
_pdbx_struct_sheet_hbond.range_1_auth_asym_id 
_pdbx_struct_sheet_hbond.range_1_auth_seq_id 
_pdbx_struct_sheet_hbond.range_2_label_atom_id 
_pdbx_struct_sheet_hbond.range_2_label_comp_id 
_pdbx_struct_sheet_hbond.range_2_label_asym_id 
_pdbx_struct_sheet_hbond.range_2_label_seq_id 
_pdbx_struct_sheet_hbond.range_2_PDB_ins_code 
_pdbx_struct_sheet_hbond.range_2_auth_atom_id 
_pdbx_struct_sheet_hbond.range_2_auth_comp_id 
_pdbx_struct_sheet_hbond.range_2_auth_asym_id 
_pdbx_struct_sheet_hbond.range_2_auth_seq_id 
A1 1 2 N GLN A 3   ? N GLN A 3   O THR A 75 ? O THR A 75 
A1 2 3 O ILE A 76  ? O ILE A 76  N LEU A 97 ? N LEU A 97 
A1 3 4 O LYS A 105 ? O LYS A 105 N VAL A 23 ? N VAL A 23 
A1 4 5 O GLY A 28  ? O GLY A 28  N PHE A 36 ? N PHE A 36 
A2 1 2 N GLN A 3   ? N GLN A 3   O THR A 75 ? O THR A 75 
A2 2 3 O ILE A 76  ? O ILE A 76  N LEU A 97 ? N LEU A 97 
A2 3 4 O LYS A 105 ? O LYS A 105 N VAL A 23 ? N VAL A 23 
A2 4 5 O VAL A 24  ? O VAL A 24  N PHE A 46 ? N PHE A 46 
# 
loop_
_struct_site.id 
_struct_site.pdbx_evidence_code 
_struct_site.pdbx_auth_asym_id 
_struct_site.pdbx_auth_comp_id 
_struct_site.pdbx_auth_seq_id 
_struct_site.pdbx_auth_ins_code 
_struct_site.pdbx_num_residues 
_struct_site.details 
BP  Unknown  ? ?   ?   ? 6  ?                                    
AC1 Software A SBX 108 ? 17 'BINDING SITE FOR RESIDUE SBX A 108' 
# 
loop_
_struct_site_gen.id 
_struct_site_gen.site_id 
_struct_site_gen.pdbx_num_res 
_struct_site_gen.label_comp_id 
_struct_site_gen.label_asym_id 
_struct_site_gen.label_seq_id 
_struct_site_gen.pdbx_auth_ins_code 
_struct_site_gen.auth_comp_id 
_struct_site_gen.auth_asym_id 
_struct_site_gen.auth_seq_id 
_struct_site_gen.label_atom_id 
_struct_site_gen.label_alt_id 
_struct_site_gen.symmetry 
_struct_site_gen.details 
1  BP  6  TYR A 26 ? TYR A 26  . ? 1_555 ? 
2  BP  6  PHE A 46 ? PHE A 46  . ? 1_555 ? 
3  BP  6  VAL A 55 ? VAL A 55  . ? 1_555 ? 
4  BP  6  ILE A 56 ? ILE A 56  . ? 1_555 ? 
5  BP  6  TRP A 59 ? TRP A 59  . ? 1_555 ? 
6  BP  6  PHE A 99 ? PHE A 99  . ? 1_555 ? 
7  AC1 17 ARG A 18 ? ARG A 18  . ? 4_466 ? 
8  AC1 17 TYR A 26 ? TYR A 26  . ? 1_555 ? 
9  AC1 17 PHE A 36 ? PHE A 36  . ? 1_555 ? 
10 AC1 17 ASP A 37 ? ASP A 37  . ? 1_555 ? 
11 AC1 17 LYS A 44 ? LYS A 44  . ? 4_566 ? 
12 AC1 17 GLY A 51 ? GLY A 51  . ? 4_466 ? 
13 AC1 17 LYS A 52 ? LYS A 52  . ? 4_466 ? 
14 AC1 17 GLU A 54 ? GLU A 54  . ? 1_555 ? 
15 AC1 17 VAL A 55 ? VAL A 55  . ? 1_555 ? 
16 AC1 17 ILE A 56 ? ILE A 56  . ? 1_555 ? 
17 AC1 17 TRP A 59 ? TRP A 59  . ? 1_555 ? 
18 AC1 17 TYR A 82 ? TYR A 82  . ? 1_555 ? 
19 AC1 17 HIS A 87 ? HIS A 87  . ? 1_555 ? 
20 AC1 17 PHE A 99 ? PHE A 99  . ? 1_555 ? 
21 AC1 17 HOH C .  ? HOH A 124 . ? 1_555 ? 
22 AC1 17 HOH C .  ? HOH A 163 . ? 1_555 ? 
23 AC1 17 HOH C .  ? HOH A 223 . ? 1_555 ? 
# 
loop_
_pdbx_validate_close_contact.id 
_pdbx_validate_close_contact.PDB_model_num 
_pdbx_validate_close_contact.auth_atom_id_1 
_pdbx_validate_close_contact.auth_asym_id_1 
_pdbx_validate_close_contact.auth_comp_id_1 
_pdbx_validate_close_contact.auth_seq_id_1 
_pdbx_validate_close_contact.PDB_ins_code_1 
_pdbx_validate_close_contact.label_alt_id_1 
_pdbx_validate_close_contact.auth_atom_id_2 
_pdbx_validate_close_contact.auth_asym_id_2 
_pdbx_validate_close_contact.auth_comp_id_2 
_pdbx_validate_close_contact.auth_seq_id_2 
_pdbx_validate_close_contact.PDB_ins_code_2 
_pdbx_validate_close_contact.label_alt_id_2 
_pdbx_validate_close_contact.dist 
1 1 O4   A SBX 108 ? ? O  A HOH 124 ? ? 0.62 
2 1 HH11 A ARG 42  ? ? H2 A HOH 148 ? ? 1.17 
3 1 HG1  A THR 75  ? ? H1 A HOH 119 ? ? 1.18 
4 1 O4   A SBX 108 ? ? H2 A HOH 124 ? ? 1.29 
5 1 O4   A SBX 108 ? ? H1 A HOH 124 ? ? 1.52 
6 1 C9   A SBX 108 ? ? O  A HOH 124 ? ? 1.82 
# 
loop_
_pdbx_validate_rmsd_bond.id 
_pdbx_validate_rmsd_bond.PDB_model_num 
_pdbx_validate_rmsd_bond.auth_atom_id_1 
_pdbx_validate_rmsd_bond.auth_asym_id_1 
_pdbx_validate_rmsd_bond.auth_comp_id_1 
_pdbx_validate_rmsd_bond.auth_seq_id_1 
_pdbx_validate_rmsd_bond.PDB_ins_code_1 
_pdbx_validate_rmsd_bond.label_alt_id_1 
_pdbx_validate_rmsd_bond.auth_atom_id_2 
_pdbx_validate_rmsd_bond.auth_asym_id_2 
_pdbx_validate_rmsd_bond.auth_comp_id_2 
_pdbx_validate_rmsd_bond.auth_seq_id_2 
_pdbx_validate_rmsd_bond.PDB_ins_code_2 
_pdbx_validate_rmsd_bond.label_alt_id_2 
_pdbx_validate_rmsd_bond.bond_value 
_pdbx_validate_rmsd_bond.bond_target_value 
_pdbx_validate_rmsd_bond.bond_deviation 
_pdbx_validate_rmsd_bond.bond_standard_deviation 
_pdbx_validate_rmsd_bond.linker_flag 
1 1 NE2 A HIS 87 ? ? CD2 A HIS 87 ? ? 1.303 1.373 -0.070 0.011 N 
2 1 NE2 A HIS 94 ? ? CD2 A HIS 94 ? ? 1.300 1.373 -0.073 0.011 N 
# 
loop_
_pdbx_validate_rmsd_angle.id 
_pdbx_validate_rmsd_angle.PDB_model_num 
_pdbx_validate_rmsd_angle.auth_atom_id_1 
_pdbx_validate_rmsd_angle.auth_asym_id_1 
_pdbx_validate_rmsd_angle.auth_comp_id_1 
_pdbx_validate_rmsd_angle.auth_seq_id_1 
_pdbx_validate_rmsd_angle.PDB_ins_code_1 
_pdbx_validate_rmsd_angle.label_alt_id_1 
_pdbx_validate_rmsd_angle.auth_atom_id_2 
_pdbx_validate_rmsd_angle.auth_asym_id_2 
_pdbx_validate_rmsd_angle.auth_comp_id_2 
_pdbx_validate_rmsd_angle.auth_seq_id_2 
_pdbx_validate_rmsd_angle.PDB_ins_code_2 
_pdbx_validate_rmsd_angle.label_alt_id_2 
_pdbx_validate_rmsd_angle.auth_atom_id_3 
_pdbx_validate_rmsd_angle.auth_asym_id_3 
_pdbx_validate_rmsd_angle.auth_comp_id_3 
_pdbx_validate_rmsd_angle.auth_seq_id_3 
_pdbx_validate_rmsd_angle.PDB_ins_code_3 
_pdbx_validate_rmsd_angle.label_alt_id_3 
_pdbx_validate_rmsd_angle.angle_value 
_pdbx_validate_rmsd_angle.angle_target_value 
_pdbx_validate_rmsd_angle.angle_deviation 
_pdbx_validate_rmsd_angle.angle_standard_deviation 
_pdbx_validate_rmsd_angle.linker_flag 
1 1 NE  A ARG 18 ? ? CZ  A ARG 18 ? ? NH2 A ARG 18 ? ? 116.75 120.30 -3.55 0.50 N 
2 1 CA  A LYS 34 ? ? CB  A LYS 34 ? ? CG  A LYS 34 ? ? 128.41 113.40 15.01 2.20 N 
3 1 NE  A ARG 40 ? ? CZ  A ARG 40 ? ? NH1 A ARG 40 ? ? 124.05 120.30 3.75  0.50 N 
4 1 CD1 A TRP 59 ? ? CG  A TRP 59 ? ? CD2 A TRP 59 ? ? 113.21 106.30 6.91  0.80 N 
5 1 CE2 A TRP 59 ? ? CD2 A TRP 59 ? ? CG  A TRP 59 ? ? 101.35 107.30 -5.95 0.80 N 
# 
loop_
_pdbx_validate_torsion.id 
_pdbx_validate_torsion.PDB_model_num 
_pdbx_validate_torsion.auth_comp_id 
_pdbx_validate_torsion.auth_asym_id 
_pdbx_validate_torsion.auth_seq_id 
_pdbx_validate_torsion.PDB_ins_code 
_pdbx_validate_torsion.label_alt_id 
_pdbx_validate_torsion.phi 
_pdbx_validate_torsion.psi 
1 1 ARG A 13 ? ? -135.90 -36.67  
2 1 ALA A 81 ? ? -132.16 -113.19 
3 1 PRO A 88 ? ? -28.45  104.18  
# 
loop_
_chem_comp_atom.comp_id 
_chem_comp_atom.atom_id 
_chem_comp_atom.type_symbol 
_chem_comp_atom.pdbx_aromatic_flag 
_chem_comp_atom.pdbx_stereo_config 
_chem_comp_atom.pdbx_ordinal 
ALA N    N N N 1   
ALA CA   C N S 2   
ALA C    C N N 3   
ALA O    O N N 4   
ALA CB   C N N 5   
ALA OXT  O N N 6   
ALA H    H N N 7   
ALA H2   H N N 8   
ALA HA   H N N 9   
ALA HB1  H N N 10  
ALA HB2  H N N 11  
ALA HB3  H N N 12  
ALA HXT  H N N 13  
ARG N    N N N 14  
ARG CA   C N S 15  
ARG C    C N N 16  
ARG O    O N N 17  
ARG CB   C N N 18  
ARG CG   C N N 19  
ARG CD   C N N 20  
ARG NE   N N N 21  
ARG CZ   C N N 22  
ARG NH1  N N N 23  
ARG NH2  N N N 24  
ARG OXT  O N N 25  
ARG H    H N N 26  
ARG H2   H N N 27  
ARG HA   H N N 28  
ARG HB2  H N N 29  
ARG HB3  H N N 30  
ARG HG2  H N N 31  
ARG HG3  H N N 32  
ARG HD2  H N N 33  
ARG HD3  H N N 34  
ARG HE   H N N 35  
ARG HH11 H N N 36  
ARG HH12 H N N 37  
ARG HH21 H N N 38  
ARG HH22 H N N 39  
ARG HXT  H N N 40  
ASN N    N N N 41  
ASN CA   C N S 42  
ASN C    C N N 43  
ASN O    O N N 44  
ASN CB   C N N 45  
ASN CG   C N N 46  
ASN OD1  O N N 47  
ASN ND2  N N N 48  
ASN OXT  O N N 49  
ASN H    H N N 50  
ASN H2   H N N 51  
ASN HA   H N N 52  
ASN HB2  H N N 53  
ASN HB3  H N N 54  
ASN HD21 H N N 55  
ASN HD22 H N N 56  
ASN HXT  H N N 57  
ASP N    N N N 58  
ASP CA   C N S 59  
ASP C    C N N 60  
ASP O    O N N 61  
ASP CB   C N N 62  
ASP CG   C N N 63  
ASP OD1  O N N 64  
ASP OD2  O N N 65  
ASP OXT  O N N 66  
ASP H    H N N 67  
ASP H2   H N N 68  
ASP HA   H N N 69  
ASP HB2  H N N 70  
ASP HB3  H N N 71  
ASP HD2  H N N 72  
ASP HXT  H N N 73  
CYS N    N N N 74  
CYS CA   C N R 75  
CYS C    C N N 76  
CYS O    O N N 77  
CYS CB   C N N 78  
CYS SG   S N N 79  
CYS OXT  O N N 80  
CYS H    H N N 81  
CYS H2   H N N 82  
CYS HA   H N N 83  
CYS HB2  H N N 84  
CYS HB3  H N N 85  
CYS HG   H N N 86  
CYS HXT  H N N 87  
GLN N    N N N 88  
GLN CA   C N S 89  
GLN C    C N N 90  
GLN O    O N N 91  
GLN CB   C N N 92  
GLN CG   C N N 93  
GLN CD   C N N 94  
GLN OE1  O N N 95  
GLN NE2  N N N 96  
GLN OXT  O N N 97  
GLN H    H N N 98  
GLN H2   H N N 99  
GLN HA   H N N 100 
GLN HB2  H N N 101 
GLN HB3  H N N 102 
GLN HG2  H N N 103 
GLN HG3  H N N 104 
GLN HE21 H N N 105 
GLN HE22 H N N 106 
GLN HXT  H N N 107 
GLU N    N N N 108 
GLU CA   C N S 109 
GLU C    C N N 110 
GLU O    O N N 111 
GLU CB   C N N 112 
GLU CG   C N N 113 
GLU CD   C N N 114 
GLU OE1  O N N 115 
GLU OE2  O N N 116 
GLU OXT  O N N 117 
GLU H    H N N 118 
GLU H2   H N N 119 
GLU HA   H N N 120 
GLU HB2  H N N 121 
GLU HB3  H N N 122 
GLU HG2  H N N 123 
GLU HG3  H N N 124 
GLU HE2  H N N 125 
GLU HXT  H N N 126 
GLY N    N N N 127 
GLY CA   C N N 128 
GLY C    C N N 129 
GLY O    O N N 130 
GLY OXT  O N N 131 
GLY H    H N N 132 
GLY H2   H N N 133 
GLY HA2  H N N 134 
GLY HA3  H N N 135 
GLY HXT  H N N 136 
HIS N    N N N 137 
HIS CA   C N S 138 
HIS C    C N N 139 
HIS O    O N N 140 
HIS CB   C N N 141 
HIS CG   C Y N 142 
HIS ND1  N Y N 143 
HIS CD2  C Y N 144 
HIS CE1  C Y N 145 
HIS NE2  N Y N 146 
HIS OXT  O N N 147 
HIS H    H N N 148 
HIS H2   H N N 149 
HIS HA   H N N 150 
HIS HB2  H N N 151 
HIS HB3  H N N 152 
HIS HD1  H N N 153 
HIS HD2  H N N 154 
HIS HE1  H N N 155 
HIS HE2  H N N 156 
HIS HXT  H N N 157 
HOH O    O N N 158 
HOH H1   H N N 159 
HOH H2   H N N 160 
ILE N    N N N 161 
ILE CA   C N S 162 
ILE C    C N N 163 
ILE O    O N N 164 
ILE CB   C N S 165 
ILE CG1  C N N 166 
ILE CG2  C N N 167 
ILE CD1  C N N 168 
ILE OXT  O N N 169 
ILE H    H N N 170 
ILE H2   H N N 171 
ILE HA   H N N 172 
ILE HB   H N N 173 
ILE HG12 H N N 174 
ILE HG13 H N N 175 
ILE HG21 H N N 176 
ILE HG22 H N N 177 
ILE HG23 H N N 178 
ILE HD11 H N N 179 
ILE HD12 H N N 180 
ILE HD13 H N N 181 
ILE HXT  H N N 182 
LEU N    N N N 183 
LEU CA   C N S 184 
LEU C    C N N 185 
LEU O    O N N 186 
LEU CB   C N N 187 
LEU CG   C N N 188 
LEU CD1  C N N 189 
LEU CD2  C N N 190 
LEU OXT  O N N 191 
LEU H    H N N 192 
LEU H2   H N N 193 
LEU HA   H N N 194 
LEU HB2  H N N 195 
LEU HB3  H N N 196 
LEU HG   H N N 197 
LEU HD11 H N N 198 
LEU HD12 H N N 199 
LEU HD13 H N N 200 
LEU HD21 H N N 201 
LEU HD22 H N N 202 
LEU HD23 H N N 203 
LEU HXT  H N N 204 
LYS N    N N N 205 
LYS CA   C N S 206 
LYS C    C N N 207 
LYS O    O N N 208 
LYS CB   C N N 209 
LYS CG   C N N 210 
LYS CD   C N N 211 
LYS CE   C N N 212 
LYS NZ   N N N 213 
LYS OXT  O N N 214 
LYS H    H N N 215 
LYS H2   H N N 216 
LYS HA   H N N 217 
LYS HB2  H N N 218 
LYS HB3  H N N 219 
LYS HG2  H N N 220 
LYS HG3  H N N 221 
LYS HD2  H N N 222 
LYS HD3  H N N 223 
LYS HE2  H N N 224 
LYS HE3  H N N 225 
LYS HZ1  H N N 226 
LYS HZ2  H N N 227 
LYS HZ3  H N N 228 
LYS HXT  H N N 229 
MET N    N N N 230 
MET CA   C N S 231 
MET C    C N N 232 
MET O    O N N 233 
MET CB   C N N 234 
MET CG   C N N 235 
MET SD   S N N 236 
MET CE   C N N 237 
MET OXT  O N N 238 
MET H    H N N 239 
MET H2   H N N 240 
MET HA   H N N 241 
MET HB2  H N N 242 
MET HB3  H N N 243 
MET HG2  H N N 244 
MET HG3  H N N 245 
MET HE1  H N N 246 
MET HE2  H N N 247 
MET HE3  H N N 248 
MET HXT  H N N 249 
PHE N    N N N 250 
PHE CA   C N S 251 
PHE C    C N N 252 
PHE O    O N N 253 
PHE CB   C N N 254 
PHE CG   C Y N 255 
PHE CD1  C Y N 256 
PHE CD2  C Y N 257 
PHE CE1  C Y N 258 
PHE CE2  C Y N 259 
PHE CZ   C Y N 260 
PHE OXT  O N N 261 
PHE H    H N N 262 
PHE H2   H N N 263 
PHE HA   H N N 264 
PHE HB2  H N N 265 
PHE HB3  H N N 266 
PHE HD1  H N N 267 
PHE HD2  H N N 268 
PHE HE1  H N N 269 
PHE HE2  H N N 270 
PHE HZ   H N N 271 
PHE HXT  H N N 272 
PRO N    N N N 273 
PRO CA   C N S 274 
PRO C    C N N 275 
PRO O    O N N 276 
PRO CB   C N N 277 
PRO CG   C N N 278 
PRO CD   C N N 279 
PRO OXT  O N N 280 
PRO H    H N N 281 
PRO HA   H N N 282 
PRO HB2  H N N 283 
PRO HB3  H N N 284 
PRO HG2  H N N 285 
PRO HG3  H N N 286 
PRO HD2  H N N 287 
PRO HD3  H N N 288 
PRO HXT  H N N 289 
SBX C1   C N N 290 
SBX C2   C N S 291 
SBX C3   C N N 292 
SBX C4   C N N 293 
SBX C5   C N N 294 
SBX C6   C N N 295 
SBX N7   N N N 296 
SBX O1   O N N 297 
SBX O2   O N N 298 
SBX C8   C N N 299 
SBX O3   O N N 300 
SBX C9   C N N 301 
SBX O4   O N N 302 
SBX C10  C N N 303 
SBX C11  C N N 304 
SBX C12  C N N 305 
SBX C13  C N N 306 
SBX C14  C N N 307 
SBX C15  C N R 308 
SBX C16  C N N 309 
SBX C17  C N N 310 
SBX C18  C Y N 311 
SBX C19  C Y N 312 
SBX C20  C Y N 313 
SBX C21  C Y N 314 
SBX C22  C Y N 315 
SBX C23  C Y N 316 
SBX C24  C N N 317 
SBX C25  C N N 318 
SBX C26  C N N 319 
SBX C27  C N N 320 
SBX C28  C N N 321 
SBX C29  C N N 322 
SBX H2   H N N 323 
SBX H31  H N N 324 
SBX H32  H N N 325 
SBX H41  H N N 326 
SBX H42  H N N 327 
SBX H51  H N N 328 
SBX H52  H N N 329 
SBX H61  H N N 330 
SBX H62  H N N 331 
SBX H111 H N N 332 
SBX H112 H N N 333 
SBX H121 H N N 334 
SBX H122 H N N 335 
SBX H123 H N N 336 
SBX H131 H N N 337 
SBX H132 H N N 338 
SBX H133 H N N 339 
SBX H141 H N N 340 
SBX H142 H N N 341 
SBX H143 H N N 342 
SBX H15  H N N 343 
SBX H161 H N N 344 
SBX H162 H N N 345 
SBX H171 H N N 346 
SBX H172 H N N 347 
SBX H19  H N N 348 
SBX H20  H N N 349 
SBX H21  H N N 350 
SBX H22  H N N 351 
SBX H23  H N N 352 
SBX H24  H N N 353 
SBX H251 H N N 354 
SBX H252 H N N 355 
SBX H261 H N N 356 
SBX H262 H N N 357 
SBX H271 H N N 358 
SBX H272 H N N 359 
SBX H281 H N N 360 
SBX H282 H N N 361 
SBX H291 H N N 362 
SBX H292 H N N 363 
SER N    N N N 364 
SER CA   C N S 365 
SER C    C N N 366 
SER O    O N N 367 
SER CB   C N N 368 
SER OG   O N N 369 
SER OXT  O N N 370 
SER H    H N N 371 
SER H2   H N N 372 
SER HA   H N N 373 
SER HB2  H N N 374 
SER HB3  H N N 375 
SER HG   H N N 376 
SER HXT  H N N 377 
THR N    N N N 378 
THR CA   C N S 379 
THR C    C N N 380 
THR O    O N N 381 
THR CB   C N R 382 
THR OG1  O N N 383 
THR CG2  C N N 384 
THR OXT  O N N 385 
THR H    H N N 386 
THR H2   H N N 387 
THR HA   H N N 388 
THR HB   H N N 389 
THR HG1  H N N 390 
THR HG21 H N N 391 
THR HG22 H N N 392 
THR HG23 H N N 393 
THR HXT  H N N 394 
TRP N    N N N 395 
TRP CA   C N S 396 
TRP C    C N N 397 
TRP O    O N N 398 
TRP CB   C N N 399 
TRP CG   C Y N 400 
TRP CD1  C Y N 401 
TRP CD2  C Y N 402 
TRP NE1  N Y N 403 
TRP CE2  C Y N 404 
TRP CE3  C Y N 405 
TRP CZ2  C Y N 406 
TRP CZ3  C Y N 407 
TRP CH2  C Y N 408 
TRP OXT  O N N 409 
TRP H    H N N 410 
TRP H2   H N N 411 
TRP HA   H N N 412 
TRP HB2  H N N 413 
TRP HB3  H N N 414 
TRP HD1  H N N 415 
TRP HE1  H N N 416 
TRP HE3  H N N 417 
TRP HZ2  H N N 418 
TRP HZ3  H N N 419 
TRP HH2  H N N 420 
TRP HXT  H N N 421 
TYR N    N N N 422 
TYR CA   C N S 423 
TYR C    C N N 424 
TYR O    O N N 425 
TYR CB   C N N 426 
TYR CG   C Y N 427 
TYR CD1  C Y N 428 
TYR CD2  C Y N 429 
TYR CE1  C Y N 430 
TYR CE2  C Y N 431 
TYR CZ   C Y N 432 
TYR OH   O N N 433 
TYR OXT  O N N 434 
TYR H    H N N 435 
TYR H2   H N N 436 
TYR HA   H N N 437 
TYR HB2  H N N 438 
TYR HB3  H N N 439 
TYR HD1  H N N 440 
TYR HD2  H N N 441 
TYR HE1  H N N 442 
TYR HE2  H N N 443 
TYR HH   H N N 444 
TYR HXT  H N N 445 
VAL N    N N N 446 
VAL CA   C N S 447 
VAL C    C N N 448 
VAL O    O N N 449 
VAL CB   C N N 450 
VAL CG1  C N N 451 
VAL CG2  C N N 452 
VAL OXT  O N N 453 
VAL H    H N N 454 
VAL H2   H N N 455 
VAL HA   H N N 456 
VAL HB   H N N 457 
VAL HG11 H N N 458 
VAL HG12 H N N 459 
VAL HG13 H N N 460 
VAL HG21 H N N 461 
VAL HG22 H N N 462 
VAL HG23 H N N 463 
VAL HXT  H N N 464 
# 
loop_
_chem_comp_bond.comp_id 
_chem_comp_bond.atom_id_1 
_chem_comp_bond.atom_id_2 
_chem_comp_bond.value_order 
_chem_comp_bond.pdbx_aromatic_flag 
_chem_comp_bond.pdbx_stereo_config 
_chem_comp_bond.pdbx_ordinal 
ALA N   CA   sing N N 1   
ALA N   H    sing N N 2   
ALA N   H2   sing N N 3   
ALA CA  C    sing N N 4   
ALA CA  CB   sing N N 5   
ALA CA  HA   sing N N 6   
ALA C   O    doub N N 7   
ALA C   OXT  sing N N 8   
ALA CB  HB1  sing N N 9   
ALA CB  HB2  sing N N 10  
ALA CB  HB3  sing N N 11  
ALA OXT HXT  sing N N 12  
ARG N   CA   sing N N 13  
ARG N   H    sing N N 14  
ARG N   H2   sing N N 15  
ARG CA  C    sing N N 16  
ARG CA  CB   sing N N 17  
ARG CA  HA   sing N N 18  
ARG C   O    doub N N 19  
ARG C   OXT  sing N N 20  
ARG CB  CG   sing N N 21  
ARG CB  HB2  sing N N 22  
ARG CB  HB3  sing N N 23  
ARG CG  CD   sing N N 24  
ARG CG  HG2  sing N N 25  
ARG CG  HG3  sing N N 26  
ARG CD  NE   sing N N 27  
ARG CD  HD2  sing N N 28  
ARG CD  HD3  sing N N 29  
ARG NE  CZ   sing N N 30  
ARG NE  HE   sing N N 31  
ARG CZ  NH1  sing N N 32  
ARG CZ  NH2  doub N N 33  
ARG NH1 HH11 sing N N 34  
ARG NH1 HH12 sing N N 35  
ARG NH2 HH21 sing N N 36  
ARG NH2 HH22 sing N N 37  
ARG OXT HXT  sing N N 38  
ASN N   CA   sing N N 39  
ASN N   H    sing N N 40  
ASN N   H2   sing N N 41  
ASN CA  C    sing N N 42  
ASN CA  CB   sing N N 43  
ASN CA  HA   sing N N 44  
ASN C   O    doub N N 45  
ASN C   OXT  sing N N 46  
ASN CB  CG   sing N N 47  
ASN CB  HB2  sing N N 48  
ASN CB  HB3  sing N N 49  
ASN CG  OD1  doub N N 50  
ASN CG  ND2  sing N N 51  
ASN ND2 HD21 sing N N 52  
ASN ND2 HD22 sing N N 53  
ASN OXT HXT  sing N N 54  
ASP N   CA   sing N N 55  
ASP N   H    sing N N 56  
ASP N   H2   sing N N 57  
ASP CA  C    sing N N 58  
ASP CA  CB   sing N N 59  
ASP CA  HA   sing N N 60  
ASP C   O    doub N N 61  
ASP C   OXT  sing N N 62  
ASP CB  CG   sing N N 63  
ASP CB  HB2  sing N N 64  
ASP CB  HB3  sing N N 65  
ASP CG  OD1  doub N N 66  
ASP CG  OD2  sing N N 67  
ASP OD2 HD2  sing N N 68  
ASP OXT HXT  sing N N 69  
CYS N   CA   sing N N 70  
CYS N   H    sing N N 71  
CYS N   H2   sing N N 72  
CYS CA  C    sing N N 73  
CYS CA  CB   sing N N 74  
CYS CA  HA   sing N N 75  
CYS C   O    doub N N 76  
CYS C   OXT  sing N N 77  
CYS CB  SG   sing N N 78  
CYS CB  HB2  sing N N 79  
CYS CB  HB3  sing N N 80  
CYS SG  HG   sing N N 81  
CYS OXT HXT  sing N N 82  
GLN N   CA   sing N N 83  
GLN N   H    sing N N 84  
GLN N   H2   sing N N 85  
GLN CA  C    sing N N 86  
GLN CA  CB   sing N N 87  
GLN CA  HA   sing N N 88  
GLN C   O    doub N N 89  
GLN C   OXT  sing N N 90  
GLN CB  CG   sing N N 91  
GLN CB  HB2  sing N N 92  
GLN CB  HB3  sing N N 93  
GLN CG  CD   sing N N 94  
GLN CG  HG2  sing N N 95  
GLN CG  HG3  sing N N 96  
GLN CD  OE1  doub N N 97  
GLN CD  NE2  sing N N 98  
GLN NE2 HE21 sing N N 99  
GLN NE2 HE22 sing N N 100 
GLN OXT HXT  sing N N 101 
GLU N   CA   sing N N 102 
GLU N   H    sing N N 103 
GLU N   H2   sing N N 104 
GLU CA  C    sing N N 105 
GLU CA  CB   sing N N 106 
GLU CA  HA   sing N N 107 
GLU C   O    doub N N 108 
GLU C   OXT  sing N N 109 
GLU CB  CG   sing N N 110 
GLU CB  HB2  sing N N 111 
GLU CB  HB3  sing N N 112 
GLU CG  CD   sing N N 113 
GLU CG  HG2  sing N N 114 
GLU CG  HG3  sing N N 115 
GLU CD  OE1  doub N N 116 
GLU CD  OE2  sing N N 117 
GLU OE2 HE2  sing N N 118 
GLU OXT HXT  sing N N 119 
GLY N   CA   sing N N 120 
GLY N   H    sing N N 121 
GLY N   H2   sing N N 122 
GLY CA  C    sing N N 123 
GLY CA  HA2  sing N N 124 
GLY CA  HA3  sing N N 125 
GLY C   O    doub N N 126 
GLY C   OXT  sing N N 127 
GLY OXT HXT  sing N N 128 
HIS N   CA   sing N N 129 
HIS N   H    sing N N 130 
HIS N   H2   sing N N 131 
HIS CA  C    sing N N 132 
HIS CA  CB   sing N N 133 
HIS CA  HA   sing N N 134 
HIS C   O    doub N N 135 
HIS C   OXT  sing N N 136 
HIS CB  CG   sing N N 137 
HIS CB  HB2  sing N N 138 
HIS CB  HB3  sing N N 139 
HIS CG  ND1  sing Y N 140 
HIS CG  CD2  doub Y N 141 
HIS ND1 CE1  doub Y N 142 
HIS ND1 HD1  sing N N 143 
HIS CD2 NE2  sing Y N 144 
HIS CD2 HD2  sing N N 145 
HIS CE1 NE2  sing Y N 146 
HIS CE1 HE1  sing N N 147 
HIS NE2 HE2  sing N N 148 
HIS OXT HXT  sing N N 149 
HOH O   H1   sing N N 150 
HOH O   H2   sing N N 151 
ILE N   CA   sing N N 152 
ILE N   H    sing N N 153 
ILE N   H2   sing N N 154 
ILE CA  C    sing N N 155 
ILE CA  CB   sing N N 156 
ILE CA  HA   sing N N 157 
ILE C   O    doub N N 158 
ILE C   OXT  sing N N 159 
ILE CB  CG1  sing N N 160 
ILE CB  CG2  sing N N 161 
ILE CB  HB   sing N N 162 
ILE CG1 CD1  sing N N 163 
ILE CG1 HG12 sing N N 164 
ILE CG1 HG13 sing N N 165 
ILE CG2 HG21 sing N N 166 
ILE CG2 HG22 sing N N 167 
ILE CG2 HG23 sing N N 168 
ILE CD1 HD11 sing N N 169 
ILE CD1 HD12 sing N N 170 
ILE CD1 HD13 sing N N 171 
ILE OXT HXT  sing N N 172 
LEU N   CA   sing N N 173 
LEU N   H    sing N N 174 
LEU N   H2   sing N N 175 
LEU CA  C    sing N N 176 
LEU CA  CB   sing N N 177 
LEU CA  HA   sing N N 178 
LEU C   O    doub N N 179 
LEU C   OXT  sing N N 180 
LEU CB  CG   sing N N 181 
LEU CB  HB2  sing N N 182 
LEU CB  HB3  sing N N 183 
LEU CG  CD1  sing N N 184 
LEU CG  CD2  sing N N 185 
LEU CG  HG   sing N N 186 
LEU CD1 HD11 sing N N 187 
LEU CD1 HD12 sing N N 188 
LEU CD1 HD13 sing N N 189 
LEU CD2 HD21 sing N N 190 
LEU CD2 HD22 sing N N 191 
LEU CD2 HD23 sing N N 192 
LEU OXT HXT  sing N N 193 
LYS N   CA   sing N N 194 
LYS N   H    sing N N 195 
LYS N   H2   sing N N 196 
LYS CA  C    sing N N 197 
LYS CA  CB   sing N N 198 
LYS CA  HA   sing N N 199 
LYS C   O    doub N N 200 
LYS C   OXT  sing N N 201 
LYS CB  CG   sing N N 202 
LYS CB  HB2  sing N N 203 
LYS CB  HB3  sing N N 204 
LYS CG  CD   sing N N 205 
LYS CG  HG2  sing N N 206 
LYS CG  HG3  sing N N 207 
LYS CD  CE   sing N N 208 
LYS CD  HD2  sing N N 209 
LYS CD  HD3  sing N N 210 
LYS CE  NZ   sing N N 211 
LYS CE  HE2  sing N N 212 
LYS CE  HE3  sing N N 213 
LYS NZ  HZ1  sing N N 214 
LYS NZ  HZ2  sing N N 215 
LYS NZ  HZ3  sing N N 216 
LYS OXT HXT  sing N N 217 
MET N   CA   sing N N 218 
MET N   H    sing N N 219 
MET N   H2   sing N N 220 
MET CA  C    sing N N 221 
MET CA  CB   sing N N 222 
MET CA  HA   sing N N 223 
MET C   O    doub N N 224 
MET C   OXT  sing N N 225 
MET CB  CG   sing N N 226 
MET CB  HB2  sing N N 227 
MET CB  HB3  sing N N 228 
MET CG  SD   sing N N 229 
MET CG  HG2  sing N N 230 
MET CG  HG3  sing N N 231 
MET SD  CE   sing N N 232 
MET CE  HE1  sing N N 233 
MET CE  HE2  sing N N 234 
MET CE  HE3  sing N N 235 
MET OXT HXT  sing N N 236 
PHE N   CA   sing N N 237 
PHE N   H    sing N N 238 
PHE N   H2   sing N N 239 
PHE CA  C    sing N N 240 
PHE CA  CB   sing N N 241 
PHE CA  HA   sing N N 242 
PHE C   O    doub N N 243 
PHE C   OXT  sing N N 244 
PHE CB  CG   sing N N 245 
PHE CB  HB2  sing N N 246 
PHE CB  HB3  sing N N 247 
PHE CG  CD1  doub Y N 248 
PHE CG  CD2  sing Y N 249 
PHE CD1 CE1  sing Y N 250 
PHE CD1 HD1  sing N N 251 
PHE CD2 CE2  doub Y N 252 
PHE CD2 HD2  sing N N 253 
PHE CE1 CZ   doub Y N 254 
PHE CE1 HE1  sing N N 255 
PHE CE2 CZ   sing Y N 256 
PHE CE2 HE2  sing N N 257 
PHE CZ  HZ   sing N N 258 
PHE OXT HXT  sing N N 259 
PRO N   CA   sing N N 260 
PRO N   CD   sing N N 261 
PRO N   H    sing N N 262 
PRO CA  C    sing N N 263 
PRO CA  CB   sing N N 264 
PRO CA  HA   sing N N 265 
PRO C   O    doub N N 266 
PRO C   OXT  sing N N 267 
PRO CB  CG   sing N N 268 
PRO CB  HB2  sing N N 269 
PRO CB  HB3  sing N N 270 
PRO CG  CD   sing N N 271 
PRO CG  HG2  sing N N 272 
PRO CG  HG3  sing N N 273 
PRO CD  HD2  sing N N 274 
PRO CD  HD3  sing N N 275 
PRO OXT HXT  sing N N 276 
SBX C1  C2   sing N N 277 
SBX C1  O1   doub N N 278 
SBX C1  O2   sing N N 279 
SBX C2  C3   sing N N 280 
SBX C2  N7   sing N N 281 
SBX C2  H2   sing N N 282 
SBX C3  C4   sing N N 283 
SBX C3  H31  sing N N 284 
SBX C3  H32  sing N N 285 
SBX C4  C5   sing N N 286 
SBX C4  H41  sing N N 287 
SBX C4  H42  sing N N 288 
SBX C5  C6   sing N N 289 
SBX C5  H51  sing N N 290 
SBX C5  H52  sing N N 291 
SBX C6  N7   sing N N 292 
SBX C6  H61  sing N N 293 
SBX C6  H62  sing N N 294 
SBX N7  C8   sing N N 295 
SBX O2  C15  sing N N 296 
SBX C8  O3   doub N N 297 
SBX C8  C9   sing N N 298 
SBX C9  O4   doub N N 299 
SBX C9  C10  sing N N 300 
SBX C10 C11  sing N N 301 
SBX C10 C13  sing N N 302 
SBX C10 C14  sing N N 303 
SBX C11 C12  sing N N 304 
SBX C11 H111 sing N N 305 
SBX C11 H112 sing N N 306 
SBX C12 H121 sing N N 307 
SBX C12 H122 sing N N 308 
SBX C12 H123 sing N N 309 
SBX C13 H131 sing N N 310 
SBX C13 H132 sing N N 311 
SBX C13 H133 sing N N 312 
SBX C14 H141 sing N N 313 
SBX C14 H142 sing N N 314 
SBX C14 H143 sing N N 315 
SBX C15 C16  sing N N 316 
SBX C15 C24  sing N N 317 
SBX C15 H15  sing N N 318 
SBX C16 C17  sing N N 319 
SBX C16 H161 sing N N 320 
SBX C16 H162 sing N N 321 
SBX C17 C18  sing N N 322 
SBX C17 H171 sing N N 323 
SBX C17 H172 sing N N 324 
SBX C18 C19  doub Y N 325 
SBX C18 C23  sing Y N 326 
SBX C19 C20  sing Y N 327 
SBX C19 H19  sing N N 328 
SBX C20 C21  doub Y N 329 
SBX C20 H20  sing N N 330 
SBX C21 C22  sing Y N 331 
SBX C21 H21  sing N N 332 
SBX C22 C23  doub Y N 333 
SBX C22 H22  sing N N 334 
SBX C23 H23  sing N N 335 
SBX C24 C25  sing N N 336 
SBX C24 C29  sing N N 337 
SBX C24 H24  sing N N 338 
SBX C25 C26  sing N N 339 
SBX C25 H251 sing N N 340 
SBX C25 H252 sing N N 341 
SBX C26 C27  sing N N 342 
SBX C26 H261 sing N N 343 
SBX C26 H262 sing N N 344 
SBX C27 C28  sing N N 345 
SBX C27 H271 sing N N 346 
SBX C27 H272 sing N N 347 
SBX C28 C29  sing N N 348 
SBX C28 H281 sing N N 349 
SBX C28 H282 sing N N 350 
SBX C29 H291 sing N N 351 
SBX C29 H292 sing N N 352 
SER N   CA   sing N N 353 
SER N   H    sing N N 354 
SER N   H2   sing N N 355 
SER CA  C    sing N N 356 
SER CA  CB   sing N N 357 
SER CA  HA   sing N N 358 
SER C   O    doub N N 359 
SER C   OXT  sing N N 360 
SER CB  OG   sing N N 361 
SER CB  HB2  sing N N 362 
SER CB  HB3  sing N N 363 
SER OG  HG   sing N N 364 
SER OXT HXT  sing N N 365 
THR N   CA   sing N N 366 
THR N   H    sing N N 367 
THR N   H2   sing N N 368 
THR CA  C    sing N N 369 
THR CA  CB   sing N N 370 
THR CA  HA   sing N N 371 
THR C   O    doub N N 372 
THR C   OXT  sing N N 373 
THR CB  OG1  sing N N 374 
THR CB  CG2  sing N N 375 
THR CB  HB   sing N N 376 
THR OG1 HG1  sing N N 377 
THR CG2 HG21 sing N N 378 
THR CG2 HG22 sing N N 379 
THR CG2 HG23 sing N N 380 
THR OXT HXT  sing N N 381 
TRP N   CA   sing N N 382 
TRP N   H    sing N N 383 
TRP N   H2   sing N N 384 
TRP CA  C    sing N N 385 
TRP CA  CB   sing N N 386 
TRP CA  HA   sing N N 387 
TRP C   O    doub N N 388 
TRP C   OXT  sing N N 389 
TRP CB  CG   sing N N 390 
TRP CB  HB2  sing N N 391 
TRP CB  HB3  sing N N 392 
TRP CG  CD1  doub Y N 393 
TRP CG  CD2  sing Y N 394 
TRP CD1 NE1  sing Y N 395 
TRP CD1 HD1  sing N N 396 
TRP CD2 CE2  doub Y N 397 
TRP CD2 CE3  sing Y N 398 
TRP NE1 CE2  sing Y N 399 
TRP NE1 HE1  sing N N 400 
TRP CE2 CZ2  sing Y N 401 
TRP CE3 CZ3  doub Y N 402 
TRP CE3 HE3  sing N N 403 
TRP CZ2 CH2  doub Y N 404 
TRP CZ2 HZ2  sing N N 405 
TRP CZ3 CH2  sing Y N 406 
TRP CZ3 HZ3  sing N N 407 
TRP CH2 HH2  sing N N 408 
TRP OXT HXT  sing N N 409 
TYR N   CA   sing N N 410 
TYR N   H    sing N N 411 
TYR N   H2   sing N N 412 
TYR CA  C    sing N N 413 
TYR CA  CB   sing N N 414 
TYR CA  HA   sing N N 415 
TYR C   O    doub N N 416 
TYR C   OXT  sing N N 417 
TYR CB  CG   sing N N 418 
TYR CB  HB2  sing N N 419 
TYR CB  HB3  sing N N 420 
TYR CG  CD1  doub Y N 421 
TYR CG  CD2  sing Y N 422 
TYR CD1 CE1  sing Y N 423 
TYR CD1 HD1  sing N N 424 
TYR CD2 CE2  doub Y N 425 
TYR CD2 HD2  sing N N 426 
TYR CE1 CZ   doub Y N 427 
TYR CE1 HE1  sing N N 428 
TYR CE2 CZ   sing Y N 429 
TYR CE2 HE2  sing N N 430 
TYR CZ  OH   sing N N 431 
TYR OH  HH   sing N N 432 
TYR OXT HXT  sing N N 433 
VAL N   CA   sing N N 434 
VAL N   H    sing N N 435 
VAL N   H2   sing N N 436 
VAL CA  C    sing N N 437 
VAL CA  CB   sing N N 438 
VAL CA  HA   sing N N 439 
VAL C   O    doub N N 440 
VAL C   OXT  sing N N 441 
VAL CB  CG1  sing N N 442 
VAL CB  CG2  sing N N 443 
VAL CB  HB   sing N N 444 
VAL CG1 HG11 sing N N 445 
VAL CG1 HG12 sing N N 446 
VAL CG1 HG13 sing N N 447 
VAL CG2 HG21 sing N N 448 
VAL CG2 HG22 sing N N 449 
VAL CG2 HG23 sing N N 450 
VAL OXT HXT  sing N N 451 
# 
_atom_sites.entry_id                    1FKH 
_atom_sites.fract_transf_matrix[1][1]   -0.02569809 
_atom_sites.fract_transf_matrix[1][2]   0.01236426 
_atom_sites.fract_transf_matrix[1][3]   0.01406351 
_atom_sites.fract_transf_matrix[2][1]   0.00860288 
_atom_sites.fract_transf_matrix[2][2]   -0.00559743 
_atom_sites.fract_transf_matrix[2][3]   0.02064107 
_atom_sites.fract_transf_matrix[3][1]   0.00591112 
_atom_sites.fract_transf_matrix[3][2]   0.01153123 
_atom_sites.fract_transf_matrix[3][3]   0.00066337 
_atom_sites.fract_transf_vector[1]      -0.768039 
_atom_sites.fract_transf_vector[2]      0.481943 
_atom_sites.fract_transf_vector[3]      0.504380 
# 
loop_
_atom_type.symbol 
C 
H 
N 
O 
S 
# 
loop_
_atom_site.group_PDB 
_atom_site.id 
_atom_site.type_symbol 
_atom_site.label_atom_id 
_atom_site.label_alt_id 
_atom_site.label_comp_id 
_atom_site.label_asym_id 
_atom_site.label_entity_id 
_atom_site.label_seq_id 
_atom_site.pdbx_PDB_ins_code 
_atom_site.Cartn_x 
_atom_site.Cartn_y 
_atom_site.Cartn_z 
_atom_site.occupancy 
_atom_site.B_iso_or_equiv 
_atom_site.pdbx_formal_charge 
_atom_site.auth_seq_id 
_atom_site.auth_comp_id 
_atom_site.auth_asym_id 
_atom_site.auth_atom_id 
_atom_site.pdbx_PDB_model_num 
ATOM   1    N N    . GLY A 1 1   ? -4.387  12.844  -0.971  1.00 15.28 ? 1   GLY A N    1 
ATOM   2    C CA   . GLY A 1 1   ? -5.165  11.721  -0.506  1.00 14.28 ? 1   GLY A CA   1 
ATOM   3    C C    . GLY A 1 1   ? -4.527  10.496  -1.124  1.00 12.01 ? 1   GLY A C    1 
ATOM   4    O O    . GLY A 1 1   ? -3.321  10.505  -1.375  1.00 10.39 ? 1   GLY A O    1 
ATOM   5    H H1   . GLY A 1 1   ? -3.393  12.538  -0.833  1.00 15.53 ? 1   GLY A H1   1 
ATOM   6    H H2   . GLY A 1 1   ? -4.549  12.982  -1.985  1.00 15.40 ? 1   GLY A H2   1 
ATOM   7    H H3   . GLY A 1 1   ? -4.549  13.708  -0.418  1.00 15.34 ? 1   GLY A H3   1 
ATOM   8    N N    . VAL A 1 2   ? -5.325  9.483   -1.406  1.00 10.94 ? 2   VAL A N    1 
ATOM   9    C CA   . VAL A 1 2   ? -4.852  8.258   -2.015  1.00 8.94  ? 2   VAL A CA   1 
ATOM   10   C C    . VAL A 1 2   ? -5.845  7.988   -3.135  1.00 7.98  ? 2   VAL A C    1 
ATOM   11   O O    . VAL A 1 2   ? -7.054  8.163   -2.994  1.00 7.69  ? 2   VAL A O    1 
ATOM   12   C CB   . VAL A 1 2   ? -4.805  7.092   -0.938  1.00 9.12  ? 2   VAL A CB   1 
ATOM   13   C CG1  . VAL A 1 2   ? -6.085  6.962   -0.143  1.00 5.00  ? 2   VAL A CG1  1 
ATOM   14   C CG2  . VAL A 1 2   ? -4.562  5.783   -1.682  1.00 6.27  ? 2   VAL A CG2  1 
ATOM   15   H H    . VAL A 1 2   ? -6.299  9.553   -1.258  1.00 11.13 ? 2   VAL A H    1 
ATOM   16   N N    . GLN A 1 3   ? -5.267  7.693   -4.284  1.00 8.91  ? 3   GLN A N    1 
ATOM   17   C CA   . GLN A 1 3   ? -5.988  7.323   -5.480  1.00 9.38  ? 3   GLN A CA   1 
ATOM   18   C C    . GLN A 1 3   ? -5.792  5.815   -5.697  1.00 8.29  ? 3   GLN A C    1 
ATOM   19   O O    . GLN A 1 3   ? -4.657  5.328   -5.666  1.00 7.82  ? 3   GLN A O    1 
ATOM   20   C CB   . GLN A 1 3   ? -5.386  8.148   -6.590  1.00 14.29 ? 3   GLN A CB   1 
ATOM   21   C CG   . GLN A 1 3   ? -5.794  7.727   -7.985  1.00 22.04 ? 3   GLN A CG   1 
ATOM   22   C CD   . GLN A 1 3   ? -4.972  8.459   -9.018  1.00 27.69 ? 3   GLN A CD   1 
ATOM   23   O OE1  . GLN A 1 3   ? -5.396  9.479   -9.562  1.00 29.55 ? 3   GLN A OE1  1 
ATOM   24   N NE2  . GLN A 1 3   ? -3.785  7.930   -9.310  1.00 30.23 ? 3   GLN A NE2  1 
ATOM   25   H H    . GLN A 1 3   ? -4.287  7.681   -4.318  1.00 8.60  ? 3   GLN A H    1 
ATOM   26   H HE21 . GLN A 1 3   ? -3.190  8.420   -9.915  1.00 29.58 ? 3   GLN A HE21 1 
ATOM   27   H HE22 . GLN A 1 3   ? -3.545  7.068   -8.902  1.00 29.29 ? 3   GLN A HE22 1 
ATOM   28   N N    . VAL A 1 4   ? -6.833  5.055   -5.975  1.00 6.64  ? 4   VAL A N    1 
ATOM   29   C CA   . VAL A 1 4   ? -6.726  3.615   -6.176  1.00 5.13  ? 4   VAL A CA   1 
ATOM   30   C C    . VAL A 1 4   ? -7.102  3.342   -7.620  1.00 4.59  ? 4   VAL A C    1 
ATOM   31   O O    . VAL A 1 4   ? -8.205  3.694   -8.060  1.00 4.05  ? 4   VAL A O    1 
ATOM   32   C CB   . VAL A 1 4   ? -7.704  2.830   -5.254  1.00 4.08  ? 4   VAL A CB   1 
ATOM   33   C CG1  . VAL A 1 4   ? -7.573  1.345   -5.598  1.00 6.41  ? 4   VAL A CG1  1 
ATOM   34   C CG2  . VAL A 1 4   ? -7.409  3.056   -3.769  1.00 2.90  ? 4   VAL A CG2  1 
ATOM   35   H H    . VAL A 1 4   ? -7.712  5.479   -6.096  1.00 6.89  ? 4   VAL A H    1 
ATOM   36   N N    . GLU A 1 5   ? -6.181  2.786   -8.380  1.00 3.46  ? 5   GLU A N    1 
ATOM   37   C CA   . GLU A 1 5   ? -6.437  2.458   -9.754  1.00 4.12  ? 5   GLU A CA   1 
ATOM   38   C C    . GLU A 1 5   ? -6.255  0.969   -9.836  1.00 3.98  ? 5   GLU A C    1 
ATOM   39   O O    . GLU A 1 5   ? -5.174  0.496   -9.529  1.00 2.58  ? 5   GLU A O    1 
ATOM   40   C CB   . GLU A 1 5   ? -5.442  3.071   -10.728 1.00 6.78  ? 5   GLU A CB   1 
ATOM   41   C CG   . GLU A 1 5   ? -5.466  4.577   -10.886 1.00 13.93 ? 5   GLU A CG   1 
ATOM   42   C CD   . GLU A 1 5   ? -4.238  5.093   -11.642 1.00 18.01 ? 5   GLU A CD   1 
ATOM   43   O OE1  . GLU A 1 5   ? -3.124  5.003   -11.111 1.00 18.03 ? 5   GLU A OE1  1 
ATOM   44   O OE2  . GLU A 1 5   ? -4.397  5.575   -12.765 1.00 20.32 ? 5   GLU A OE2  1 
ATOM   45   H H    . GLU A 1 5   ? -5.323  2.520   -7.993  1.00 3.87  ? 5   GLU A H    1 
ATOM   46   N N    . THR A 1 6   ? -7.236  0.199   -10.270 1.00 5.43  ? 6   THR A N    1 
ATOM   47   C CA   . THR A 1 6   ? -7.137  -1.252  -10.343 1.00 4.54  ? 6   THR A CA   1 
ATOM   48   C C    . THR A 1 6   ? -6.214  -1.743  -11.474 1.00 4.24  ? 6   THR A C    1 
ATOM   49   O O    . THR A 1 6   ? -6.267  -1.209  -12.572 1.00 4.68  ? 6   THR A O    1 
ATOM   50   C CB   . THR A 1 6   ? -8.593  -1.814  -10.531 1.00 4.27  ? 6   THR A CB   1 
ATOM   51   O OG1  . THR A 1 6   ? -9.400  -1.299  -9.466  1.00 4.68  ? 6   THR A OG1  1 
ATOM   52   C CG2  . THR A 1 6   ? -8.653  -3.325  -10.510 1.00 4.01  ? 6   THR A CG2  1 
ATOM   53   H H    . THR A 1 6   ? -8.048  0.624   -10.622 1.00 5.03  ? 6   THR A H    1 
ATOM   54   H HG1  . THR A 1 6   ? -10.210 -1.001  -9.908  1.00 3.75  ? 6   THR A HG1  1 
ATOM   55   N N    . ILE A 1 7   ? -5.346  -2.734  -11.230 1.00 5.76  ? 7   ILE A N    1 
ATOM   56   C CA   . ILE A 1 7   ? -4.539  -3.448  -12.216 1.00 5.92  ? 7   ILE A CA   1 
ATOM   57   C C    . ILE A 1 7   ? -5.328  -4.723  -12.504 1.00 7.22  ? 7   ILE A C    1 
ATOM   58   O O    . ILE A 1 7   ? -5.506  -5.086  -13.669 1.00 7.28  ? 7   ILE A O    1 
ATOM   59   C CB   . ILE A 1 7   ? -3.138  -3.751  -11.601 1.00 5.18  ? 7   ILE A CB   1 
ATOM   60   C CG1  . ILE A 1 7   ? -2.349  -2.440  -11.507 1.00 2.41  ? 7   ILE A CG1  1 
ATOM   61   C CG2  . ILE A 1 7   ? -2.344  -4.758  -12.451 1.00 4.38  ? 7   ILE A CG2  1 
ATOM   62   C CD1  . ILE A 1 7   ? -1.280  -2.529  -10.397 1.00 2.00  ? 7   ILE A CD1  1 
ATOM   63   H H    . ILE A 1 7   ? -5.225  -2.966  -10.294 1.00 5.60  ? 7   ILE A H    1 
ATOM   64   N N    . SER A 1 8   ? -5.809  -5.448  -11.481 1.00 9.45  ? 8   SER A N    1 
ATOM   65   C CA   . SER A 1 8   ? -6.627  -6.686  -11.641 1.00 8.77  ? 8   SER A CA   1 
ATOM   66   C C    . SER A 1 8   ? -7.780  -6.682  -10.625 1.00 5.23  ? 8   SER A C    1 
ATOM   67   O O    . SER A 1 8   ? -7.528  -6.310  -9.479  1.00 2.00  ? 8   SER A O    1 
ATOM   68   C CB   . SER A 1 8   ? -5.785  -7.962  -11.392 1.00 10.68 ? 8   SER A CB   1 
ATOM   69   O OG   . SER A 1 8   ? -4.678  -8.012  -12.293 1.00 18.01 ? 8   SER A OG   1 
ATOM   70   H H    . SER A 1 8   ? -5.665  -5.121  -10.569 1.00 8.54  ? 8   SER A H    1 
ATOM   71   H HG   . SER A 1 8   ? -4.801  -7.280  -12.909 1.00 16.37 ? 8   SER A HG   1 
ATOM   72   N N    . PRO A 1 9   ? -9.038  -7.000  -10.952 1.00 3.50  ? 9   PRO A N    1 
ATOM   73   C CA   . PRO A 1 9   ? -10.128 -7.037  -9.985  1.00 2.00  ? 9   PRO A CA   1 
ATOM   74   C C    . PRO A 1 9   ? -9.994  -8.101  -8.896  1.00 2.00  ? 9   PRO A C    1 
ATOM   75   O O    . PRO A 1 9   ? -9.332  -9.111  -9.090  1.00 2.00  ? 9   PRO A O    1 
ATOM   76   C CB   . PRO A 1 9   ? -11.341 -7.203  -10.857 1.00 2.00  ? 9   PRO A CB   1 
ATOM   77   C CG   . PRO A 1 9   ? -10.807 -8.018  -12.023 1.00 5.73  ? 9   PRO A CG   1 
ATOM   78   C CD   . PRO A 1 9   ? -9.468  -7.374  -12.287 1.00 4.72  ? 9   PRO A CD   1 
ATOM   79   N N    . GLY A 1 10  ? -10.613 -7.858  -7.734  1.00 2.00  ? 10  GLY A N    1 
ATOM   80   C CA   . GLY A 1 10  ? -10.669 -8.804  -6.632  1.00 2.00  ? 10  GLY A CA   1 
ATOM   81   C C    . GLY A 1 10  ? -12.040 -9.462  -6.709  1.00 2.00  ? 10  GLY A C    1 
ATOM   82   O O    . GLY A 1 10  ? -12.697 -9.473  -7.766  1.00 2.00  ? 10  GLY A O    1 
ATOM   83   H H    . GLY A 1 10  ? -11.158 -7.045  -7.669  1.00 2.00  ? 10  GLY A H    1 
ATOM   84   N N    . ASP A 1 11  ? -12.565 -9.957  -5.609  1.00 2.00  ? 11  ASP A N    1 
ATOM   85   C CA   . ASP A 1 11  ? -13.878 -10.555 -5.640  1.00 2.00  ? 11  ASP A CA   1 
ATOM   86   C C    . ASP A 1 11  ? -15.016 -9.568  -5.496  1.00 3.67  ? 11  ASP A C    1 
ATOM   87   O O    . ASP A 1 11  ? -16.162 -9.959  -5.642  1.00 4.07  ? 11  ASP A O    1 
ATOM   88   C CB   . ASP A 1 11  ? -13.982 -11.618 -4.561  1.00 2.00  ? 11  ASP A CB   1 
ATOM   89   C CG   . ASP A 1 11  ? -13.959 -11.188 -3.104  1.00 3.60  ? 11  ASP A CG   1 
ATOM   90   O OD1  . ASP A 1 11  ? -13.879 -10.018 -2.770  1.00 2.13  ? 11  ASP A OD1  1 
ATOM   91   O OD2  . ASP A 1 11  ? -13.979 -12.054 -2.259  1.00 4.05  ? 11  ASP A OD2  1 
ATOM   92   H H    . ASP A 1 11  ? -12.017 -9.933  -4.796  1.00 2.10  ? 11  ASP A H    1 
ATOM   93   N N    . GLY A 1 12  ? -14.790 -8.319  -5.089  1.00 4.57  ? 12  GLY A N    1 
ATOM   94   C CA   . GLY A 1 12  ? -15.848 -7.329  -4.937  1.00 3.30  ? 12  GLY A CA   1 
ATOM   95   C C    . GLY A 1 12  ? -16.801 -7.585  -3.810  1.00 3.81  ? 12  GLY A C    1 
ATOM   96   O O    . GLY A 1 12  ? -17.890 -7.031  -3.788  1.00 7.99  ? 12  GLY A O    1 
ATOM   97   H H    . GLY A 1 12  ? -13.866 -8.019  -4.989  1.00 4.42  ? 12  GLY A H    1 
ATOM   98   N N    . ARG A 1 13  ? -16.432 -8.417  -2.863  1.00 4.19  ? 13  ARG A N    1 
ATOM   99   C CA   . ARG A 1 13  ? -17.247 -8.771  -1.717  1.00 6.13  ? 13  ARG A CA   1 
ATOM   100  C C    . ARG A 1 13  ? -16.492 -8.789  -0.384  1.00 6.07  ? 13  ARG A C    1 
ATOM   101  O O    . ARG A 1 13  ? -17.049 -8.402  0.634   1.00 6.77  ? 13  ARG A O    1 
ATOM   102  C CB   . ARG A 1 13  ? -17.841 -10.149 -1.887  1.00 8.98  ? 13  ARG A CB   1 
ATOM   103  C CG   . ARG A 1 13  ? -18.745 -10.301 -3.069  1.00 15.54 ? 13  ARG A CG   1 
ATOM   104  C CD   . ARG A 1 13  ? -18.653 -11.783 -3.443  1.00 24.19 ? 13  ARG A CD   1 
ATOM   105  N NE   . ARG A 1 13  ? -19.638 -12.105 -4.459  1.00 29.27 ? 13  ARG A NE   1 
ATOM   106  C CZ   . ARG A 1 13  ? -19.396 -12.059 -5.774  1.00 34.43 ? 13  ARG A CZ   1 
ATOM   107  N NH1  . ARG A 1 13  ? -18.180 -11.787 -6.291  1.00 37.07 ? 13  ARG A NH1  1 
ATOM   108  N NH2  . ARG A 1 13  ? -20.407 -12.365 -6.598  1.00 36.42 ? 13  ARG A NH2  1 
ATOM   109  H H    . ARG A 1 13  ? -15.577 -8.843  -3.006  1.00 4.70  ? 13  ARG A H    1 
ATOM   110  H HE   . ARG A 1 13  ? -20.532 -12.387 -4.170  1.00 29.22 ? 13  ARG A HE   1 
ATOM   111  H HH11 . ARG A 1 13  ? -17.400 -11.631 -5.684  1.00 36.20 ? 13  ARG A HH11 1 
ATOM   112  H HH12 . ARG A 1 13  ? -18.043 -11.758 -7.283  1.00 36.02 ? 13  ARG A HH12 1 
ATOM   113  H HH21 . ARG A 1 13  ? -21.297 -12.620 -6.215  1.00 36.09 ? 13  ARG A HH21 1 
ATOM   114  H HH22 . ARG A 1 13  ? -20.275 -12.359 -7.590  1.00 36.15 ? 13  ARG A HH22 1 
ATOM   115  N N    . THR A 1 14  ? -15.227 -9.218  -0.329  1.00 5.27  ? 14  THR A N    1 
ATOM   116  C CA   . THR A 1 14  ? -14.474 -9.370  0.905   1.00 5.62  ? 14  THR A CA   1 
ATOM   117  C C    . THR A 1 14  ? -13.385 -8.292  1.008   1.00 6.54  ? 14  THR A C    1 
ATOM   118  O O    . THR A 1 14  ? -12.345 -8.328  0.347   1.00 5.22  ? 14  THR A O    1 
ATOM   119  C CB   . THR A 1 14  ? -13.897 -10.822 0.892   1.00 5.73  ? 14  THR A CB   1 
ATOM   120  O OG1  . THR A 1 14  ? -14.876 -11.649 0.237   1.00 5.30  ? 14  THR A OG1  1 
ATOM   121  C CG2  . THR A 1 14  ? -13.574 -11.337 2.290   1.00 3.44  ? 14  THR A CG2  1 
ATOM   122  H H    . THR A 1 14  ? -14.834 -9.611  -1.114  1.00 5.32  ? 14  THR A H    1 
ATOM   123  H HG1  . THR A 1 14  ? -14.408 -12.391 -0.165  1.00 5.96  ? 14  THR A HG1  1 
ATOM   124  N N    . PHE A 1 15  ? -13.771 -7.300  1.799   1.00 6.86  ? 15  PHE A N    1 
ATOM   125  C CA   . PHE A 1 15  ? -13.061 -6.069  2.054   1.00 6.35  ? 15  PHE A CA   1 
ATOM   126  C C    . PHE A 1 15  ? -12.506 -6.103  3.484   1.00 4.25  ? 15  PHE A C    1 
ATOM   127  O O    . PHE A 1 15  ? -13.118 -6.637  4.405   1.00 2.55  ? 15  PHE A O    1 
ATOM   128  C CB   . PHE A 1 15  ? -14.050 -4.935  1.882   1.00 6.44  ? 15  PHE A CB   1 
ATOM   129  C CG   . PHE A 1 15  ? -14.497 -4.740  0.443   1.00 7.33  ? 15  PHE A CG   1 
ATOM   130  C CD1  . PHE A 1 15  ? -13.740 -3.966  -0.404  1.00 5.69  ? 15  PHE A CD1  1 
ATOM   131  C CD2  . PHE A 1 15  ? -15.637 -5.368  -0.022  1.00 7.57  ? 15  PHE A CD2  1 
ATOM   132  C CE1  . PHE A 1 15  ? -14.113 -3.814  -1.723  1.00 4.89  ? 15  PHE A CE1  1 
ATOM   133  C CE2  . PHE A 1 15  ? -15.999 -5.212  -1.351  1.00 5.47  ? 15  PHE A CE2  1 
ATOM   134  C CZ   . PHE A 1 15  ? -15.238 -4.438  -2.192  1.00 5.98  ? 15  PHE A CZ   1 
ATOM   135  H H    . PHE A 1 15  ? -14.569 -7.444  2.350   1.00 6.96  ? 15  PHE A H    1 
ATOM   136  N N    . PRO A 1 16  ? -11.319 -5.621  3.732   1.00 3.60  ? 16  PRO A N    1 
ATOM   137  C CA   . PRO A 1 16  ? -10.735 -5.709  5.054   1.00 4.12  ? 16  PRO A CA   1 
ATOM   138  C C    . PRO A 1 16  ? -11.430 -4.808  6.049   1.00 4.78  ? 16  PRO A C    1 
ATOM   139  O O    . PRO A 1 16  ? -11.798 -3.681  5.724   1.00 3.88  ? 16  PRO A O    1 
ATOM   140  C CB   . PRO A 1 16  ? -9.275  -5.367  4.840   1.00 4.17  ? 16  PRO A CB   1 
ATOM   141  C CG   . PRO A 1 16  ? -9.171  -4.806  3.442   1.00 4.02  ? 16  PRO A CG   1 
ATOM   142  C CD   . PRO A 1 16  ? -10.342 -5.369  2.693   1.00 2.00  ? 16  PRO A CD   1 
ATOM   143  N N    . LYS A 1 17  ? -11.608 -5.336  7.233   1.00 4.81  ? 17  LYS A N    1 
ATOM   144  C CA   . LYS A 1 17  ? -12.189 -4.667  8.390   1.00 7.29  ? 17  LYS A CA   1 
ATOM   145  C C    . LYS A 1 17  ? -11.072 -4.313  9.370   1.00 6.30  ? 17  LYS A C    1 
ATOM   146  O O    . LYS A 1 17  ? -10.046 -4.987  9.427   1.00 5.05  ? 17  LYS A O    1 
ATOM   147  C CB   . LYS A 1 17  ? -13.150 -5.585  9.138   1.00 11.78 ? 17  LYS A CB   1 
ATOM   148  C CG   . LYS A 1 17  ? -14.193 -6.210  8.212   1.00 18.69 ? 17  LYS A CG   1 
ATOM   149  C CD   . LYS A 1 17  ? -14.936 -7.379  8.901   1.00 24.78 ? 17  LYS A CD   1 
ATOM   150  C CE   . LYS A 1 17  ? -15.744 -8.116  7.799   1.00 27.13 ? 17  LYS A CE   1 
ATOM   151  N NZ   . LYS A 1 17  ? -17.152 -8.327  8.105   1.00 28.18 ? 17  LYS A NZ   1 
ATOM   152  H H    . LYS A 1 17  ? -11.270 -6.237  7.355   1.00 5.57  ? 17  LYS A H    1 
ATOM   153  H HZ1  . LYS A 1 17  ? -17.611 -7.440  8.400   1.00 27.80 ? 17  LYS A HZ1  1 
ATOM   154  H HZ2  . LYS A 1 17  ? -17.625 -8.696  7.255   1.00 27.83 ? 17  LYS A HZ2  1 
ATOM   155  H HZ3  . LYS A 1 17  ? -17.228 -9.025  8.873   1.00 28.11 ? 17  LYS A HZ3  1 
ATOM   156  N N    . ARG A 1 18  ? -11.230 -3.276  10.173  1.00 6.47  ? 18  ARG A N    1 
ATOM   157  C CA   . ARG A 1 18  ? -10.312 -2.926  11.231  1.00 7.19  ? 18  ARG A CA   1 
ATOM   158  C C    . ARG A 1 18  ? -10.023 -4.129  12.131  1.00 6.29  ? 18  ARG A C    1 
ATOM   159  O O    . ARG A 1 18  ? -10.961 -4.826  12.510  1.00 5.45  ? 18  ARG A O    1 
ATOM   160  C CB   . ARG A 1 18  ? -10.941 -1.834  12.038  1.00 10.74 ? 18  ARG A CB   1 
ATOM   161  C CG   . ARG A 1 18  ? -9.974  -1.058  12.893  1.00 14.41 ? 18  ARG A CG   1 
ATOM   162  C CD   . ARG A 1 18  ? -10.784 -0.607  14.072  1.00 17.58 ? 18  ARG A CD   1 
ATOM   163  N NE   . ARG A 1 18  ? -10.204 0.623   14.552  1.00 20.47 ? 18  ARG A NE   1 
ATOM   164  C CZ   . ARG A 1 18  ? -10.333 1.027   15.824  1.00 21.38 ? 18  ARG A CZ   1 
ATOM   165  N NH1  . ARG A 1 18  ? -11.029 0.283   16.717  1.00 16.39 ? 18  ARG A NH1  1 
ATOM   166  N NH2  . ARG A 1 18  ? -9.768  2.215   16.147  1.00 21.42 ? 18  ARG A NH2  1 
ATOM   167  H H    . ARG A 1 18  ? -11.999 -2.688  10.000  1.00 6.54  ? 18  ARG A H    1 
ATOM   168  H HE   . ARG A 1 18  ? -9.717  1.193   13.918  1.00 20.07 ? 18  ARG A HE   1 
ATOM   169  H HH11 . ARG A 1 18  ? -11.472 -0.564  16.426  1.00 18.28 ? 18  ARG A HH11 1 
ATOM   170  H HH12 . ARG A 1 18  ? -11.120 0.584   17.663  1.00 18.25 ? 18  ARG A HH12 1 
ATOM   171  H HH21 . ARG A 1 18  ? -9.324  2.766   15.438  1.00 21.11 ? 18  ARG A HH21 1 
ATOM   172  H HH22 . ARG A 1 18  ? -9.818  2.562   17.085  1.00 21.51 ? 18  ARG A HH22 1 
ATOM   173  N N    . GLY A 1 19  ? -8.778  -4.418  12.515  1.00 3.85  ? 19  GLY A N    1 
ATOM   174  C CA   . GLY A 1 19  ? -8.471  -5.571  13.330  1.00 3.58  ? 19  GLY A CA   1 
ATOM   175  C C    . GLY A 1 19  ? -8.049  -6.790  12.539  1.00 2.00  ? 19  GLY A C    1 
ATOM   176  O O    . GLY A 1 19  ? -7.544  -7.766  13.108  1.00 2.00  ? 19  GLY A O    1 
ATOM   177  H H    . GLY A 1 19  ? -8.042  -3.839  12.249  1.00 4.03  ? 19  GLY A H    1 
ATOM   178  N N    . GLN A 1 20  ? -8.269  -6.753  11.232  1.00 2.77  ? 20  GLN A N    1 
ATOM   179  C CA   . GLN A 1 20  ? -7.868  -7.846  10.371  1.00 3.74  ? 20  GLN A CA   1 
ATOM   180  C C    . GLN A 1 20  ? -6.474  -7.618  9.851   1.00 2.61  ? 20  GLN A C    1 
ATOM   181  O O    . GLN A 1 20  ? -6.032  -6.493  9.630   1.00 2.00  ? 20  GLN A O    1 
ATOM   182  C CB   . GLN A 1 20  ? -8.790  -7.983  9.198   1.00 3.34  ? 20  GLN A CB   1 
ATOM   183  C CG   . GLN A 1 20  ? -10.232 -8.211  9.619   1.00 4.31  ? 20  GLN A CG   1 
ATOM   184  C CD   . GLN A 1 20  ? -11.004 -8.755  8.426   1.00 9.52  ? 20  GLN A CD   1 
ATOM   185  O OE1  . GLN A 1 20  ? -11.386 -8.045  7.492   1.00 5.42  ? 20  GLN A OE1  1 
ATOM   186  N NE2  . GLN A 1 20  ? -11.220 -10.062 8.373   1.00 10.18 ? 20  GLN A NE2  1 
ATOM   187  H H    . GLN A 1 20  ? -8.668  -5.959  10.819  1.00 3.03  ? 20  GLN A H    1 
ATOM   188  H HE21 . GLN A 1 20  ? -11.772 -10.403 7.628   1.00 10.51 ? 20  GLN A HE21 1 
ATOM   189  H HE22 . GLN A 1 20  ? -10.830 -10.636 9.068   1.00 10.32 ? 20  GLN A HE22 1 
ATOM   190  N N    . THR A 1 21  ? -5.766  -8.719  9.684   1.00 3.42  ? 21  THR A N    1 
ATOM   191  C CA   . THR A 1 21  ? -4.425  -8.685  9.149   1.00 3.55  ? 21  THR A CA   1 
ATOM   192  C C    . THR A 1 21  ? -4.584  -8.859  7.631   1.00 4.77  ? 21  THR A C    1 
ATOM   193  O O    . THR A 1 21  ? -5.240  -9.804  7.176   1.00 2.48  ? 21  THR A O    1 
ATOM   194  C CB   . THR A 1 21  ? -3.589  -9.833  9.810   1.00 5.33  ? 21  THR A CB   1 
ATOM   195  O OG1  . THR A 1 21  ? -3.458  -9.535  11.212  1.00 5.12  ? 21  THR A OG1  1 
ATOM   196  C CG2  . THR A 1 21  ? -2.192  -9.984  9.176   1.00 3.41  ? 21  THR A CG2  1 
ATOM   197  H H    . THR A 1 21  ? -6.189  -9.595  9.800   1.00 3.38  ? 21  THR A H    1 
ATOM   198  H HG1  . THR A 1 21  ? -4.340  -9.636  11.611  1.00 5.42  ? 21  THR A HG1  1 
ATOM   199  N N    . CYS A 1 22  ? -4.050  -7.913  6.845   1.00 3.28  ? 22  CYS A N    1 
ATOM   200  C CA   . CYS A 1 22  ? -4.008  -7.977  5.397   1.00 2.41  ? 22  CYS A CA   1 
ATOM   201  C C    . CYS A 1 22  ? -2.649  -8.543  5.004   1.00 4.39  ? 22  CYS A C    1 
ATOM   202  O O    . CYS A 1 22  ? -1.585  -8.170  5.538   1.00 4.20  ? 22  CYS A O    1 
ATOM   203  C CB   . CYS A 1 22  ? -4.105  -6.608  4.805   1.00 4.84  ? 22  CYS A CB   1 
ATOM   204  S SG   . CYS A 1 22  ? -5.554  -5.689  5.358   1.00 4.39  ? 22  CYS A SG   1 
ATOM   205  H H    . CYS A 1 22  ? -3.617  -7.143  7.275   1.00 3.28  ? 22  CYS A H    1 
ATOM   206  N N    . VAL A 1 23  ? -2.643  -9.465  4.081   1.00 2.22  ? 23  VAL A N    1 
ATOM   207  C CA   . VAL A 1 23  ? -1.414  -10.071 3.628   1.00 3.26  ? 23  VAL A CA   1 
ATOM   208  C C    . VAL A 1 23  ? -1.321  -9.501  2.242   1.00 3.88  ? 23  VAL A C    1 
ATOM   209  O O    . VAL A 1 23  ? -2.216  -9.720  1.380   1.00 5.61  ? 23  VAL A O    1 
ATOM   210  C CB   . VAL A 1 23  ? -1.552  -11.625 3.607   1.00 2.00  ? 23  VAL A CB   1 
ATOM   211  C CG1  . VAL A 1 23  ? -0.283  -12.269 3.128   1.00 2.00  ? 23  VAL A CG1  1 
ATOM   212  C CG2  . VAL A 1 23  ? -1.850  -12.112 5.010   1.00 2.91  ? 23  VAL A CG2  1 
ATOM   213  H H    . VAL A 1 23  ? -3.488  -9.725  3.660   1.00 3.41  ? 23  VAL A H    1 
ATOM   214  N N    . VAL A 1 24  ? -0.260  -8.745  2.005   1.00 3.53  ? 24  VAL A N    1 
ATOM   215  C CA   . VAL A 1 24  ? -0.123  -8.067  0.716   1.00 3.15  ? 24  VAL A CA   1 
ATOM   216  C C    . VAL A 1 24  ? 1.211   -8.299  0.069   1.00 2.09  ? 24  VAL A C    1 
ATOM   217  O O    . VAL A 1 24  ? 2.190   -8.627  0.745   1.00 4.72  ? 24  VAL A O    1 
ATOM   218  C CB   . VAL A 1 24  ? -0.303  -6.519  0.830   1.00 2.97  ? 24  VAL A CB   1 
ATOM   219  C CG1  . VAL A 1 24  ? -1.669  -6.201  1.401   1.00 3.63  ? 24  VAL A CG1  1 
ATOM   220  C CG2  . VAL A 1 24  ? 0.777   -5.917  1.705   1.00 2.00  ? 24  VAL A CG2  1 
ATOM   221  H H    . VAL A 1 24  ? 0.431   -8.643  2.688   1.00 3.66  ? 24  VAL A H    1 
ATOM   222  N N    . HIS A 1 25  ? 1.242   -8.207  -1.246  1.00 2.14  ? 25  HIS A N    1 
ATOM   223  C CA   . HIS A 1 25  ? 2.490   -8.137  -1.969  1.00 2.00  ? 25  HIS A CA   1 
ATOM   224  C C    . HIS A 1 25  ? 2.560   -6.711  -2.478  1.00 2.20  ? 25  HIS A C    1 
ATOM   225  O O    . HIS A 1 25  ? 1.524   -6.196  -2.925  1.00 2.00  ? 25  HIS A O    1 
ATOM   226  C CB   . HIS A 1 25  ? 2.527   -9.111  -3.157  1.00 2.71  ? 25  HIS A CB   1 
ATOM   227  C CG   . HIS A 1 25  ? 3.590   -10.192 -2.937  1.00 2.00  ? 25  HIS A CG   1 
ATOM   228  N ND1  . HIS A 1 25  ? 4.722   -10.114 -2.247  1.00 2.89  ? 25  HIS A ND1  1 
ATOM   229  C CD2  . HIS A 1 25  ? 3.536   -11.479 -3.416  1.00 5.99  ? 25  HIS A CD2  1 
ATOM   230  C CE1  . HIS A 1 25  ? 5.352   -11.276 -2.275  1.00 4.09  ? 25  HIS A CE1  1 
ATOM   231  N NE2  . HIS A 1 25  ? 4.628   -12.086 -2.981  1.00 4.80  ? 25  HIS A NE2  1 
ATOM   232  H H    . HIS A 1 25  ? 0.388   -8.102  -1.720  1.00 2.01  ? 25  HIS A H    1 
ATOM   233  H HD1  . HIS A 1 25  ? 5.122   -9.299  -1.883  1.00 3.56  ? 25  HIS A HD1  1 
ATOM   234  H HE2  . HIS A 1 25  ? 4.936   -12.982 -3.266  1.00 5.74  ? 25  HIS A HE2  1 
ATOM   235  N N    . TYR A 1 26  ? 3.707   -6.017  -2.436  1.00 2.12  ? 26  TYR A N    1 
ATOM   236  C CA   . TYR A 1 26  ? 3.761   -4.639  -2.914  1.00 2.19  ? 26  TYR A CA   1 
ATOM   237  C C    . TYR A 1 26  ? 5.081   -4.358  -3.598  1.00 2.00  ? 26  TYR A C    1 
ATOM   238  O O    . TYR A 1 26  ? 6.049   -5.061  -3.306  1.00 2.00  ? 26  TYR A O    1 
ATOM   239  C CB   . TYR A 1 26  ? 3.583   -3.620  -1.740  1.00 2.00  ? 26  TYR A CB   1 
ATOM   240  C CG   . TYR A 1 26  ? 4.726   -3.544  -0.724  1.00 2.00  ? 26  TYR A CG   1 
ATOM   241  C CD1  . TYR A 1 26  ? 4.760   -4.408  0.354   1.00 4.73  ? 26  TYR A CD1  1 
ATOM   242  C CD2  . TYR A 1 26  ? 5.743   -2.646  -0.919  1.00 3.26  ? 26  TYR A CD2  1 
ATOM   243  C CE1  . TYR A 1 26  ? 5.821   -4.391  1.244   1.00 2.00  ? 26  TYR A CE1  1 
ATOM   244  C CE2  . TYR A 1 26  ? 6.789   -2.626  -0.036  1.00 2.00  ? 26  TYR A CE2  1 
ATOM   245  C CZ   . TYR A 1 26  ? 6.823   -3.489  1.036   1.00 2.49  ? 26  TYR A CZ   1 
ATOM   246  O OH   . TYR A 1 26  ? 7.862   -3.410  1.936   1.00 2.00  ? 26  TYR A OH   1 
ATOM   247  H H    . TYR A 1 26  ? 4.569   -6.425  -2.221  1.00 2.13  ? 26  TYR A H    1 
ATOM   248  H HH   . TYR A 1 26  ? 7.808   -4.148  2.548   1.00 2.89  ? 26  TYR A HH   1 
ATOM   249  N N    . THR A 1 27  ? 5.074   -3.376  -4.503  1.00 2.08  ? 27  THR A N    1 
ATOM   250  C CA   . THR A 1 27  ? 6.275   -2.724  -5.003  1.00 2.00  ? 27  THR A CA   1 
ATOM   251  C C    . THR A 1 27  ? 6.093   -1.237  -4.750  1.00 2.00  ? 27  THR A C    1 
ATOM   252  O O    . THR A 1 27  ? 5.107   -0.666  -5.191  1.00 2.00  ? 27  THR A O    1 
ATOM   253  C CB   . THR A 1 27  ? 6.439   -2.939  -6.467  1.00 2.00  ? 27  THR A CB   1 
ATOM   254  O OG1  . THR A 1 27  ? 6.762   -4.303  -6.551  1.00 2.44  ? 27  THR A OG1  1 
ATOM   255  C CG2  . THR A 1 27  ? 7.547   -2.136  -7.114  1.00 6.48  ? 27  THR A CG2  1 
ATOM   256  H H    . THR A 1 27  ? 4.206   -3.088  -4.853  1.00 2.00  ? 27  THR A H    1 
ATOM   257  H HG1  . THR A 1 27  ? 6.801   -4.502  -7.500  1.00 2.58  ? 27  THR A HG1  1 
ATOM   258  N N    . GLY A 1 28  ? 6.947   -0.573  -4.009  1.00 2.00  ? 28  GLY A N    1 
ATOM   259  C CA   . GLY A 1 28  ? 6.855   0.869   -3.772  1.00 2.59  ? 28  GLY A CA   1 
ATOM   260  C C    . GLY A 1 28  ? 7.760   1.617   -4.744  1.00 2.00  ? 28  GLY A C    1 
ATOM   261  O O    . GLY A 1 28  ? 8.940   1.279   -4.904  1.00 2.00  ? 28  GLY A O    1 
ATOM   262  H H    . GLY A 1 28  ? 7.683   -1.044  -3.561  1.00 2.09  ? 28  GLY A H    1 
ATOM   263  N N    . MET A 1 29  ? 7.233   2.619   -5.440  1.00 2.16  ? 29  MET A N    1 
ATOM   264  C CA   . MET A 1 29  ? 8.011   3.438   -6.358  1.00 2.21  ? 29  MET A CA   1 
ATOM   265  C C    . MET A 1 29  ? 7.764   4.944   -6.141  1.00 3.15  ? 29  MET A C    1 
ATOM   266  O O    . MET A 1 29  ? 6.753   5.399   -5.603  1.00 2.00  ? 29  MET A O    1 
ATOM   267  C CB   . MET A 1 29  ? 7.667   3.128   -7.810  1.00 3.16  ? 29  MET A CB   1 
ATOM   268  C CG   . MET A 1 29  ? 7.861   1.698   -8.302  1.00 4.23  ? 29  MET A CG   1 
ATOM   269  S SD   . MET A 1 29  ? 6.779   1.372   -9.717  1.00 11.89 ? 29  MET A SD   1 
ATOM   270  C CE   . MET A 1 29  ? 5.483   0.702   -8.678  1.00 8.66  ? 29  MET A CE   1 
ATOM   271  H H    . MET A 1 29  ? 6.318   2.877   -5.261  1.00 2.00  ? 29  MET A H    1 
ATOM   272  N N    . LEU A 1 30  ? 8.751   5.766   -6.482  1.00 3.56  ? 30  LEU A N    1 
ATOM   273  C CA   . LEU A 1 30  ? 8.585   7.190   -6.566  1.00 3.40  ? 30  LEU A CA   1 
ATOM   274  C C    . LEU A 1 30  ? 7.905   7.505   -7.889  1.00 5.25  ? 30  LEU A C    1 
ATOM   275  O O    . LEU A 1 30  ? 7.767   6.641   -8.774  1.00 5.36  ? 30  LEU A O    1 
ATOM   276  C CB   . LEU A 1 30  ? 9.951   7.840   -6.480  1.00 5.12  ? 30  LEU A CB   1 
ATOM   277  C CG   . LEU A 1 30  ? 10.782  7.561   -5.243  1.00 4.53  ? 30  LEU A CG   1 
ATOM   278  C CD1  . LEU A 1 30  ? 12.151  8.169   -5.398  1.00 7.91  ? 30  LEU A CD1  1 
ATOM   279  C CD2  . LEU A 1 30  ? 10.092  8.139   -4.033  1.00 6.45  ? 30  LEU A CD2  1 
ATOM   280  H H    . LEU A 1 30  ? 9.629   5.360   -6.653  1.00 3.53  ? 30  LEU A H    1 
ATOM   281  N N    . GLU A 1 31  ? 7.513   8.748   -8.156  1.00 5.61  ? 31  GLU A N    1 
ATOM   282  C CA   . GLU A 1 31  ? 6.765   9.074   -9.346  1.00 6.62  ? 31  GLU A CA   1 
ATOM   283  C C    . GLU A 1 31  ? 7.464   8.850   -10.654 1.00 4.07  ? 31  GLU A C    1 
ATOM   284  O O    . GLU A 1 31  ? 6.806   8.638   -11.666 1.00 2.58  ? 31  GLU A O    1 
ATOM   285  C CB   . GLU A 1 31  ? 6.343   10.500  -9.281  1.00 11.68 ? 31  GLU A CB   1 
ATOM   286  C CG   . GLU A 1 31  ? 5.190   10.675  -8.321  1.00 17.09 ? 31  GLU A CG   1 
ATOM   287  C CD   . GLU A 1 31  ? 4.646   12.103  -8.358  1.00 20.77 ? 31  GLU A CD   1 
ATOM   288  O OE1  . GLU A 1 31  ? 5.398   13.025  -8.063  1.00 23.08 ? 31  GLU A OE1  1 
ATOM   289  O OE2  . GLU A 1 31  ? 3.472   12.298  -8.671  1.00 24.21 ? 31  GLU A OE2  1 
ATOM   290  H H    . GLU A 1 31  ? 7.771   9.475   -7.548  1.00 5.88  ? 31  GLU A H    1 
ATOM   291  N N    . ASP A 1 32  ? 8.784   8.825   -10.641 1.00 2.74  ? 32  ASP A N    1 
ATOM   292  C CA   . ASP A 1 32  ? 9.600   8.566   -11.825 1.00 3.65  ? 32  ASP A CA   1 
ATOM   293  C C    . ASP A 1 32  ? 9.789   7.090   -12.173 1.00 4.39  ? 32  ASP A C    1 
ATOM   294  O O    . ASP A 1 32  ? 10.556  6.772   -13.090 1.00 4.28  ? 32  ASP A O    1 
ATOM   295  C CB   . ASP A 1 32  ? 11.011  9.176   -11.645 1.00 4.55  ? 32  ASP A CB   1 
ATOM   296  C CG   . ASP A 1 32  ? 11.747  8.721   -10.377 1.00 6.70  ? 32  ASP A CG   1 
ATOM   297  O OD1  . ASP A 1 32  ? 11.263  7.859   -9.661  1.00 5.15  ? 32  ASP A OD1  1 
ATOM   298  O OD2  . ASP A 1 32  ? 12.786  9.266   -10.063 1.00 8.85  ? 32  ASP A OD2  1 
ATOM   299  H H    . ASP A 1 32  ? 9.221   9.135   -9.823  1.00 2.78  ? 32  ASP A H    1 
ATOM   300  N N    . GLY A 1 33  ? 9.237   6.178   -11.356 1.00 4.87  ? 33  GLY A N    1 
ATOM   301  C CA   . GLY A 1 33  ? 9.354   4.759   -11.605 1.00 3.85  ? 33  GLY A CA   1 
ATOM   302  C C    . GLY A 1 33  ? 10.356  4.093   -10.682 1.00 5.92  ? 33  GLY A C    1 
ATOM   303  O O    . GLY A 1 33  ? 10.384  2.863   -10.553 1.00 6.29  ? 33  GLY A O    1 
ATOM   304  H H    . GLY A 1 33  ? 8.700   6.458   -10.583 1.00 4.29  ? 33  GLY A H    1 
ATOM   305  N N    . LYS A 1 34  ? 11.168  4.886   -9.986  1.00 6.69  ? 34  LYS A N    1 
ATOM   306  C CA   . LYS A 1 34  ? 12.231  4.375   -9.150  1.00 8.98  ? 34  LYS A CA   1 
ATOM   307  C C    . LYS A 1 34  ? 11.692  3.515   -8.010  1.00 7.70  ? 34  LYS A C    1 
ATOM   308  O O    . LYS A 1 34  ? 10.933  3.947   -7.150  1.00 4.25  ? 34  LYS A O    1 
ATOM   309  C CB   . LYS A 1 34  ? 13.028  5.637   -8.705  1.00 14.14 ? 34  LYS A CB   1 
ATOM   310  C CG   . LYS A 1 34  ? 14.230  5.717   -7.770  1.00 21.85 ? 34  LYS A CG   1 
ATOM   311  C CD   . LYS A 1 34  ? 15.090  4.460   -7.823  1.00 27.89 ? 34  LYS A CD   1 
ATOM   312  C CE   . LYS A 1 34  ? 15.803  4.205   -9.156  1.00 32.79 ? 34  LYS A CE   1 
ATOM   313  N NZ   . LYS A 1 34  ? 17.092  4.878   -9.175  1.00 35.73 ? 34  LYS A NZ   1 
ATOM   314  H H    . LYS A 1 34  ? 11.011  5.843   -10.029 1.00 6.67  ? 34  LYS A H    1 
ATOM   315  H HZ1  . LYS A 1 34  ? 17.655  4.566   -8.357  1.00 34.48 ? 34  LYS A HZ1  1 
ATOM   316  H HZ2  . LYS A 1 34  ? 17.602  4.644   -10.054 1.00 34.44 ? 34  LYS A HZ2  1 
ATOM   317  H HZ3  . LYS A 1 34  ? 16.935  5.906   -9.122  1.00 34.44 ? 34  LYS A HZ3  1 
ATOM   318  N N    . LYS A 1 35  ? 12.033  2.245   -8.080  1.00 9.28  ? 35  LYS A N    1 
ATOM   319  C CA   . LYS A 1 35  ? 11.646  1.291   -7.062  1.00 9.57  ? 35  LYS A CA   1 
ATOM   320  C C    . LYS A 1 35  ? 12.505  1.490   -5.847  1.00 7.31  ? 35  LYS A C    1 
ATOM   321  O O    . LYS A 1 35  ? 13.723  1.538   -5.945  1.00 8.94  ? 35  LYS A O    1 
ATOM   322  C CB   . LYS A 1 35  ? 11.827  -0.125  -7.556  1.00 13.81 ? 35  LYS A CB   1 
ATOM   323  C CG   . LYS A 1 35  ? 11.383  -1.169  -6.544  1.00 18.47 ? 35  LYS A CG   1 
ATOM   324  C CD   . LYS A 1 35  ? 11.286  -2.525  -7.232  1.00 24.22 ? 35  LYS A CD   1 
ATOM   325  C CE   . LYS A 1 35  ? 12.673  -3.132  -7.457  1.00 26.81 ? 35  LYS A CE   1 
ATOM   326  N NZ   . LYS A 1 35  ? 12.538  -4.460  -8.051  1.00 29.62 ? 35  LYS A NZ   1 
ATOM   327  H H    . LYS A 1 35  ? 12.595  1.950   -8.824  1.00 9.11  ? 35  LYS A H    1 
ATOM   328  H HZ1  . LYS A 1 35  ? 11.970  -5.067  -7.423  1.00 29.04 ? 35  LYS A HZ1  1 
ATOM   329  H HZ2  . LYS A 1 35  ? 12.060  -4.388  -8.974  1.00 29.08 ? 35  LYS A HZ2  1 
ATOM   330  H HZ3  . LYS A 1 35  ? 13.478  -4.890  -8.172  1.00 29.03 ? 35  LYS A HZ3  1 
ATOM   331  N N    . PHE A 1 36  ? 11.859  1.630   -4.707  1.00 5.28  ? 36  PHE A N    1 
ATOM   332  C CA   . PHE A 1 36  ? 12.588  1.747   -3.462  1.00 6.00  ? 36  PHE A CA   1 
ATOM   333  C C    . PHE A 1 36  ? 12.429  0.500   -2.598  1.00 4.83  ? 36  PHE A C    1 
ATOM   334  O O    . PHE A 1 36  ? 13.189  0.325   -1.636  1.00 3.93  ? 36  PHE A O    1 
ATOM   335  C CB   . PHE A 1 36  ? 12.136  3.026   -2.671  1.00 3.92  ? 36  PHE A CB   1 
ATOM   336  C CG   . PHE A 1 36  ? 10.653  3.200   -2.352  1.00 4.13  ? 36  PHE A CG   1 
ATOM   337  C CD1  . PHE A 1 36  ? 10.051  2.482   -1.331  1.00 4.02  ? 36  PHE A CD1  1 
ATOM   338  C CD2  . PHE A 1 36  ? 9.911   4.115   -3.074  1.00 2.01  ? 36  PHE A CD2  1 
ATOM   339  C CE1  . PHE A 1 36  ? 8.718   2.673   -1.021  1.00 2.00  ? 36  PHE A CE1  1 
ATOM   340  C CE2  . PHE A 1 36  ? 8.585   4.295   -2.753  1.00 3.52  ? 36  PHE A CE2  1 
ATOM   341  C CZ   . PHE A 1 36  ? 7.984   3.581   -1.733  1.00 2.64  ? 36  PHE A CZ   1 
ATOM   342  H H    . PHE A 1 36  ? 10.880  1.676   -4.729  1.00 5.94  ? 36  PHE A H    1 
ATOM   343  N N    . ASP A 1 37  ? 11.409  -0.333  -2.828  1.00 3.51  ? 37  ASP A N    1 
ATOM   344  C CA   . ASP A 1 37  ? 11.261  -1.590  -2.114  1.00 2.46  ? 37  ASP A CA   1 
ATOM   345  C C    . ASP A 1 37  ? 10.165  -2.446  -2.733  1.00 2.00  ? 37  ASP A C    1 
ATOM   346  O O    . ASP A 1 37  ? 9.318   -1.957  -3.478  1.00 2.00  ? 37  ASP A O    1 
ATOM   347  C CB   . ASP A 1 37  ? 10.907  -1.397  -0.656  1.00 2.81  ? 37  ASP A CB   1 
ATOM   348  C CG   . ASP A 1 37  ? 11.169  -2.672  0.142   1.00 5.63  ? 37  ASP A CG   1 
ATOM   349  O OD1  . ASP A 1 37  ? 12.238  -3.261  0.056   1.00 6.98  ? 37  ASP A OD1  1 
ATOM   350  O OD2  . ASP A 1 37  ? 10.267  -3.118  0.824   1.00 8.23  ? 37  ASP A OD2  1 
ATOM   351  H H    . ASP A 1 37  ? 10.701  -0.091  -3.459  1.00 3.49  ? 37  ASP A H    1 
ATOM   352  N N    . SER A 1 38  ? 10.236  -3.747  -2.523  1.00 2.74  ? 38  SER A N    1 
ATOM   353  C CA   . SER A 1 38  ? 9.270   -4.680  -3.059  1.00 2.71  ? 38  SER A CA   1 
ATOM   354  C C    . SER A 1 38  ? 9.344   -5.940  -2.249  1.00 2.92  ? 38  SER A C    1 
ATOM   355  O O    . SER A 1 38  ? 10.409  -6.552  -2.076  1.00 3.58  ? 38  SER A O    1 
ATOM   356  C CB   . SER A 1 38  ? 9.585   -5.000  -4.479  1.00 3.39  ? 38  SER A CB   1 
ATOM   357  O OG   . SER A 1 38  ? 8.632   -5.913  -5.012  1.00 2.14  ? 38  SER A OG   1 
ATOM   358  H H    . SER A 1 38  ? 11.005  -4.139  -2.047  1.00 2.87  ? 38  SER A H    1 
ATOM   359  H HG   . SER A 1 38  ? 7.944   -5.401  -5.478  1.00 2.00  ? 38  SER A HG   1 
ATOM   360  N N    . SER A 1 39  ? 8.193   -6.363  -1.741  1.00 2.00  ? 39  SER A N    1 
ATOM   361  C CA   . SER A 1 39  ? 8.115   -7.654  -1.108  1.00 2.97  ? 39  SER A CA   1 
ATOM   362  C C    . SER A 1 39  ? 8.162   -8.762  -2.169  1.00 3.84  ? 39  SER A C    1 
ATOM   363  O O    . SER A 1 39  ? 8.514   -9.911  -1.879  1.00 2.88  ? 39  SER A O    1 
ATOM   364  C CB   . SER A 1 39  ? 6.842   -7.741  -0.323  1.00 2.00  ? 39  SER A CB   1 
ATOM   365  O OG   . SER A 1 39  ? 5.658   -7.613  -1.125  1.00 2.18  ? 39  SER A OG   1 
ATOM   366  H H    . SER A 1 39  ? 7.389   -5.815  -1.858  1.00 2.91  ? 39  SER A H    1 
ATOM   367  H HG   . SER A 1 39  ? 4.987   -7.479  -0.434  1.00 2.41  ? 39  SER A HG   1 
ATOM   368  N N    . ARG A 1 40  ? 7.832   -8.450  -3.441  1.00 5.90  ? 40  ARG A N    1 
ATOM   369  C CA   . ARG A 1 40  ? 7.835   -9.437  -4.526  1.00 3.59  ? 40  ARG A CA   1 
ATOM   370  C C    . ARG A 1 40  ? 9.289   -9.829  -4.751  1.00 6.26  ? 40  ARG A C    1 
ATOM   371  O O    . ARG A 1 40  ? 9.552   -10.977 -5.069  1.00 8.83  ? 40  ARG A O    1 
ATOM   372  C CB   . ARG A 1 40  ? 7.238   -8.831  -5.775  1.00 2.00  ? 40  ARG A CB   1 
ATOM   373  C CG   . ARG A 1 40  ? 5.760   -8.511  -5.624  1.00 5.79  ? 40  ARG A CG   1 
ATOM   374  C CD   . ARG A 1 40  ? 5.098   -8.066  -6.965  1.00 7.92  ? 40  ARG A CD   1 
ATOM   375  N NE   . ARG A 1 40  ? 3.653   -7.841  -6.836  1.00 13.40 ? 40  ARG A NE   1 
ATOM   376  C CZ   . ARG A 1 40  ? 3.091   -6.626  -6.621  1.00 16.89 ? 40  ARG A CZ   1 
ATOM   377  N NH1  . ARG A 1 40  ? 3.785   -5.483  -6.530  1.00 16.55 ? 40  ARG A NH1  1 
ATOM   378  N NH2  . ARG A 1 40  ? 1.765   -6.539  -6.511  1.00 18.06 ? 40  ARG A NH2  1 
ATOM   379  H H    . ARG A 1 40  ? 7.670   -7.507  -3.682  1.00 4.58  ? 40  ARG A H    1 
ATOM   380  H HE   . ARG A 1 40  ? 3.031   -8.590  -6.917  1.00 12.10 ? 40  ARG A HE   1 
ATOM   381  H HH11 . ARG A 1 40  ? 4.780   -5.480  -6.617  1.00 17.06 ? 40  ARG A HH11 1 
ATOM   382  H HH12 . ARG A 1 40  ? 3.297   -4.623  -6.368  1.00 16.71 ? 40  ARG A HH12 1 
ATOM   383  H HH21 . ARG A 1 40  ? 1.217   -7.374  -6.589  1.00 18.13 ? 40  ARG A HH21 1 
ATOM   384  H HH22 . ARG A 1 40  ? 1.326   -5.653  -6.366  1.00 17.34 ? 40  ARG A HH22 1 
ATOM   385  N N    . ASP A 1 41  ? 10.263  -8.947  -4.477  1.00 5.84  ? 41  ASP A N    1 
ATOM   386  C CA   . ASP A 1 41  ? 11.680  -9.264  -4.619  1.00 5.90  ? 41  ASP A CA   1 
ATOM   387  C C    . ASP A 1 41  ? 12.133  -10.235 -3.522  1.00 5.75  ? 41  ASP A C    1 
ATOM   388  O O    . ASP A 1 41  ? 13.036  -11.053 -3.715  1.00 4.96  ? 41  ASP A O    1 
ATOM   389  C CB   . ASP A 1 41  ? 12.562  -7.978  -4.547  1.00 4.31  ? 41  ASP A CB   1 
ATOM   390  C CG   . ASP A 1 41  ? 12.383  -6.948  -5.663  1.00 7.46  ? 41  ASP A CG   1 
ATOM   391  O OD1  . ASP A 1 41  ? 11.889  -7.274  -6.745  1.00 8.47  ? 41  ASP A OD1  1 
ATOM   392  O OD2  . ASP A 1 41  ? 12.719  -5.791  -5.441  1.00 8.78  ? 41  ASP A OD2  1 
ATOM   393  H H    . ASP A 1 41  ? 10.004  -8.044  -4.200  1.00 6.34  ? 41  ASP A H    1 
ATOM   394  N N    . ARG A 1 42  ? 11.517  -10.096 -2.344  1.00 5.81  ? 42  ARG A N    1 
ATOM   395  C CA   . ARG A 1 42  ? 11.736  -10.962 -1.211  1.00 4.85  ? 42  ARG A CA   1 
ATOM   396  C C    . ARG A 1 42  ? 10.971  -12.267 -1.293  1.00 6.30  ? 42  ARG A C    1 
ATOM   397  O O    . ARG A 1 42  ? 11.314  -13.241 -0.611  1.00 2.98  ? 42  ARG A O    1 
ATOM   398  C CB   . ARG A 1 42  ? 11.321  -10.283 0.076   1.00 6.16  ? 42  ARG A CB   1 
ATOM   399  C CG   . ARG A 1 42  ? 12.072  -8.983  0.200   1.00 6.58  ? 42  ARG A CG   1 
ATOM   400  C CD   . ARG A 1 42  ? 11.972  -8.469  1.599   1.00 6.54  ? 42  ARG A CD   1 
ATOM   401  N NE   . ARG A 1 42  ? 10.695  -7.946  2.080   1.00 8.34  ? 42  ARG A NE   1 
ATOM   402  C CZ   . ARG A 1 42  ? 10.281  -6.696  1.839   1.00 9.26  ? 42  ARG A CZ   1 
ATOM   403  N NH1  . ARG A 1 42  ? 10.949  -5.906  1.029   1.00 8.30  ? 42  ARG A NH1  1 
ATOM   404  N NH2  . ARG A 1 42  ? 9.131   -6.253  2.346   1.00 9.91  ? 42  ARG A NH2  1 
ATOM   405  H H    . ARG A 1 42  ? 10.918  -9.330  -2.232  1.00 6.20  ? 42  ARG A H    1 
ATOM   406  H HE   . ARG A 1 42  ? 10.110  -8.529  2.606   1.00 8.29  ? 42  ARG A HE   1 
ATOM   407  H HH11 . ARG A 1 42  ? 11.788  -6.228  0.594   1.00 8.60  ? 42  ARG A HH11 1 
ATOM   408  H HH12 . ARG A 1 42  ? 10.610  -4.989  0.848   1.00 9.23  ? 42  ARG A HH12 1 
ATOM   409  H HH21 . ARG A 1 42  ? 8.555   -6.835  2.922   1.00 9.32  ? 42  ARG A HH21 1 
ATOM   410  H HH22 . ARG A 1 42  ? 8.874   -5.299  2.186   1.00 9.96  ? 42  ARG A HH22 1 
ATOM   411  N N    . ASN A 1 43  ? 9.889   -12.270 -2.083  1.00 8.09  ? 43  ASN A N    1 
ATOM   412  C CA   . ASN A 1 43  ? 9.008   -13.410 -2.220  1.00 9.30  ? 43  ASN A CA   1 
ATOM   413  C C    . ASN A 1 43  ? 8.480   -13.804 -0.851  1.00 10.86 ? 43  ASN A C    1 
ATOM   414  O O    . ASN A 1 43  ? 8.574   -14.934 -0.378  1.00 9.86  ? 43  ASN A O    1 
ATOM   415  C CB   . ASN A 1 43  ? 9.785   -14.532 -2.831  1.00 12.18 ? 43  ASN A CB   1 
ATOM   416  C CG   . ASN A 1 43  ? 8.898   -15.711 -3.144  1.00 19.69 ? 43  ASN A CG   1 
ATOM   417  O OD1  . ASN A 1 43  ? 7.856   -15.579 -3.809  1.00 25.14 ? 43  ASN A OD1  1 
ATOM   418  N ND2  . ASN A 1 43  ? 9.274   -16.877 -2.636  1.00 19.50 ? 43  ASN A ND2  1 
ATOM   419  H H    . ASN A 1 43  ? 9.700   -11.475 -2.623  1.00 8.02  ? 43  ASN A H    1 
ATOM   420  H HD21 . ASN A 1 43  ? 8.763   -17.674 -2.872  1.00 19.91 ? 43  ASN A HD21 1 
ATOM   421  H HD22 . ASN A 1 43  ? 10.046  -16.881 -2.033  1.00 19.82 ? 43  ASN A HD22 1 
ATOM   422  N N    . LYS A 1 44  ? 8.027   -12.789 -0.141  1.00 11.49 ? 44  LYS A N    1 
ATOM   423  C CA   . LYS A 1 44  ? 7.495   -12.971 1.189   1.00 10.73 ? 44  LYS A CA   1 
ATOM   424  C C    . LYS A 1 44  ? 6.498   -11.832 1.308   1.00 9.30  ? 44  LYS A C    1 
ATOM   425  O O    . LYS A 1 44  ? 6.945   -10.697 1.214   1.00 8.49  ? 44  LYS A O    1 
ATOM   426  C CB   . LYS A 1 44  ? 8.623   -12.807 2.163   1.00 15.45 ? 44  LYS A CB   1 
ATOM   427  C CG   . LYS A 1 44  ? 8.325   -13.089 3.620   1.00 18.31 ? 44  LYS A CG   1 
ATOM   428  C CD   . LYS A 1 44  ? 9.614   -12.759 4.330   1.00 19.69 ? 44  LYS A CD   1 
ATOM   429  C CE   . LYS A 1 44  ? 9.570   -13.471 5.665   1.00 22.76 ? 44  LYS A CE   1 
ATOM   430  N NZ   . LYS A 1 44  ? 8.546   -12.970 6.562   1.00 23.50 ? 44  LYS A NZ   1 
ATOM   431  H H    . LYS A 1 44  ? 8.130   -11.870 -0.475  1.00 10.93 ? 44  LYS A H    1 
ATOM   432  H HZ1  . LYS A 1 44  ? 7.608   -13.060 6.116   1.00 23.72 ? 44  LYS A HZ1  1 
ATOM   433  H HZ2  . LYS A 1 44  ? 8.562   -13.523 7.444   1.00 23.70 ? 44  LYS A HZ2  1 
ATOM   434  H HZ3  . LYS A 1 44  ? 8.733   -11.969 6.778   1.00 23.56 ? 44  LYS A HZ3  1 
ATOM   435  N N    . PRO A 1 45  ? 5.173   -12.038 1.352   1.00 8.69  ? 45  PRO A N    1 
ATOM   436  C CA   . PRO A 1 45  ? 4.157   -11.006 1.536   1.00 5.21  ? 45  PRO A CA   1 
ATOM   437  C C    . PRO A 1 45  ? 4.374   -10.334 2.876   1.00 2.65  ? 45  PRO A C    1 
ATOM   438  O O    . PRO A 1 45  ? 4.773   -10.947 3.862   1.00 2.00  ? 45  PRO A O    1 
ATOM   439  C CB   . PRO A 1 45  ? 2.828   -11.705 1.509   1.00 4.69  ? 45  PRO A CB   1 
ATOM   440  C CG   . PRO A 1 45  ? 3.114   -12.993 0.794   1.00 6.39  ? 45  PRO A CG   1 
ATOM   441  C CD   . PRO A 1 45  ? 4.523   -13.345 1.256   1.00 9.28  ? 45  PRO A CD   1 
ATOM   442  N N    . PHE A 1 46  ? 3.935   -9.107  2.914   1.00 2.08  ? 46  PHE A N    1 
ATOM   443  C CA   . PHE A 1 46  ? 4.083   -8.230  4.048   1.00 2.00  ? 46  PHE A CA   1 
ATOM   444  C C    . PHE A 1 46  ? 2.732   -8.323  4.723   1.00 2.00  ? 46  PHE A C    1 
ATOM   445  O O    . PHE A 1 46  ? 1.701   -8.365  4.059   1.00 2.00  ? 46  PHE A O    1 
ATOM   446  C CB   . PHE A 1 46  ? 4.414   -6.818  3.506   1.00 2.00  ? 46  PHE A CB   1 
ATOM   447  C CG   . PHE A 1 46  ? 4.470   -5.770  4.603   1.00 2.28  ? 46  PHE A CG   1 
ATOM   448  C CD1  . PHE A 1 46  ? 5.592   -5.659  5.391   1.00 2.00  ? 46  PHE A CD1  1 
ATOM   449  C CD2  . PHE A 1 46  ? 3.358   -4.992  4.840   1.00 2.00  ? 46  PHE A CD2  1 
ATOM   450  C CE1  . PHE A 1 46  ? 5.625   -4.770  6.445   1.00 2.92  ? 46  PHE A CE1  1 
ATOM   451  C CE2  . PHE A 1 46  ? 3.383   -4.108  5.892   1.00 4.27  ? 46  PHE A CE2  1 
ATOM   452  C CZ   . PHE A 1 46  ? 4.509   -3.990  6.700   1.00 4.80  ? 46  PHE A CZ   1 
ATOM   453  H H    . PHE A 1 46  ? 3.325   -8.819  2.208   1.00 2.00  ? 46  PHE A H    1 
ATOM   454  N N    . LYS A 1 47  ? 2.704   -8.329  6.040   1.00 2.00  ? 47  LYS A N    1 
ATOM   455  C CA   . LYS A 1 47  ? 1.437   -8.408  6.752   1.00 2.00  ? 47  LYS A CA   1 
ATOM   456  C C    . LYS A 1 47  ? 1.322   -7.174  7.618   1.00 4.17  ? 47  LYS A C    1 
ATOM   457  O O    . LYS A 1 47  ? 2.340   -6.771  8.173   1.00 2.00  ? 47  LYS A O    1 
ATOM   458  C CB   . LYS A 1 47  ? 1.372   -9.593  7.699   1.00 2.70  ? 47  LYS A CB   1 
ATOM   459  C CG   . LYS A 1 47  ? 1.607   -10.907 6.976   1.00 5.14  ? 47  LYS A CG   1 
ATOM   460  C CD   . LYS A 1 47  ? 1.280   -12.075 7.899   1.00 8.53  ? 47  LYS A CD   1 
ATOM   461  C CE   . LYS A 1 47  ? 1.391   -13.218 6.924   1.00 13.28 ? 47  LYS A CE   1 
ATOM   462  N NZ   . LYS A 1 47  ? 0.880   -14.386 7.574   1.00 16.65 ? 47  LYS A NZ   1 
ATOM   463  H H    . LYS A 1 47  ? 3.474   -8.004  6.547   1.00 2.00  ? 47  LYS A H    1 
ATOM   464  H HZ1  . LYS A 1 47  ? -0.096  -14.211 7.883   1.00 15.76 ? 47  LYS A HZ1  1 
ATOM   465  H HZ2  . LYS A 1 47  ? 0.898   -15.179 6.900   1.00 15.94 ? 47  LYS A HZ2  1 
ATOM   466  H HZ3  . LYS A 1 47  ? 1.475   -14.593 8.402   1.00 15.74 ? 47  LYS A HZ3  1 
ATOM   467  N N    . PHE A 1 48  ? 0.150   -6.573  7.784   1.00 3.11  ? 48  PHE A N    1 
ATOM   468  C CA   . PHE A 1 48  ? -0.028  -5.490  8.746   1.00 2.49  ? 48  PHE A CA   1 
ATOM   469  C C    . PHE A 1 48  ? -1.473  -5.583  9.221   1.00 2.00  ? 48  PHE A C    1 
ATOM   470  O O    . PHE A 1 48  ? -2.320  -6.056  8.472   1.00 2.00  ? 48  PHE A O    1 
ATOM   471  C CB   . PHE A 1 48  ? 0.208   -4.109  8.104   1.00 2.00  ? 48  PHE A CB   1 
ATOM   472  C CG   . PHE A 1 48  ? -0.790  -3.682  7.028   1.00 2.00  ? 48  PHE A CG   1 
ATOM   473  C CD1  . PHE A 1 48  ? -0.660  -4.139  5.733   1.00 2.00  ? 48  PHE A CD1  1 
ATOM   474  C CD2  . PHE A 1 48  ? -1.820  -2.843  7.381   1.00 2.00  ? 48  PHE A CD2  1 
ATOM   475  C CE1  . PHE A 1 48  ? -1.589  -3.737  4.809   1.00 2.00  ? 48  PHE A CE1  1 
ATOM   476  C CE2  . PHE A 1 48  ? -2.746  -2.444  6.448   1.00 2.00  ? 48  PHE A CE2  1 
ATOM   477  C CZ   . PHE A 1 48  ? -2.623  -2.895  5.162   1.00 2.00  ? 48  PHE A CZ   1 
ATOM   478  H H    . PHE A 1 48  ? -0.623  -6.863  7.252   1.00 2.96  ? 48  PHE A H    1 
ATOM   479  N N    . MET A 1 49  ? -1.831  -5.161  10.410  1.00 2.00  ? 49  MET A N    1 
ATOM   480  C CA   . MET A 1 49  ? -3.213  -5.155  10.822  1.00 2.00  ? 49  MET A CA   1 
ATOM   481  C C    . MET A 1 49  ? -3.846  -3.814  10.518  1.00 3.47  ? 49  MET A C    1 
ATOM   482  O O    . MET A 1 49  ? -3.335  -2.784  10.937  1.00 3.13  ? 49  MET A O    1 
ATOM   483  C CB   . MET A 1 49  ? -3.271  -5.454  12.302  1.00 4.22  ? 49  MET A CB   1 
ATOM   484  C CG   . MET A 1 49  ? -4.666  -5.377  12.913  1.00 2.00  ? 49  MET A CG   1 
ATOM   485  S SD   . MET A 1 49  ? -4.768  -5.718  14.674  1.00 6.64  ? 49  MET A SD   1 
ATOM   486  C CE   . MET A 1 49  ? -4.196  -7.369  14.578  1.00 7.07  ? 49  MET A CE   1 
ATOM   487  H H    . MET A 1 49  ? -1.151  -4.838  11.027  1.00 2.00  ? 49  MET A H    1 
ATOM   488  N N    . LEU A 1 50  ? -4.965  -3.770  9.830   1.00 4.12  ? 50  LEU A N    1 
ATOM   489  C CA   . LEU A 1 50  ? -5.697  -2.566  9.573   1.00 4.81  ? 50  LEU A CA   1 
ATOM   490  C C    . LEU A 1 50  ? -6.241  -1.968  10.886  1.00 5.86  ? 50  LEU A C    1 
ATOM   491  O O    . LEU A 1 50  ? -6.756  -2.646  11.789  1.00 2.97  ? 50  LEU A O    1 
ATOM   492  C CB   . LEU A 1 50  ? -6.797  -2.935  8.564   1.00 9.00  ? 50  LEU A CB   1 
ATOM   493  C CG   . LEU A 1 50  ? -7.520  -1.782  7.928   1.00 7.69  ? 50  LEU A CG   1 
ATOM   494  C CD1  . LEU A 1 50  ? -6.583  -1.096  6.972   1.00 10.43 ? 50  LEU A CD1  1 
ATOM   495  C CD2  . LEU A 1 50  ? -8.703  -2.249  7.145   1.00 8.75  ? 50  LEU A CD2  1 
ATOM   496  H H    . LEU A 1 50  ? -5.329  -4.625  9.505   1.00 4.89  ? 50  LEU A H    1 
ATOM   497  N N    . GLY A 1 51  ? -5.978  -0.662  11.066  1.00 6.80  ? 51  GLY A N    1 
ATOM   498  C CA   . GLY A 1 51  ? -6.428  0.051   12.235  1.00 6.37  ? 51  GLY A CA   1 
ATOM   499  C C    . GLY A 1 51  ? -5.368  0.139   13.298  1.00 7.07  ? 51  GLY A C    1 
ATOM   500  O O    . GLY A 1 51  ? -5.517  0.923   14.223  1.00 8.05  ? 51  GLY A O    1 
ATOM   501  H H    . GLY A 1 51  ? -5.444  -0.179  10.409  1.00 6.61  ? 51  GLY A H    1 
ATOM   502  N N    . LYS A 1 52  ? -4.267  -0.591  13.240  1.00 6.94  ? 52  LYS A N    1 
ATOM   503  C CA   . LYS A 1 52  ? -3.256  -0.601  14.279  1.00 7.94  ? 52  LYS A CA   1 
ATOM   504  C C    . LYS A 1 52  ? -2.309  0.608   14.219  1.00 8.56  ? 52  LYS A C    1 
ATOM   505  O O    . LYS A 1 52  ? -1.413  0.754   15.054  1.00 7.09  ? 52  LYS A O    1 
ATOM   506  C CB   . LYS A 1 52  ? -2.479  -1.851  14.122  1.00 9.75  ? 52  LYS A CB   1 
ATOM   507  C CG   . LYS A 1 52  ? -1.869  -2.486  15.339  1.00 13.17 ? 52  LYS A CG   1 
ATOM   508  C CD   . LYS A 1 52  ? -0.864  -3.490  14.817  1.00 15.33 ? 52  LYS A CD   1 
ATOM   509  C CE   . LYS A 1 52  ? -1.077  -4.844  15.450  1.00 17.26 ? 52  LYS A CE   1 
ATOM   510  N NZ   . LYS A 1 52  ? 0.053   -5.682  15.089  1.00 19.58 ? 52  LYS A NZ   1 
ATOM   511  H H    . LYS A 1 52  ? -4.138  -1.170  12.463  1.00 7.74  ? 52  LYS A H    1 
ATOM   512  H HZ1  . LYS A 1 52  ? 0.925   -5.217  15.413  1.00 18.68 ? 52  LYS A HZ1  1 
ATOM   513  H HZ2  . LYS A 1 52  ? -0.029  -6.620  15.531  1.00 18.71 ? 52  LYS A HZ2  1 
ATOM   514  H HZ3  . LYS A 1 52  ? 0.080   -5.783  14.056  1.00 18.90 ? 52  LYS A HZ3  1 
ATOM   515  N N    . GLN A 1 53  ? -2.512  1.482   13.231  1.00 7.99  ? 53  GLN A N    1 
ATOM   516  C CA   . GLN A 1 53  ? -1.648  2.613   12.974  1.00 9.75  ? 53  GLN A CA   1 
ATOM   517  C C    . GLN A 1 53  ? -0.208  2.173   12.722  1.00 9.30  ? 53  GLN A C    1 
ATOM   518  O O    . GLN A 1 53  ? 0.713   2.768   13.278  1.00 8.64  ? 53  GLN A O    1 
ATOM   519  C CB   . GLN A 1 53  ? -1.727  3.575   14.172  1.00 10.67 ? 53  GLN A CB   1 
ATOM   520  C CG   . GLN A 1 53  ? -3.122  4.127   14.389  1.00 12.65 ? 53  GLN A CG   1 
ATOM   521  C CD   . GLN A 1 53  ? -3.321  4.735   15.772  1.00 11.95 ? 53  GLN A CD   1 
ATOM   522  O OE1  . GLN A 1 53  ? -4.462  4.915   16.202  1.00 12.47 ? 53  GLN A OE1  1 
ATOM   523  N NE2  . GLN A 1 53  ? -2.278  5.133   16.487  1.00 8.53  ? 53  GLN A NE2  1 
ATOM   524  H H    . GLN A 1 53  ? -3.349  1.456   12.722  1.00 8.37  ? 53  GLN A H    1 
ATOM   525  H HE21 . GLN A 1 53  ? -2.417  5.755   17.214  1.00 9.51  ? 53  GLN A HE21 1 
ATOM   526  H HE22 . GLN A 1 53  ? -1.376  4.904   16.171  1.00 9.85  ? 53  GLN A HE22 1 
ATOM   527  N N    . GLU A 1 54  ? 0.061   1.139   11.912  1.00 8.74  ? 54  GLU A N    1 
ATOM   528  C CA   . GLU A 1 54  ? 1.450   0.704   11.759  1.00 7.04  ? 54  GLU A CA   1 
ATOM   529  C C    . GLU A 1 54  ? 2.046   0.845   10.363  1.00 4.75  ? 54  GLU A C    1 
ATOM   530  O O    . GLU A 1 54  ? 3.179   0.512   10.059  1.00 3.70  ? 54  GLU A O    1 
ATOM   531  C CB   . GLU A 1 54  ? 1.536   -0.718  12.249  1.00 5.60  ? 54  GLU A CB   1 
ATOM   532  C CG   . GLU A 1 54  ? 1.134   -1.809  11.263  1.00 5.90  ? 54  GLU A CG   1 
ATOM   533  C CD   . GLU A 1 54  ? 1.440   -3.162  11.876  1.00 8.24  ? 54  GLU A CD   1 
ATOM   534  O OE1  . GLU A 1 54  ? 2.554   -3.390  12.358  1.00 7.55  ? 54  GLU A OE1  1 
ATOM   535  O OE2  . GLU A 1 54  ? 0.533   -3.991  11.863  1.00 6.61  ? 54  GLU A OE2  1 
ATOM   536  H H    . GLU A 1 54  ? -0.653  0.687   11.415  1.00 9.00  ? 54  GLU A H    1 
ATOM   537  N N    . VAL A 1 55  ? 1.228   1.345   9.467   1.00 4.01  ? 55  VAL A N    1 
ATOM   538  C CA   . VAL A 1 55  ? 1.634   1.647   8.115   1.00 3.75  ? 55  VAL A CA   1 
ATOM   539  C C    . VAL A 1 55  ? 1.125   3.065   7.891   1.00 3.45  ? 55  VAL A C    1 
ATOM   540  O O    . VAL A 1 55  ? 0.328   3.547   8.705   1.00 3.62  ? 55  VAL A O    1 
ATOM   541  C CB   . VAL A 1 55  ? 0.982   0.690   7.103   1.00 2.00  ? 55  VAL A CB   1 
ATOM   542  C CG1  . VAL A 1 55  ? 1.497   -0.687  7.361   1.00 2.00  ? 55  VAL A CG1  1 
ATOM   543  C CG2  . VAL A 1 55  ? -0.547  0.731   7.212   1.00 5.19  ? 55  VAL A CG2  1 
ATOM   544  H H    . VAL A 1 55  ? 0.351   1.680   9.738   1.00 4.15  ? 55  VAL A H    1 
ATOM   545  N N    . ILE A 1 56  ? 1.607   3.737   6.839   1.00 4.23  ? 56  ILE A N    1 
ATOM   546  C CA   . ILE A 1 56  ? 1.170   5.066   6.451   1.00 4.83  ? 56  ILE A CA   1 
ATOM   547  C C    . ILE A 1 56  ? -0.298  5.138   6.167   1.00 5.25  ? 56  ILE A C    1 
ATOM   548  O O    . ILE A 1 56  ? -0.912  4.176   5.675   1.00 2.50  ? 56  ILE A O    1 
ATOM   549  C CB   . ILE A 1 56  ? 1.804   5.625   5.176   1.00 7.17  ? 56  ILE A CB   1 
ATOM   550  C CG1  . ILE A 1 56  ? 2.112   4.606   4.081   1.00 6.08  ? 56  ILE A CG1  1 
ATOM   551  C CG2  . ILE A 1 56  ? 2.963   6.407   5.715   1.00 7.75  ? 56  ILE A CG2  1 
ATOM   552  C CD1  . ILE A 1 56  ? 2.151   5.189   2.661   1.00 7.33  ? 56  ILE A CD1  1 
ATOM   553  H H    . ILE A 1 56  ? 2.312   3.318   6.299   1.00 4.06  ? 56  ILE A H    1 
ATOM   554  N N    . ARG A 1 57  ? -0.830  6.341   6.379   1.00 6.28  ? 57  ARG A N    1 
ATOM   555  C CA   . ARG A 1 57  ? -2.265  6.581   6.222   1.00 7.40  ? 57  ARG A CA   1 
ATOM   556  C C    . ARG A 1 57  ? -2.793  6.182   4.833   1.00 7.25  ? 57  ARG A C    1 
ATOM   557  O O    . ARG A 1 57  ? -3.889  5.622   4.686   1.00 6.57  ? 57  ARG A O    1 
ATOM   558  C CB   . ARG A 1 57  ? -2.562  8.063   6.488   1.00 9.79  ? 57  ARG A CB   1 
ATOM   559  C CG   . ARG A 1 57  ? -4.021  8.333   6.648   1.00 12.61 ? 57  ARG A CG   1 
ATOM   560  C CD   . ARG A 1 57  ? -4.049  9.800   6.783   1.00 20.74 ? 57  ARG A CD   1 
ATOM   561  N NE   . ARG A 1 57  ? -5.393  10.355  6.864   1.00 25.97 ? 57  ARG A NE   1 
ATOM   562  C CZ   . ARG A 1 57  ? -5.548  11.694  6.945   1.00 28.49 ? 57  ARG A CZ   1 
ATOM   563  N NH1  . ARG A 1 57  ? -4.481  12.529  6.948   1.00 28.36 ? 57  ARG A NH1  1 
ATOM   564  N NH2  . ARG A 1 57  ? -6.782  12.212  7.034   1.00 29.29 ? 57  ARG A NH2  1 
ATOM   565  H H    . ARG A 1 57  ? -0.240  7.075   6.671   1.00 6.44  ? 57  ARG A H    1 
ATOM   566  H HE   . ARG A 1 57  ? -6.178  9.765   6.840   1.00 24.64 ? 57  ARG A HE   1 
ATOM   567  H HH11 . ARG A 1 57  ? -3.548  12.169  6.905   1.00 27.99 ? 57  ARG A HH11 1 
ATOM   568  H HH12 . ARG A 1 57  ? -4.622  13.516  7.019   1.00 28.41 ? 57  ARG A HH12 1 
ATOM   569  H HH21 . ARG A 1 57  ? -7.577  11.603  7.034   1.00 29.04 ? 57  ARG A HH21 1 
ATOM   570  H HH22 . ARG A 1 57  ? -6.910  13.203  7.088   1.00 28.81 ? 57  ARG A HH22 1 
ATOM   571  N N    . GLY A 1 58  ? -2.026  6.403   3.775   1.00 5.19  ? 58  GLY A N    1 
ATOM   572  C CA   . GLY A 1 58  ? -2.471  6.057   2.440   1.00 6.34  ? 58  GLY A CA   1 
ATOM   573  C C    . GLY A 1 58  ? -2.702  4.553   2.274   1.00 5.00  ? 58  GLY A C    1 
ATOM   574  O O    . GLY A 1 58  ? -3.517  4.168   1.455   1.00 3.23  ? 58  GLY A O    1 
ATOM   575  H H    . GLY A 1 58  ? -1.168  6.858   3.907   1.00 6.30  ? 58  GLY A H    1 
ATOM   576  N N    . TRP A 1 59  ? -2.008  3.692   3.040   1.00 5.74  ? 59  TRP A N    1 
ATOM   577  C CA   . TRP A 1 59  ? -2.185  2.238   3.012   1.00 6.44  ? 59  TRP A CA   1 
ATOM   578  C C    . TRP A 1 59  ? -3.450  1.900   3.793   1.00 7.08  ? 59  TRP A C    1 
ATOM   579  O O    . TRP A 1 59  ? -4.325  1.228   3.277   1.00 6.49  ? 59  TRP A O    1 
ATOM   580  C CB   . TRP A 1 59  ? -0.993  1.573   3.658   1.00 3.89  ? 59  TRP A CB   1 
ATOM   581  C CG   . TRP A 1 59  ? 0.018   1.190   2.614   1.00 6.40  ? 59  TRP A CG   1 
ATOM   582  C CD1  . TRP A 1 59  ? 0.512   2.104   1.728   1.00 7.60  ? 59  TRP A CD1  1 
ATOM   583  C CD2  . TRP A 1 59  ? 0.487   -0.073  2.401   1.00 5.02  ? 59  TRP A CD2  1 
ATOM   584  N NE1  . TRP A 1 59  ? 1.290   1.407   0.949   1.00 8.59  ? 59  TRP A NE1  1 
ATOM   585  C CE2  . TRP A 1 59  ? 1.298   0.121   1.312   1.00 8.47  ? 59  TRP A CE2  1 
ATOM   586  C CE3  . TRP A 1 59  ? 0.334   -1.312  2.943   1.00 6.16  ? 59  TRP A CE3  1 
ATOM   587  C CZ2  . TRP A 1 59  ? 1.982   -0.923  0.732   1.00 9.01  ? 59  TRP A CZ2  1 
ATOM   588  C CZ3  . TRP A 1 59  ? 1.005   -2.366  2.376   1.00 6.45  ? 59  TRP A CZ3  1 
ATOM   589  C CH2  . TRP A 1 59  ? 1.819   -2.176  1.282   1.00 9.72  ? 59  TRP A CH2  1 
ATOM   590  H H    . TRP A 1 59  ? -1.370  4.066   3.688   1.00 5.20  ? 59  TRP A H    1 
ATOM   591  H HE1  . TRP A 1 59  ? 1.668   1.740   0.104   1.00 8.53  ? 59  TRP A HE1  1 
ATOM   592  N N    . GLU A 1 60  ? -3.625  2.413   5.008   1.00 8.26  ? 60  GLU A N    1 
ATOM   593  C CA   . GLU A 1 60  ? -4.848  2.238   5.794   1.00 9.15  ? 60  GLU A CA   1 
ATOM   594  C C    . GLU A 1 60  ? -6.078  2.586   4.981   1.00 8.83  ? 60  GLU A C    1 
ATOM   595  O O    . GLU A 1 60  ? -7.019  1.805   4.879   1.00 9.14  ? 60  GLU A O    1 
ATOM   596  C CB   . GLU A 1 60  ? -4.821  3.137   6.981   1.00 10.97 ? 60  GLU A CB   1 
ATOM   597  C CG   . GLU A 1 60  ? -3.806  2.739   7.996   1.00 18.79 ? 60  GLU A CG   1 
ATOM   598  C CD   . GLU A 1 60  ? -4.315  1.799   9.069   1.00 21.87 ? 60  GLU A CD   1 
ATOM   599  O OE1  . GLU A 1 60  ? -5.525  1.741   9.314   1.00 26.86 ? 60  GLU A OE1  1 
ATOM   600  O OE2  . GLU A 1 60  ? -3.487  1.161   9.710   1.00 25.67 ? 60  GLU A OE2  1 
ATOM   601  H H    . GLU A 1 60  ? -2.896  2.955   5.378   1.00 8.55  ? 60  GLU A H    1 
ATOM   602  N N    . GLU A 1 61  ? -6.064  3.752   4.328   1.00 7.83  ? 61  GLU A N    1 
ATOM   603  C CA   . GLU A 1 61  ? -7.197  4.186   3.550   1.00 8.04  ? 61  GLU A CA   1 
ATOM   604  C C    . GLU A 1 61  ? -7.332  3.492   2.196   1.00 4.78  ? 61  GLU A C    1 
ATOM   605  O O    . GLU A 1 61  ? -8.445  3.236   1.753   1.00 5.95  ? 61  GLU A O    1 
ATOM   606  C CB   . GLU A 1 61  ? -7.091  5.661   3.331   1.00 10.70 ? 61  GLU A CB   1 
ATOM   607  C CG   . GLU A 1 61  ? -6.998  6.395   4.650   1.00 17.89 ? 61  GLU A CG   1 
ATOM   608  C CD   . GLU A 1 61  ? -8.116  7.372   4.994   1.00 22.54 ? 61  GLU A CD   1 
ATOM   609  O OE1  . GLU A 1 61  ? -9.127  7.434   4.278   1.00 27.78 ? 61  GLU A OE1  1 
ATOM   610  O OE2  . GLU A 1 61  ? -7.964  8.075   6.002   1.00 26.16 ? 61  GLU A OE2  1 
ATOM   611  H H    . GLU A 1 61  ? -5.299  4.352   4.426   1.00 7.87  ? 61  GLU A H    1 
ATOM   612  N N    . GLY A 1 62  ? -6.225  3.131   1.562   1.00 2.58  ? 62  GLY A N    1 
ATOM   613  C CA   . GLY A 1 62  ? -6.225  2.593   0.227   1.00 4.42  ? 62  GLY A CA   1 
ATOM   614  C C    . GLY A 1 62  ? -6.475  1.108   0.217   1.00 4.68  ? 62  GLY A C    1 
ATOM   615  O O    . GLY A 1 62  ? -7.278  0.604   -0.568  1.00 5.66  ? 62  GLY A O    1 
ATOM   616  H H    . GLY A 1 62  ? -5.360  3.238   2.007   1.00 3.34  ? 62  GLY A H    1 
ATOM   617  N N    . VAL A 1 63  ? -5.833  0.376   1.112   1.00 3.77  ? 63  VAL A N    1 
ATOM   618  C CA   . VAL A 1 63  ? -6.005  -1.054  1.125   1.00 3.54  ? 63  VAL A CA   1 
ATOM   619  C C    . VAL A 1 63  ? -7.412  -1.365  1.656   1.00 4.11  ? 63  VAL A C    1 
ATOM   620  O O    . VAL A 1 63  ? -7.999  -2.377  1.271   1.00 5.28  ? 63  VAL A O    1 
ATOM   621  C CB   . VAL A 1 63  ? -4.876  -1.713  1.987   1.00 3.05  ? 63  VAL A CB   1 
ATOM   622  C CG1  . VAL A 1 63  ? -4.992  -3.248  1.895   1.00 2.00  ? 63  VAL A CG1  1 
ATOM   623  C CG2  . VAL A 1 63  ? -3.505  -1.459  1.386   1.00 2.00  ? 63  VAL A CG2  1 
ATOM   624  H H    . VAL A 1 63  ? -5.278  0.816   1.776   1.00 3.52  ? 63  VAL A H    1 
ATOM   625  N N    . ALA A 1 64  ? -8.065  -0.548  2.474   1.00 3.19  ? 64  ALA A N    1 
ATOM   626  C CA   . ALA A 1 64  ? -9.414  -0.847  2.938   1.00 3.81  ? 64  ALA A CA   1 
ATOM   627  C C    . ALA A 1 64  ? -10.470 -0.768  1.832   1.00 4.78  ? 64  ALA A C    1 
ATOM   628  O O    . ALA A 1 64  ? -11.603 -1.227  1.977   1.00 7.41  ? 64  ALA A O    1 
ATOM   629  C CB   . ALA A 1 64  ? -9.789  0.118   4.060   1.00 4.32  ? 64  ALA A CB   1 
ATOM   630  H H    . ALA A 1 64  ? -7.587  0.216   2.862   1.00 4.14  ? 64  ALA A H    1 
ATOM   631  N N    . GLN A 1 65  ? -10.127 -0.254  0.663   1.00 4.13  ? 65  GLN A N    1 
ATOM   632  C CA   . GLN A 1 65  ? -11.046 -0.134  -0.441  1.00 3.41  ? 65  GLN A CA   1 
ATOM   633  C C    . GLN A 1 65  ? -10.883 -1.296  -1.397  1.00 2.01  ? 65  GLN A C    1 
ATOM   634  O O    . GLN A 1 65  ? -11.599 -1.402  -2.393  1.00 2.94  ? 65  GLN A O    1 
ATOM   635  C CB   . GLN A 1 65  ? -10.772 1.154   -1.200  1.00 2.81  ? 65  GLN A CB   1 
ATOM   636  C CG   . GLN A 1 65  ? -10.941 2.415   -0.357  1.00 4.10  ? 65  GLN A CG   1 
ATOM   637  C CD   . GLN A 1 65  ? -10.672 3.712   -1.122  1.00 2.74  ? 65  GLN A CD   1 
ATOM   638  O OE1  . GLN A 1 65  ? -11.142 3.976   -2.219  1.00 2.02  ? 65  GLN A OE1  1 
ATOM   639  N NE2  . GLN A 1 65  ? -9.883  4.574   -0.535  1.00 5.42  ? 65  GLN A NE2  1 
ATOM   640  H H    . GLN A 1 65  ? -9.196  0.006   0.518   1.00 4.92  ? 65  GLN A H    1 
ATOM   641  H HE21 . GLN A 1 65  ? -9.762  5.456   -0.942  1.00 5.38  ? 65  GLN A HE21 1 
ATOM   642  H HE22 . GLN A 1 65  ? -9.471  4.316   0.316   1.00 4.90  ? 65  GLN A HE22 1 
ATOM   643  N N    . MET A 1 66  ? -9.916  -2.158  -1.140  1.00 2.46  ? 66  MET A N    1 
ATOM   644  C CA   . MET A 1 66  ? -9.573  -3.245  -2.037  1.00 2.44  ? 66  MET A CA   1 
ATOM   645  C C    . MET A 1 66  ? -10.239 -4.516  -1.543  1.00 2.55  ? 66  MET A C    1 
ATOM   646  O O    . MET A 1 66  ? -10.464 -4.657  -0.341  1.00 2.00  ? 66  MET A O    1 
ATOM   647  C CB   . MET A 1 66  ? -8.072  -3.426  -2.053  1.00 2.30  ? 66  MET A CB   1 
ATOM   648  C CG   . MET A 1 66  ? -7.400  -2.301  -2.825  1.00 2.00  ? 66  MET A CG   1 
ATOM   649  S SD   . MET A 1 66  ? -5.640  -2.556  -2.603  1.00 2.30  ? 66  MET A SD   1 
ATOM   650  C CE   . MET A 1 66  ? -5.477  -3.836  -3.824  1.00 2.00  ? 66  MET A CE   1 
ATOM   651  H H    . MET A 1 66  ? -9.514  -2.185  -0.249  1.00 2.00  ? 66  MET A H    1 
ATOM   652  N N    . SER A 1 67  ? -10.590 -5.435  -2.448  1.00 4.20  ? 67  SER A N    1 
ATOM   653  C CA   . SER A 1 67  ? -11.220 -6.699  -2.066  1.00 3.71  ? 67  SER A CA   1 
ATOM   654  C C    . SER A 1 67  ? -10.184 -7.779  -2.270  1.00 3.58  ? 67  SER A C    1 
ATOM   655  O O    . SER A 1 67  ? -9.236  -7.579  -3.038  1.00 4.45  ? 67  SER A O    1 
ATOM   656  C CB   . SER A 1 67  ? -12.460 -6.988  -2.922  1.00 2.00  ? 67  SER A CB   1 
ATOM   657  O OG   . SER A 1 67  ? -12.317 -7.031  -4.337  1.00 2.00  ? 67  SER A OG   1 
ATOM   658  H H    . SER A 1 67  ? -10.359 -5.284  -3.388  1.00 3.73  ? 67  SER A H    1 
ATOM   659  H HG   . SER A 1 67  ? -12.290 -6.106  -4.647  1.00 2.00  ? 67  SER A HG   1 
ATOM   660  N N    . VAL A 1 68  ? -10.325 -8.932  -1.622  1.00 3.46  ? 68  VAL A N    1 
ATOM   661  C CA   . VAL A 1 68  ? -9.329  -9.987  -1.711  1.00 2.66  ? 68  VAL A CA   1 
ATOM   662  C C    . VAL A 1 68  ? -9.178  -10.428 -3.150  1.00 2.94  ? 68  VAL A C    1 
ATOM   663  O O    . VAL A 1 68  ? -10.146 -10.530 -3.899  1.00 3.14  ? 68  VAL A O    1 
ATOM   664  C CB   . VAL A 1 68  ? -9.772  -11.111 -0.761  1.00 2.78  ? 68  VAL A CB   1 
ATOM   665  C CG1  . VAL A 1 68  ? -8.831  -12.294 -0.932  1.00 2.00  ? 68  VAL A CG1  1 
ATOM   666  C CG2  . VAL A 1 68  ? -9.735  -10.627 0.703   1.00 2.00  ? 68  VAL A CG2  1 
ATOM   667  H H    . VAL A 1 68  ? -11.078 -9.016  -1.005  1.00 3.21  ? 68  VAL A H    1 
ATOM   668  N N    . GLY A 1 69  ? -7.924  -10.514 -3.561  1.00 4.07  ? 69  GLY A N    1 
ATOM   669  C CA   . GLY A 1 69  ? -7.587  -10.836 -4.942  1.00 2.90  ? 69  GLY A CA   1 
ATOM   670  C C    . GLY A 1 69  ? -7.271  -9.654  -5.819  1.00 2.11  ? 69  GLY A C    1 
ATOM   671  O O    . GLY A 1 69  ? -6.662  -9.830  -6.886  1.00 2.00  ? 69  GLY A O    1 
ATOM   672  H H    . GLY A 1 69  ? -7.200  -10.380 -2.918  1.00 3.28  ? 69  GLY A H    1 
ATOM   673  N N    . GLN A 1 70  ? -7.683  -8.440  -5.411  1.00 2.95  ? 70  GLN A N    1 
ATOM   674  C CA   . GLN A 1 70  ? -7.460  -7.215  -6.206  1.00 2.43  ? 70  GLN A CA   1 
ATOM   675  C C    . GLN A 1 70  ? -6.006  -6.765  -6.190  1.00 2.35  ? 70  GLN A C    1 
ATOM   676  O O    . GLN A 1 70  ? -5.306  -6.893  -5.181  1.00 2.01  ? 70  GLN A O    1 
ATOM   677  C CB   . GLN A 1 70  ? -8.332  -6.070  -5.682  1.00 2.00  ? 70  GLN A CB   1 
ATOM   678  C CG   . GLN A 1 70  ? -8.403  -4.839  -6.584  1.00 2.03  ? 70  GLN A CG   1 
ATOM   679  C CD   . GLN A 1 70  ? -9.360  -3.800  -6.051  1.00 3.33  ? 70  GLN A CD   1 
ATOM   680  O OE1  . GLN A 1 70  ? -10.052 -4.066  -5.053  1.00 5.23  ? 70  GLN A OE1  1 
ATOM   681  N NE2  . GLN A 1 70  ? -9.484  -2.624  -6.660  1.00 2.63  ? 70  GLN A NE2  1 
ATOM   682  H H    . GLN A 1 70  ? -8.133  -8.361  -4.544  1.00 2.14  ? 70  GLN A H    1 
ATOM   683  H HE21 . GLN A 1 70  ? -10.081 -1.973  -6.238  1.00 2.69  ? 70  GLN A HE21 1 
ATOM   684  H HE22 . GLN A 1 70  ? -9.010  -2.427  -7.498  1.00 2.38  ? 70  GLN A HE22 1 
ATOM   685  N N    . ARG A 1 71  ? -5.540  -6.314  -7.352  1.00 3.31  ? 71  ARG A N    1 
ATOM   686  C CA   . ARG A 1 71  ? -4.233  -5.729  -7.496  1.00 3.09  ? 71  ARG A CA   1 
ATOM   687  C C    . ARG A 1 71  ? -4.538  -4.344  -7.977  1.00 2.18  ? 71  ARG A C    1 
ATOM   688  O O    . ARG A 1 71  ? -5.322  -4.139  -8.915  1.00 2.00  ? 71  ARG A O    1 
ATOM   689  C CB   . ARG A 1 71  ? -3.408  -6.451  -8.525  1.00 3.48  ? 71  ARG A CB   1 
ATOM   690  C CG   . ARG A 1 71  ? -1.981  -5.937  -8.549  1.00 4.77  ? 71  ARG A CG   1 
ATOM   691  C CD   . ARG A 1 71  ? -1.233  -6.888  -9.457  1.00 7.42  ? 71  ARG A CD   1 
ATOM   692  N NE   . ARG A 1 71  ? 0.146   -6.463  -9.474  1.00 11.40 ? 71  ARG A NE   1 
ATOM   693  C CZ   . ARG A 1 71  ? 1.159   -7.179  -9.978  1.00 13.10 ? 71  ARG A CZ   1 
ATOM   694  N NH1  . ARG A 1 71  ? 0.979   -8.392  -10.513 1.00 11.83 ? 71  ARG A NH1  1 
ATOM   695  N NH2  . ARG A 1 71  ? 2.384   -6.627  -9.974  1.00 12.71 ? 71  ARG A NH2  1 
ATOM   696  H H    . ARG A 1 71  ? -6.130  -6.346  -8.131  1.00 2.81  ? 71  ARG A H    1 
ATOM   697  H HE   . ARG A 1 71  ? 0.367   -5.612  -9.067  1.00 10.64 ? 71  ARG A HE   1 
ATOM   698  H HH11 . ARG A 1 71  ? 0.069   -8.804  -10.537 1.00 12.89 ? 71  ARG A HH11 1 
ATOM   699  H HH12 . ARG A 1 71  ? 1.758   -8.894  -10.886 1.00 12.72 ? 71  ARG A HH12 1 
ATOM   700  H HH21 . ARG A 1 71  ? 2.504   -5.712  -9.590  1.00 12.93 ? 71  ARG A HH21 1 
ATOM   701  H HH22 . ARG A 1 71  ? 3.177   -7.115  -10.344 1.00 12.74 ? 71  ARG A HH22 1 
ATOM   702  N N    . ALA A 1 72  ? -3.934  -3.389  -7.272  1.00 3.45  ? 72  ALA A N    1 
ATOM   703  C CA   . ALA A 1 72  ? -4.160  -1.974  -7.513  1.00 3.40  ? 72  ALA A CA   1 
ATOM   704  C C    . ALA A 1 72  ? -2.923  -1.067  -7.340  1.00 3.71  ? 72  ALA A C    1 
ATOM   705  O O    . ALA A 1 72  ? -1.933  -1.375  -6.666  1.00 2.14  ? 72  ALA A O    1 
ATOM   706  C CB   . ALA A 1 72  ? -5.263  -1.495  -6.559  1.00 3.83  ? 72  ALA A CB   1 
ATOM   707  H H    . ALA A 1 72  ? -3.318  -3.643  -6.548  1.00 2.68  ? 72  ALA A H    1 
ATOM   708  N N    . LYS A 1 73  ? -2.935  0.038   -8.034  1.00 4.57  ? 73  LYS A N    1 
ATOM   709  C CA   . LYS A 1 73  ? -1.899  1.039   -7.896  1.00 6.03  ? 73  LYS A CA   1 
ATOM   710  C C    . LYS A 1 73  ? -2.465  2.145   -7.015  1.00 4.54  ? 73  LYS A C    1 
ATOM   711  O O    . LYS A 1 73  ? -3.516  2.750   -7.290  1.00 3.33  ? 73  LYS A O    1 
ATOM   712  C CB   . LYS A 1 73  ? -1.549  1.525   -9.282  1.00 9.01  ? 73  LYS A CB   1 
ATOM   713  C CG   . LYS A 1 73  ? -0.335  2.414   -9.378  1.00 10.97 ? 73  LYS A CG   1 
ATOM   714  C CD   . LYS A 1 73  ? -0.391  2.903   -10.814 1.00 14.55 ? 73  LYS A CD   1 
ATOM   715  C CE   . LYS A 1 73  ? 0.794   3.809   -11.032 1.00 18.92 ? 73  LYS A CE   1 
ATOM   716  N NZ   . LYS A 1 73  ? 0.589   4.626   -12.210 1.00 21.66 ? 73  LYS A NZ   1 
ATOM   717  H H    . LYS A 1 73  ? -3.603  0.151   -8.726  1.00 4.81  ? 73  LYS A H    1 
ATOM   718  H HZ1  . LYS A 1 73  ? -0.274  5.198   -12.102 1.00 21.26 ? 73  LYS A HZ1  1 
ATOM   719  H HZ2  . LYS A 1 73  ? 1.408   5.256   -12.326 1.00 21.44 ? 73  LYS A HZ2  1 
ATOM   720  H HZ3  . LYS A 1 73  ? 0.491   4.012   -13.043 1.00 21.35 ? 73  LYS A HZ3  1 
ATOM   721  N N    . LEU A 1 74  ? -1.748  2.382   -5.920  1.00 5.39  ? 74  LEU A N    1 
ATOM   722  C CA   . LEU A 1 74  ? -2.067  3.385   -4.925  1.00 5.75  ? 74  LEU A CA   1 
ATOM   723  C C    . LEU A 1 74  ? -1.146  4.592   -5.101  1.00 5.41  ? 74  LEU A C    1 
ATOM   724  O O    . LEU A 1 74  ? 0.059   4.471   -4.891  1.00 4.50  ? 74  LEU A O    1 
ATOM   725  C CB   . LEU A 1 74  ? -1.903  2.809   -3.488  1.00 4.32  ? 74  LEU A CB   1 
ATOM   726  C CG   . LEU A 1 74  ? -2.697  1.552   -3.024  1.00 3.90  ? 74  LEU A CG   1 
ATOM   727  C CD1  . LEU A 1 74  ? -2.786  1.488   -1.503  1.00 3.62  ? 74  LEU A CD1  1 
ATOM   728  C CD2  . LEU A 1 74  ? -4.116  1.635   -3.471  1.00 5.02  ? 74  LEU A CD2  1 
ATOM   729  H H    . LEU A 1 74  ? -0.927  1.873   -5.791  1.00 5.76  ? 74  LEU A H    1 
ATOM   730  N N    . THR A 1 75  ? -1.650  5.730   -5.557  1.00 4.42  ? 75  THR A N    1 
ATOM   731  C CA   . THR A 1 75  ? -0.823  6.938   -5.586  1.00 5.77  ? 75  THR A CA   1 
ATOM   732  C C    . THR A 1 75  ? -1.179  7.709   -4.313  1.00 4.73  ? 75  THR A C    1 
ATOM   733  O O    . THR A 1 75  ? -2.334  8.084   -4.091  1.00 7.13  ? 75  THR A O    1 
ATOM   734  C CB   . THR A 1 75  ? -1.125  7.773   -6.854  1.00 5.19  ? 75  THR A CB   1 
ATOM   735  O OG1  . THR A 1 75  ? -0.917  6.909   -7.958  1.00 5.73  ? 75  THR A OG1  1 
ATOM   736  C CG2  . THR A 1 75  ? -0.264  9.030   -6.961  1.00 5.36  ? 75  THR A CG2  1 
ATOM   737  H H    . THR A 1 75  ? -2.604  5.785   -5.766  1.00 4.22  ? 75  THR A H    1 
ATOM   738  H HG1  . THR A 1 75  ? -1.702  6.355   -8.027  1.00 5.18  ? 75  THR A HG1  1 
ATOM   739  N N    . ILE A 1 76  ? -0.198  7.957   -3.454  1.00 4.34  ? 76  ILE A N    1 
ATOM   740  C CA   . ILE A 1 76  ? -0.363  8.540   -2.136  1.00 3.21  ? 76  ILE A CA   1 
ATOM   741  C C    . ILE A 1 76  ? 0.387   9.876   -2.063  1.00 5.44  ? 76  ILE A C    1 
ATOM   742  O O    . ILE A 1 76  ? 1.607   9.953   -2.287  1.00 3.60  ? 76  ILE A O    1 
ATOM   743  C CB   . ILE A 1 76  ? 0.174   7.490   -1.150  1.00 3.16  ? 76  ILE A CB   1 
ATOM   744  C CG1  . ILE A 1 76  ? -0.624  6.188   -1.327  1.00 2.00  ? 76  ILE A CG1  1 
ATOM   745  C CG2  . ILE A 1 76  ? 0.127   8.028   0.272   1.00 2.39  ? 76  ILE A CG2  1 
ATOM   746  C CD1  . ILE A 1 76  ? 0.048   5.008   -0.623  1.00 2.00  ? 76  ILE A CD1  1 
ATOM   747  H H    . ILE A 1 76  ? 0.715   7.751   -3.728  1.00 4.16  ? 76  ILE A H    1 
ATOM   748  N N    . SER A 1 77  ? -0.347  10.940  -1.731  1.00 5.35  ? 77  SER A N    1 
ATOM   749  C CA   . SER A 1 77  ? 0.254   12.266  -1.559  1.00 5.56  ? 77  SER A CA   1 
ATOM   750  C C    . SER A 1 77  ? 1.118   12.297  -0.284  1.00 4.39  ? 77  SER A C    1 
ATOM   751  O O    . SER A 1 77  ? 0.852   11.529  0.643   1.00 2.01  ? 77  SER A O    1 
ATOM   752  C CB   . SER A 1 77  ? -0.860  13.347  -1.487  1.00 5.26  ? 77  SER A CB   1 
ATOM   753  O OG   . SER A 1 77  ? -1.796  13.224  -0.405  1.00 7.83  ? 77  SER A OG   1 
ATOM   754  H H    . SER A 1 77  ? -1.286  10.794  -1.504  1.00 5.25  ? 77  SER A H    1 
ATOM   755  H HG   . SER A 1 77  ? -1.917  14.107  -0.032  1.00 7.82  ? 77  SER A HG   1 
ATOM   756  N N    . PRO A 1 78  ? 2.158   13.137  -0.146  1.00 3.89  ? 78  PRO A N    1 
ATOM   757  C CA   . PRO A 1 78  ? 3.102   13.155  0.984   1.00 4.29  ? 78  PRO A CA   1 
ATOM   758  C C    . PRO A 1 78  ? 2.479   13.197  2.369   1.00 2.88  ? 78  PRO A C    1 
ATOM   759  O O    . PRO A 1 78  ? 2.962   12.587  3.298   1.00 2.00  ? 78  PRO A O    1 
ATOM   760  C CB   . PRO A 1 78  ? 3.988   14.379  0.749   1.00 4.30  ? 78  PRO A CB   1 
ATOM   761  C CG   . PRO A 1 78  ? 3.908   14.603  -0.747  1.00 3.77  ? 78  PRO A CG   1 
ATOM   762  C CD   . PRO A 1 78  ? 2.547   14.094  -1.173  1.00 4.36  ? 78  PRO A CD   1 
ATOM   763  N N    . ASP A 1 79  ? 1.401   13.930  2.551   1.00 3.08  ? 79  ASP A N    1 
ATOM   764  C CA   . ASP A 1 79  ? 0.747   14.067  3.817   1.00 7.93  ? 79  ASP A CA   1 
ATOM   765  C C    . ASP A 1 79  ? -0.013  12.813  4.206   1.00 7.98  ? 79  ASP A C    1 
ATOM   766  O O    . ASP A 1 79  ? -0.480  12.706  5.345   1.00 7.96  ? 79  ASP A O    1 
ATOM   767  C CB   . ASP A 1 79  ? -0.202  15.291  3.786   1.00 12.94 ? 79  ASP A CB   1 
ATOM   768  C CG   . ASP A 1 79  ? -1.313  15.279  2.749   1.00 19.69 ? 79  ASP A CG   1 
ATOM   769  O OD1  . ASP A 1 79  ? -1.058  14.953  1.592   1.00 21.69 ? 79  ASP A OD1  1 
ATOM   770  O OD2  . ASP A 1 79  ? -2.449  15.613  3.093   1.00 25.28 ? 79  ASP A OD2  1 
ATOM   771  H H    . ASP A 1 79  ? 1.052   14.420  1.786   1.00 4.69  ? 79  ASP A H    1 
ATOM   772  N N    . TYR A 1 80  ? -0.185  11.880  3.263   1.00 7.17  ? 80  TYR A N    1 
ATOM   773  C CA   . TYR A 1 80  ? -0.752  10.568  3.557   1.00 6.83  ? 80  TYR A CA   1 
ATOM   774  C C    . TYR A 1 80  ? 0.385   9.569   3.613   1.00 4.81  ? 80  TYR A C    1 
ATOM   775  O O    . TYR A 1 80  ? 0.149   8.377   3.720   1.00 3.99  ? 80  TYR A O    1 
ATOM   776  C CB   . TYR A 1 80  ? -1.705  10.129  2.471   1.00 7.15  ? 80  TYR A CB   1 
ATOM   777  C CG   . TYR A 1 80  ? -3.088  10.609  2.793   1.00 11.11 ? 80  TYR A CG   1 
ATOM   778  C CD1  . TYR A 1 80  ? -3.361  11.963  2.916   1.00 14.35 ? 80  TYR A CD1  1 
ATOM   779  C CD2  . TYR A 1 80  ? -4.067  9.673   2.950   1.00 11.24 ? 80  TYR A CD2  1 
ATOM   780  C CE1  . TYR A 1 80  ? -4.647  12.369  3.206   1.00 14.86 ? 80  TYR A CE1  1 
ATOM   781  C CE2  . TYR A 1 80  ? -5.346  10.076  3.238   1.00 13.81 ? 80  TYR A CE2  1 
ATOM   782  C CZ   . TYR A 1 80  ? -5.624  11.411  3.364   1.00 14.69 ? 80  TYR A CZ   1 
ATOM   783  O OH   . TYR A 1 80  ? -6.916  11.779  3.651   1.00 16.05 ? 80  TYR A OH   1 
ATOM   784  H H    . TYR A 1 80  ? 0.135   12.031  2.352   1.00 6.64  ? 80  TYR A H    1 
ATOM   785  H HH   . TYR A 1 80  ? -6.983  12.731  3.767   1.00 15.44 ? 80  TYR A HH   1 
ATOM   786  N N    . ALA A 1 81  ? 1.632   9.999   3.518   1.00 3.31  ? 81  ALA A N    1 
ATOM   787  C CA   . ALA A 1 81  ? 2.746   9.116   3.537   1.00 2.70  ? 81  ALA A CA   1 
ATOM   788  C C    . ALA A 1 81  ? 3.756   9.694   4.532   1.00 3.04  ? 81  ALA A C    1 
ATOM   789  O O    . ALA A 1 81  ? 3.452   9.750   5.735   1.00 4.74  ? 81  ALA A O    1 
ATOM   790  C CB   . ALA A 1 81  ? 3.286   9.002   2.095   1.00 2.00  ? 81  ALA A CB   1 
ATOM   791  H H    . ALA A 1 81  ? 1.815   10.957  3.543   1.00 4.04  ? 81  ALA A H    1 
ATOM   792  N N    . TYR A 1 82  ? 4.937   10.165  4.159   1.00 2.00  ? 82  TYR A N    1 
ATOM   793  C CA   . TYR A 1 82  ? 5.947   10.545  5.129   1.00 2.90  ? 82  TYR A CA   1 
ATOM   794  C C    . TYR A 1 82  ? 6.127   12.053  5.268   1.00 3.25  ? 82  TYR A C    1 
ATOM   795  O O    . TYR A 1 82  ? 7.079   12.535  5.878   1.00 3.26  ? 82  TYR A O    1 
ATOM   796  C CB   . TYR A 1 82  ? 7.235   9.868   4.684   1.00 3.48  ? 82  TYR A CB   1 
ATOM   797  C CG   . TYR A 1 82  ? 7.163   8.355   4.739   1.00 2.51  ? 82  TYR A CG   1 
ATOM   798  C CD1  . TYR A 1 82  ? 7.227   7.704   5.974   1.00 4.33  ? 82  TYR A CD1  1 
ATOM   799  C CD2  . TYR A 1 82  ? 6.991   7.636   3.572   1.00 3.50  ? 82  TYR A CD2  1 
ATOM   800  C CE1  . TYR A 1 82  ? 7.108   6.320   6.040   1.00 4.31  ? 82  TYR A CE1  1 
ATOM   801  C CE2  . TYR A 1 82  ? 6.878   6.254   3.623   1.00 2.91  ? 82  TYR A CE2  1 
ATOM   802  C CZ   . TYR A 1 82  ? 6.933   5.635   4.849   1.00 5.48  ? 82  TYR A CZ   1 
ATOM   803  O OH   . TYR A 1 82  ? 6.782   4.282   4.896   1.00 8.34  ? 82  TYR A OH   1 
ATOM   804  H H    . TYR A 1 82  ? 5.119   10.352  3.214   1.00 2.11  ? 82  TYR A H    1 
ATOM   805  H HH   . TYR A 1 82  ? 6.508   4.010   4.009   1.00 7.76  ? 82  TYR A HH   1 
ATOM   806  N N    . GLY A 1 83  ? 5.226   12.814  4.677   1.00 4.11  ? 83  GLY A N    1 
ATOM   807  C CA   . GLY A 1 83  ? 5.201   14.268  4.690   1.00 5.17  ? 83  GLY A CA   1 
ATOM   808  C C    . GLY A 1 83  ? 6.542   14.909  4.400   1.00 6.83  ? 83  GLY A C    1 
ATOM   809  O O    . GLY A 1 83  ? 7.292   14.633  3.463   1.00 3.70  ? 83  GLY A O    1 
ATOM   810  H H    . GLY A 1 83  ? 4.572   12.356  4.126   1.00 4.24  ? 83  GLY A H    1 
ATOM   811  N N    . ALA A 1 84  ? 6.828   15.820  5.309   1.00 9.28  ? 84  ALA A N    1 
ATOM   812  C CA   . ALA A 1 84  ? 8.043   16.602  5.282   1.00 11.55 ? 84  ALA A CA   1 
ATOM   813  C C    . ALA A 1 84  ? 9.293   15.847  5.715   1.00 11.44 ? 84  ALA A C    1 
ATOM   814  O O    . ALA A 1 84  ? 10.397  16.200  5.330   1.00 13.97 ? 84  ALA A O    1 
ATOM   815  C CB   . ALA A 1 84  ? 7.842   17.833  6.185   1.00 13.51 ? 84  ALA A CB   1 
ATOM   816  H H    . ALA A 1 84  ? 6.158   16.006  5.995   1.00 9.81  ? 84  ALA A H    1 
ATOM   817  N N    . THR A 1 85  ? 9.200   14.830  6.541   1.00 12.15 ? 85  THR A N    1 
ATOM   818  C CA   . THR A 1 85  ? 10.332  14.054  7.038   1.00 9.70  ? 85  THR A CA   1 
ATOM   819  C C    . THR A 1 85  ? 10.998  13.180  6.005   1.00 9.05  ? 85  THR A C    1 
ATOM   820  O O    . THR A 1 85  ? 12.222  12.997  5.988   1.00 6.66  ? 85  THR A O    1 
ATOM   821  C CB   . THR A 1 85  ? 9.880   13.131  8.157   1.00 12.58 ? 85  THR A CB   1 
ATOM   822  O OG1  . THR A 1 85  ? 9.058   13.918  8.987   1.00 17.16 ? 85  THR A OG1  1 
ATOM   823  C CG2  . THR A 1 85  ? 11.025  12.523  8.952   1.00 15.78 ? 85  THR A CG2  1 
ATOM   824  H H    . THR A 1 85  ? 8.319   14.602  6.896   1.00 11.95 ? 85  THR A H    1 
ATOM   825  H HG1  . THR A 1 85  ? 8.880   13.396  9.779   1.00 16.09 ? 85  THR A HG1  1 
ATOM   826  N N    . GLY A 1 86  ? 10.121  12.565  5.208   1.00 8.10  ? 86  GLY A N    1 
ATOM   827  C CA   . GLY A 1 86  ? 10.532  11.511  4.317   1.00 8.63  ? 86  GLY A CA   1 
ATOM   828  C C    . GLY A 1 86  ? 10.874  10.343  5.225   1.00 8.58  ? 86  GLY A C    1 
ATOM   829  O O    . GLY A 1 86  ? 10.412  10.251  6.359   1.00 7.85  ? 86  GLY A O    1 
ATOM   830  H H    . GLY A 1 86  ? 9.172   12.812  5.219   1.00 8.14  ? 86  GLY A H    1 
ATOM   831  N N    . HIS A 1 87  ? 11.664  9.420   4.720   1.00 10.41 ? 87  HIS A N    1 
ATOM   832  C CA   . HIS A 1 87  ? 12.101  8.281   5.486   1.00 10.20 ? 87  HIS A CA   1 
ATOM   833  C C    . HIS A 1 87  ? 13.587  8.302   5.192   1.00 9.46  ? 87  HIS A C    1 
ATOM   834  O O    . HIS A 1 87  ? 13.978  8.088   4.040   1.00 5.90  ? 87  HIS A O    1 
ATOM   835  C CB   . HIS A 1 87  ? 11.489  6.956   4.992   1.00 14.06 ? 87  HIS A CB   1 
ATOM   836  C CG   . HIS A 1 87  ? 11.831  5.785   5.912   1.00 17.84 ? 87  HIS A CG   1 
ATOM   837  N ND1  . HIS A 1 87  ? 11.092  5.317   6.914   1.00 20.62 ? 87  HIS A ND1  1 
ATOM   838  C CD2  . HIS A 1 87  ? 12.982  5.038   5.857   1.00 18.24 ? 87  HIS A CD2  1 
ATOM   839  C CE1  . HIS A 1 87  ? 11.756  4.320   7.448   1.00 20.18 ? 87  HIS A CE1  1 
ATOM   840  N NE2  . HIS A 1 87  ? 12.888  4.159   6.814   1.00 21.12 ? 87  HIS A NE2  1 
ATOM   841  H H    . HIS A 1 87  ? 12.075  9.586   3.843   1.00 10.48 ? 87  HIS A H    1 
ATOM   842  H HD1  . HIS A 1 87  ? 10.427  5.853   7.401   1.00 20.17 ? 87  HIS A HD1  1 
ATOM   843  H HE2  . HIS A 1 87  ? 13.612  3.567   7.133   1.00 20.02 ? 87  HIS A HE2  1 
ATOM   844  N N    . PRO A 1 88  ? 14.404  8.590   6.208   1.00 10.53 ? 88  PRO A N    1 
ATOM   845  C CA   . PRO A 1 88  ? 15.854  8.652   6.161   1.00 11.88 ? 88  PRO A CA   1 
ATOM   846  C C    . PRO A 1 88  ? 16.547  7.777   5.139   1.00 12.84 ? 88  PRO A C    1 
ATOM   847  O O    . PRO A 1 88  ? 16.503  6.548   5.283   1.00 13.91 ? 88  PRO A O    1 
ATOM   848  C CB   . PRO A 1 88  ? 16.259  8.307   7.562   1.00 12.25 ? 88  PRO A CB   1 
ATOM   849  C CG   . PRO A 1 88  ? 15.222  9.010   8.377   1.00 11.45 ? 88  PRO A CG   1 
ATOM   850  C CD   . PRO A 1 88  ? 13.955  8.793   7.580   1.00 11.22 ? 88  PRO A CD   1 
ATOM   851  N N    . GLY A 1 89  ? 17.014  8.414   4.052   1.00 13.11 ? 89  GLY A N    1 
ATOM   852  C CA   . GLY A 1 89  ? 17.858  7.774   3.055   1.00 13.24 ? 89  GLY A CA   1 
ATOM   853  C C    . GLY A 1 89  ? 17.120  7.091   1.919   1.00 13.45 ? 89  GLY A C    1 
ATOM   854  O O    . GLY A 1 89  ? 17.643  6.811   0.835   1.00 16.28 ? 89  GLY A O    1 
ATOM   855  H H    . GLY A 1 89  ? 16.686  9.321   3.857   1.00 13.01 ? 89  GLY A H    1 
ATOM   856  N N    . ILE A 1 90  ? 15.840  6.865   2.126   1.00 13.30 ? 90  ILE A N    1 
ATOM   857  C CA   . ILE A 1 90  ? 15.069  6.144   1.141   1.00 10.25 ? 90  ILE A CA   1 
ATOM   858  C C    . ILE A 1 90  ? 13.987  7.013   0.537   1.00 8.46  ? 90  ILE A C    1 
ATOM   859  O O    . ILE A 1 90  ? 13.888  6.994   -0.687  1.00 8.93  ? 90  ILE A O    1 
ATOM   860  C CB   . ILE A 1 90  ? 14.533  4.857   1.848   1.00 10.28 ? 90  ILE A CB   1 
ATOM   861  C CG1  . ILE A 1 90  ? 15.749  4.005   2.242   1.00 14.02 ? 90  ILE A CG1  1 
ATOM   862  C CG2  . ILE A 1 90  ? 13.564  4.099   0.941   1.00 12.00 ? 90  ILE A CG2  1 
ATOM   863  C CD1  . ILE A 1 90  ? 15.601  2.589   2.834   1.00 15.80 ? 90  ILE A CD1  1 
ATOM   864  H H    . ILE A 1 90  ? 15.409  7.247   2.917   1.00 12.64 ? 90  ILE A H    1 
ATOM   865  N N    . ILE A 1 91  ? 13.156  7.740   1.292   1.00 5.62  ? 91  ILE A N    1 
ATOM   866  C CA   . ILE A 1 91  ? 12.118  8.564   0.719   1.00 4.13  ? 91  ILE A CA   1 
ATOM   867  C C    . ILE A 1 91  ? 12.479  10.034  1.005   1.00 4.87  ? 91  ILE A C    1 
ATOM   868  O O    . ILE A 1 91  ? 12.630  10.367  2.190   1.00 3.33  ? 91  ILE A O    1 
ATOM   869  C CB   . ILE A 1 91  ? 10.726  8.225   1.359   1.00 5.55  ? 91  ILE A CB   1 
ATOM   870  C CG1  . ILE A 1 91  ? 10.293  6.750   1.143   1.00 3.13  ? 91  ILE A CG1  1 
ATOM   871  C CG2  . ILE A 1 91  ? 9.713   9.181   0.778   1.00 3.56  ? 91  ILE A CG2  1 
ATOM   872  C CD1  . ILE A 1 91  ? 10.383  6.304   -0.296  1.00 8.05  ? 91  ILE A CD1  1 
ATOM   873  H H    . ILE A 1 91  ? 13.293  7.766   2.258   1.00 5.71  ? 91  ILE A H    1 
ATOM   874  N N    . PRO A 1 92  ? 12.621  10.934  0.013   1.00 3.60  ? 92  PRO A N    1 
ATOM   875  C CA   . PRO A 1 92  ? 12.844  12.346  0.220   1.00 3.99  ? 92  PRO A CA   1 
ATOM   876  C C    . PRO A 1 92  ? 11.664  13.035  0.878   1.00 3.40  ? 92  PRO A C    1 
ATOM   877  O O    . PRO A 1 92  ? 10.539  12.517  0.792   1.00 3.45  ? 92  PRO A O    1 
ATOM   878  C CB   . PRO A 1 92  ? 13.147  12.849  -1.159  1.00 5.42  ? 92  PRO A CB   1 
ATOM   879  C CG   . PRO A 1 92  ? 12.368  11.943  -2.084  1.00 4.08  ? 92  PRO A CG   1 
ATOM   880  C CD   . PRO A 1 92  ? 12.655  10.617  -1.417  1.00 3.72  ? 92  PRO A CD   1 
ATOM   881  N N    . PRO A 1 93  ? 11.826  14.199  1.526   1.00 4.32  ? 93  PRO A N    1 
ATOM   882  C CA   . PRO A 1 93  ? 10.702  15.064  1.875   1.00 3.90  ? 93  PRO A CA   1 
ATOM   883  C C    . PRO A 1 93  ? 9.780   15.325  0.688   1.00 2.44  ? 93  PRO A C    1 
ATOM   884  O O    . PRO A 1 93  ? 10.151  15.420  -0.499  1.00 2.00  ? 93  PRO A O    1 
ATOM   885  C CB   . PRO A 1 93  ? 11.328  16.352  2.392   1.00 4.37  ? 93  PRO A CB   1 
ATOM   886  C CG   . PRO A 1 93  ? 12.721  15.978  2.781   1.00 3.06  ? 93  PRO A CG   1 
ATOM   887  C CD   . PRO A 1 93  ? 13.084  14.931  1.727   1.00 2.00  ? 93  PRO A CD   1 
ATOM   888  N N    . HIS A 1 94  ? 8.513   15.400  1.067   1.00 2.91  ? 94  HIS A N    1 
ATOM   889  C CA   . HIS A 1 94  ? 7.410   15.788  0.197   1.00 3.05  ? 94  HIS A CA   1 
ATOM   890  C C    . HIS A 1 94  ? 7.270   14.961  -1.059  1.00 3.20  ? 94  HIS A C    1 
ATOM   891  O O    . HIS A 1 94  ? 6.937   15.459  -2.146  1.00 3.85  ? 94  HIS A O    1 
ATOM   892  C CB   . HIS A 1 94  ? 7.504   17.284  -0.231  1.00 2.21  ? 94  HIS A CB   1 
ATOM   893  C CG   . HIS A 1 94  ? 7.379   18.211  0.953   1.00 3.66  ? 94  HIS A CG   1 
ATOM   894  N ND1  . HIS A 1 94  ? 6.315   18.562  1.648   1.00 7.41  ? 94  HIS A ND1  1 
ATOM   895  C CD2  . HIS A 1 94  ? 8.463   18.742  1.599   1.00 5.01  ? 94  HIS A CD2  1 
ATOM   896  C CE1  . HIS A 1 94  ? 6.695   19.252  2.696   1.00 7.11  ? 94  HIS A CE1  1 
ATOM   897  N NE2  . HIS A 1 94  ? 7.993   19.348  2.649   1.00 7.20  ? 94  HIS A NE2  1 
ATOM   898  H H    . HIS A 1 94  ? 8.314   15.032  1.955   1.00 2.73  ? 94  HIS A H    1 
ATOM   899  H HD1  . HIS A 1 94  ? 5.374   18.452  1.396   1.00 6.56  ? 94  HIS A HD1  1 
ATOM   900  H HE2  . HIS A 1 94  ? 8.559   19.707  3.375   1.00 6.72  ? 94  HIS A HE2  1 
ATOM   901  N N    . ALA A 1 95  ? 7.425   13.651  -0.858  1.00 2.18  ? 95  ALA A N    1 
ATOM   902  C CA   . ALA A 1 95  ? 7.394   12.727  -1.969  1.00 3.22  ? 95  ALA A CA   1 
ATOM   903  C C    . ALA A 1 95  ? 6.018   12.080  -2.145  1.00 2.80  ? 95  ALA A C    1 
ATOM   904  O O    . ALA A 1 95  ? 5.453   11.585  -1.170  1.00 2.00  ? 95  ALA A O    1 
ATOM   905  C CB   . ALA A 1 95  ? 8.418   11.631  -1.727  1.00 3.83  ? 95  ALA A CB   1 
ATOM   906  H H    . ALA A 1 95  ? 7.535   13.300  0.057   1.00 2.24  ? 95  ALA A H    1 
ATOM   907  N N    . THR A 1 96  ? 5.455   12.088  -3.336  1.00 3.62  ? 96  THR A N    1 
ATOM   908  C CA   . THR A 1 96  ? 4.227   11.351  -3.652  1.00 5.43  ? 96  THR A CA   1 
ATOM   909  C C    . THR A 1 96  ? 4.697   9.923   -3.882  1.00 5.08  ? 96  THR A C    1 
ATOM   910  O O    . THR A 1 96  ? 5.705   9.735   -4.591  1.00 5.25  ? 96  THR A O    1 
ATOM   911  C CB   . THR A 1 96  ? 3.579   11.924  -4.935  1.00 6.33  ? 96  THR A CB   1 
ATOM   912  O OG1  . THR A 1 96  ? 3.146   13.237  -4.611  1.00 3.92  ? 96  THR A OG1  1 
ATOM   913  C CG2  . THR A 1 96  ? 2.406   11.106  -5.452  1.00 5.84  ? 96  THR A CG2  1 
ATOM   914  H H    . THR A 1 96  ? 5.921   12.549  -4.063  1.00 4.24  ? 96  THR A H    1 
ATOM   915  H HG1  . THR A 1 96  ? 2.286   13.185  -4.160  1.00 4.57  ? 96  THR A HG1  1 
ATOM   916  N N    . LEU A 1 97  ? 4.077   8.888   -3.307  1.00 6.70  ? 97  LEU A N    1 
ATOM   917  C CA   . LEU A 1 97  ? 4.592   7.544   -3.545  1.00 5.12  ? 97  LEU A CA   1 
ATOM   918  C C    . LEU A 1 97  ? 3.549   6.762   -4.308  1.00 5.05  ? 97  LEU A C    1 
ATOM   919  O O    . LEU A 1 97  ? 2.370   7.123   -4.277  1.00 6.37  ? 97  LEU A O    1 
ATOM   920  C CB   . LEU A 1 97  ? 4.918   6.832   -2.239  1.00 3.18  ? 97  LEU A CB   1 
ATOM   921  C CG   . LEU A 1 97  ? 6.091   7.263   -1.329  1.00 4.67  ? 97  LEU A CG   1 
ATOM   922  C CD1  . LEU A 1 97  ? 7.314   7.728   -2.039  1.00 2.00  ? 97  LEU A CD1  1 
ATOM   923  C CD2  . LEU A 1 97  ? 5.648   8.455   -0.610  1.00 6.56  ? 97  LEU A CD2  1 
ATOM   924  H H    . LEU A 1 97  ? 3.248   9.001   -2.790  1.00 5.55  ? 97  LEU A H    1 
ATOM   925  N N    . VAL A 1 98  ? 4.003   5.743   -5.040  1.00 2.73  ? 98  VAL A N    1 
ATOM   926  C CA   . VAL A 1 98  ? 3.173   4.945   -5.912  1.00 3.97  ? 98  VAL A CA   1 
ATOM   927  C C    . VAL A 1 98  ? 3.412   3.519   -5.450  1.00 4.20  ? 98  VAL A C    1 
ATOM   928  O O    . VAL A 1 98  ? 4.559   3.059   -5.397  1.00 4.29  ? 98  VAL A O    1 
ATOM   929  C CB   . VAL A 1 98  ? 3.603   5.074   -7.374  1.00 2.00  ? 98  VAL A CB   1 
ATOM   930  C CG1  . VAL A 1 98  ? 2.783   4.094   -8.191  1.00 2.86  ? 98  VAL A CG1  1 
ATOM   931  C CG2  . VAL A 1 98  ? 3.400   6.497   -7.878  1.00 2.00  ? 98  VAL A CG2  1 
ATOM   932  H H    . VAL A 1 98  ? 4.942   5.475   -4.955  1.00 3.39  ? 98  VAL A H    1 
ATOM   933  N N    . PHE A 1 99  ? 2.364   2.819   -5.055  1.00 2.85  ? 99  PHE A N    1 
ATOM   934  C CA   . PHE A 1 99  ? 2.571   1.450   -4.695  1.00 2.23  ? 99  PHE A CA   1 
ATOM   935  C C    . PHE A 1 99  ? 1.737   0.537   -5.559  1.00 2.00  ? 99  PHE A C    1 
ATOM   936  O O    . PHE A 1 99  ? 0.578   0.823   -5.809  1.00 3.58  ? 99  PHE A O    1 
ATOM   937  C CB   . PHE A 1 99  ? 2.203   1.238   -3.257  1.00 2.00  ? 99  PHE A CB   1 
ATOM   938  C CG   . PHE A 1 99  ? 3.123   1.747   -2.148  1.00 3.19  ? 99  PHE A CG   1 
ATOM   939  C CD1  . PHE A 1 99  ? 3.027   3.056   -1.689  1.00 2.57  ? 99  PHE A CD1  1 
ATOM   940  C CD2  . PHE A 1 99  ? 4.033   0.877   -1.578  1.00 2.00  ? 99  PHE A CD2  1 
ATOM   941  C CE1  . PHE A 1 99  ? 3.843   3.477   -0.660  1.00 2.00  ? 99  PHE A CE1  1 
ATOM   942  C CE2  . PHE A 1 99  ? 4.838   1.314   -0.557  1.00 5.78  ? 99  PHE A CE2  1 
ATOM   943  C CZ   . PHE A 1 99  ? 4.745   2.618   -0.092  1.00 3.58  ? 99  PHE A CZ   1 
ATOM   944  H H    . PHE A 1 99  ? 1.476   3.218   -4.998  1.00 2.64  ? 99  PHE A H    1 
ATOM   945  N N    . ASP A 1 100 ? 2.283   -0.554  -6.061  1.00 3.17  ? 100 ASP A N    1 
ATOM   946  C CA   . ASP A 1 100 ? 1.539   -1.620  -6.700  1.00 2.34  ? 100 ASP A CA   1 
ATOM   947  C C    . ASP A 1 100 ? 1.278   -2.622  -5.567  1.00 2.53  ? 100 ASP A C    1 
ATOM   948  O O    . ASP A 1 100 ? 2.220   -3.244  -5.070  1.00 2.00  ? 100 ASP A O    1 
ATOM   949  C CB   . ASP A 1 100 ? 2.409   -2.227  -7.756  1.00 3.91  ? 100 ASP A CB   1 
ATOM   950  C CG   . ASP A 1 100 ? 1.802   -3.369  -8.535  1.00 6.15  ? 100 ASP A CG   1 
ATOM   951  O OD1  . ASP A 1 100 ? 0.809   -3.975  -8.120  1.00 4.21  ? 100 ASP A OD1  1 
ATOM   952  O OD2  . ASP A 1 100 ? 2.343   -3.632  -9.597  1.00 3.92  ? 100 ASP A OD2  1 
ATOM   953  H H    . ASP A 1 100 ? 3.254   -0.654  -5.964  1.00 3.49  ? 100 ASP A H    1 
ATOM   954  N N    . VAL A 1 101 ? 0.027   -2.844  -5.180  1.00 2.00  ? 101 VAL A N    1 
ATOM   955  C CA   . VAL A 1 101 ? -0.314  -3.659  -4.026  1.00 2.01  ? 101 VAL A CA   1 
ATOM   956  C C    . VAL A 1 101 ? -1.294  -4.739  -4.460  1.00 2.00  ? 101 VAL A C    1 
ATOM   957  O O    . VAL A 1 101 ? -2.268  -4.506  -5.186  1.00 2.00  ? 101 VAL A O    1 
ATOM   958  C CB   . VAL A 1 101 ? -0.945  -2.758  -2.938  1.00 2.00  ? 101 VAL A CB   1 
ATOM   959  C CG1  . VAL A 1 101 ? -1.399  -3.555  -1.689  1.00 3.75  ? 101 VAL A CG1  1 
ATOM   960  C CG2  . VAL A 1 101 ? 0.117   -1.812  -2.459  1.00 2.00  ? 101 VAL A CG2  1 
ATOM   961  H H    . VAL A 1 101 ? -0.703  -2.496  -5.730  1.00 2.00  ? 101 VAL A H    1 
ATOM   962  N N    . GLU A 1 102 ? -1.018  -5.959  -4.063  1.00 2.00  ? 102 GLU A N    1 
ATOM   963  C CA   . GLU A 1 102 ? -1.924  -7.048  -4.311  1.00 2.69  ? 102 GLU A CA   1 
ATOM   964  C C    . GLU A 1 102 ? -2.403  -7.579  -2.950  1.00 2.90  ? 102 GLU A C    1 
ATOM   965  O O    . GLU A 1 102 ? -1.590  -8.047  -2.117  1.00 2.28  ? 102 GLU A O    1 
ATOM   966  C CB   . GLU A 1 102 ? -1.181  -8.103  -5.103  1.00 3.91  ? 102 GLU A CB   1 
ATOM   967  C CG   . GLU A 1 102 ? -2.177  -9.178  -5.573  1.00 9.73  ? 102 GLU A CG   1 
ATOM   968  C CD   . GLU A 1 102 ? -1.600  -10.402 -6.301  1.00 14.20 ? 102 GLU A CD   1 
ATOM   969  O OE1  . GLU A 1 102 ? -0.400  -10.464 -6.586  1.00 14.62 ? 102 GLU A OE1  1 
ATOM   970  O OE2  . GLU A 1 102 ? -2.384  -11.316 -6.581  1.00 17.52 ? 102 GLU A OE2  1 
ATOM   971  H H    . GLU A 1 102 ? -0.183  -6.125  -3.595  1.00 2.09  ? 102 GLU A H    1 
ATOM   972  N N    . LEU A 1 103 ? -3.726  -7.493  -2.700  1.00 2.84  ? 103 LEU A N    1 
ATOM   973  C CA   . LEU A 1 103 ? -4.339  -7.968  -1.459  1.00 3.27  ? 103 LEU A CA   1 
ATOM   974  C C    . LEU A 1 103 ? -4.584  -9.475  -1.665  1.00 3.26  ? 103 LEU A C    1 
ATOM   975  O O    . LEU A 1 103 ? -5.431  -9.927  -2.462  1.00 2.00  ? 103 LEU A O    1 
ATOM   976  C CB   . LEU A 1 103 ? -5.677  -7.227  -1.178  1.00 2.00  ? 103 LEU A CB   1 
ATOM   977  C CG   . LEU A 1 103 ? -6.377  -7.628  0.162   1.00 2.20  ? 103 LEU A CG   1 
ATOM   978  C CD1  . LEU A 1 103 ? -5.517  -7.480  1.400   1.00 2.00  ? 103 LEU A CD1  1 
ATOM   979  C CD2  . LEU A 1 103 ? -7.527  -6.696  0.367   1.00 3.09  ? 103 LEU A CD2  1 
ATOM   980  H H    . LEU A 1 103 ? -4.324  -7.190  -3.423  1.00 3.08  ? 103 LEU A H    1 
ATOM   981  N N    . LEU A 1 104 ? -3.695  -10.229 -1.027  1.00 2.00  ? 104 LEU A N    1 
ATOM   982  C CA   . LEU A 1 104 ? -3.685  -11.669 -1.142  1.00 2.08  ? 104 LEU A CA   1 
ATOM   983  C C    . LEU A 1 104 ? -4.690  -12.427 -0.286  1.00 2.01  ? 104 LEU A C    1 
ATOM   984  O O    . LEU A 1 104 ? -5.409  -13.292 -0.770  1.00 2.93  ? 104 LEU A O    1 
ATOM   985  C CB   . LEU A 1 104 ? -2.283  -12.169 -0.829  1.00 2.24  ? 104 LEU A CB   1 
ATOM   986  C CG   . LEU A 1 104 ? -1.184  -11.673 -1.780  1.00 3.49  ? 104 LEU A CG   1 
ATOM   987  C CD1  . LEU A 1 104 ? 0.152   -12.182 -1.336  1.00 4.78  ? 104 LEU A CD1  1 
ATOM   988  C CD2  . LEU A 1 104 ? -1.445  -12.151 -3.157  1.00 6.14  ? 104 LEU A CD2  1 
ATOM   989  H H    . LEU A 1 104 ? -3.012  -9.782  -0.479  1.00 2.00  ? 104 LEU A H    1 
ATOM   990  N N    . LYS A 1 105 ? -4.800  -12.065 0.982   1.00 3.49  ? 105 LYS A N    1 
ATOM   991  C CA   . LYS A 1 105 ? -5.519  -12.844 1.973   1.00 5.39  ? 105 LYS A CA   1 
ATOM   992  C C    . LYS A 1 105 ? -5.775  -11.941 3.171   1.00 5.89  ? 105 LYS A C    1 
ATOM   993  O O    . LYS A 1 105 ? -5.142  -10.881 3.314   1.00 5.80  ? 105 LYS A O    1 
ATOM   994  C CB   . LYS A 1 105 ? -4.606  -14.061 2.275   1.00 5.67  ? 105 LYS A CB   1 
ATOM   995  C CG   . LYS A 1 105 ? -5.043  -15.011 3.343   1.00 12.55 ? 105 LYS A CG   1 
ATOM   996  C CD   . LYS A 1 105 ? -4.115  -16.191 3.225   1.00 18.36 ? 105 LYS A CD   1 
ATOM   997  C CE   . LYS A 1 105 ? -4.488  -17.150 4.348   1.00 22.96 ? 105 LYS A CE   1 
ATOM   998  N NZ   . LYS A 1 105 ? -3.709  -18.379 4.236   1.00 26.10 ? 105 LYS A NZ   1 
ATOM   999  H H    . LYS A 1 105 ? -4.401  -11.218 1.284   1.00 3.77  ? 105 LYS A H    1 
ATOM   1000 H HZ1  . LYS A 1 105 ? -3.903  -18.824 3.314   1.00 25.20 ? 105 LYS A HZ1  1 
ATOM   1001 H HZ2  . LYS A 1 105 ? -2.694  -18.160 4.307   1.00 25.07 ? 105 LYS A HZ2  1 
ATOM   1002 H HZ3  . LYS A 1 105 ? -3.978  -19.037 4.997   1.00 25.19 ? 105 LYS A HZ3  1 
ATOM   1003 N N    . LEU A 1 106 ? -6.742  -12.318 4.002   1.00 5.60  ? 106 LEU A N    1 
ATOM   1004 C CA   . LEU A 1 106 ? -7.078  -11.608 5.222   1.00 6.80  ? 106 LEU A CA   1 
ATOM   1005 C C    . LEU A 1 106 ? -7.016  -12.676 6.268   1.00 9.68  ? 106 LEU A C    1 
ATOM   1006 O O    . LEU A 1 106 ? -7.588  -13.755 6.043   1.00 14.04 ? 106 LEU A O    1 
ATOM   1007 C CB   . LEU A 1 106 ? -8.497  -11.052 5.247   1.00 3.95  ? 106 LEU A CB   1 
ATOM   1008 C CG   . LEU A 1 106 ? -8.889  -9.906  4.301   1.00 3.89  ? 106 LEU A CG   1 
ATOM   1009 C CD1  . LEU A 1 106 ? -10.329 -9.560  4.499   1.00 6.23  ? 106 LEU A CD1  1 
ATOM   1010 C CD2  . LEU A 1 106 ? -8.131  -8.643  4.629   1.00 4.48  ? 106 LEU A CD2  1 
ATOM   1011 H H    . LEU A 1 106 ? -7.233  -13.147 3.839   1.00 6.67  ? 106 LEU A H    1 
ATOM   1012 N N    . GLU A 1 107 ? -6.300  -12.481 7.355   1.00 9.82  ? 107 GLU A N    1 
ATOM   1013 C CA   . GLU A 1 107 ? -6.271  -13.437 8.442   1.00 10.81 ? 107 GLU A CA   1 
ATOM   1014 C C    . GLU A 1 107 ? -6.882  -12.677 9.615   1.00 12.74 ? 107 GLU A C    1 
ATOM   1015 O O    . GLU A 1 107 ? -7.267  -13.325 10.583  1.00 16.67 ? 107 GLU A O    1 
ATOM   1016 C CB   . GLU A 1 107 ? -4.846  -13.852 8.782   1.00 10.18 ? 107 GLU A CB   1 
ATOM   1017 C CG   . GLU A 1 107 ? -4.099  -14.284 7.550   1.00 12.20 ? 107 GLU A CG   1 
ATOM   1018 C CD   . GLU A 1 107 ? -2.607  -14.507 7.680   1.00 16.31 ? 107 GLU A CD   1 
ATOM   1019 O OE1  . GLU A 1 107 ? -1.945  -13.903 8.530   1.00 15.94 ? 107 GLU A OE1  1 
ATOM   1020 O OE2  . GLU A 1 107 ? -2.095  -15.307 6.901   1.00 19.11 ? 107 GLU A OE2  1 
ATOM   1021 O OXT  . GLU A 1 107 ? -7.017  -11.446 9.577   1.00 9.27  ? 107 GLU A OXT  1 
ATOM   1022 H H    . GLU A 1 107 ? -5.908  -11.601 7.519   1.00 10.13 ? 107 GLU A H    1 
HETATM 1023 C C1   . SBX B 2 .   ? 4.771   1.663   5.493   1.00 5.01  ? 108 SBX A C1   1 
HETATM 1024 C C2   . SBX B 2 .   ? 4.975   1.432   4.001   1.00 6.90  ? 108 SBX A C2   1 
HETATM 1025 C C3   . SBX B 2 .   ? 3.826   0.599   3.443   1.00 6.77  ? 108 SBX A C3   1 
HETATM 1026 C C4   . SBX B 2 .   ? 3.893   -0.858  3.867   1.00 4.32  ? 108 SBX A C4   1 
HETATM 1027 C C5   . SBX B 2 .   ? 5.236   -1.368  3.354   1.00 8.53  ? 108 SBX A C5   1 
HETATM 1028 C C6   . SBX B 2 .   ? 6.385   -0.591  3.976   1.00 5.34  ? 108 SBX A C6   1 
HETATM 1029 N N7   . SBX B 2 .   ? 6.205   0.793   3.525   1.00 9.66  ? 108 SBX A N7   1 
HETATM 1030 O O1   . SBX B 2 .   ? 3.652   1.892   5.936   1.00 3.94  ? 108 SBX A O1   1 
HETATM 1031 O O2   . SBX B 2 .   ? 5.893   1.593   6.199   1.00 7.76  ? 108 SBX A O2   1 
HETATM 1032 C C8   . SBX B 2 .   ? 7.144   1.525   2.894   1.00 11.14 ? 108 SBX A C8   1 
HETATM 1033 O O3   . SBX B 2 .   ? 6.945   2.733   2.757   1.00 9.37  ? 108 SBX A O3   1 
HETATM 1034 C C9   . SBX B 2 .   ? 8.410   0.985   2.245   1.00 14.20 ? 108 SBX A C9   1 
HETATM 1035 O O4   . SBX B 2 .   ? 8.285   0.600   1.081   1.00 11.55 ? 108 SBX A O4   1 
HETATM 1036 C C10  . SBX B 2 .   ? 9.787   1.014   2.898   1.00 15.49 ? 108 SBX A C10  1 
HETATM 1037 C C11  . SBX B 2 .   ? 9.804   1.664   4.275   1.00 18.57 ? 108 SBX A C11  1 
HETATM 1038 C C12  . SBX B 2 .   ? 9.754   3.220   4.269   1.00 21.29 ? 108 SBX A C12  1 
HETATM 1039 C C13  . SBX B 2 .   ? 10.750  1.733   2.009   1.00 19.03 ? 108 SBX A C13  1 
HETATM 1040 C C14  . SBX B 2 .   ? 10.407  -0.349  2.989   1.00 17.83 ? 108 SBX A C14  1 
HETATM 1041 C C15  . SBX B 2 .   ? 5.886   1.577   7.656   1.00 11.55 ? 108 SBX A C15  1 
HETATM 1042 C C16  . SBX B 2 .   ? 6.205   2.947   8.236   1.00 14.39 ? 108 SBX A C16  1 
HETATM 1043 C C17  . SBX B 2 .   ? 5.349   3.326   9.438   1.00 18.49 ? 108 SBX A C17  1 
HETATM 1044 C C18  . SBX B 2 .   ? 4.911   4.758   9.628   1.00 21.33 ? 108 SBX A C18  1 
HETATM 1045 C C19  . SBX B 2 .   ? 5.818   5.713   9.779   1.00 24.10 ? 108 SBX A C19  1 
HETATM 1046 C C20  . SBX B 2 .   ? 5.465   6.985   9.782   1.00 23.85 ? 108 SBX A C20  1 
HETATM 1047 C C21  . SBX B 2 .   ? 4.192   7.302   9.641   1.00 23.36 ? 108 SBX A C21  1 
HETATM 1048 C C22  . SBX B 2 .   ? 3.283   6.354   9.508   1.00 23.47 ? 108 SBX A C22  1 
HETATM 1049 C C23  . SBX B 2 .   ? 3.642   5.085   9.504   1.00 21.71 ? 108 SBX A C23  1 
HETATM 1050 C C24  . SBX B 2 .   ? 6.921   0.590   8.139   1.00 11.96 ? 108 SBX A C24  1 
HETATM 1051 C C25  . SBX B 2 .   ? 6.518   -0.867  8.114   1.00 12.54 ? 108 SBX A C25  1 
HETATM 1052 C C26  . SBX B 2 .   ? 7.546   -1.593  8.927   1.00 13.91 ? 108 SBX A C26  1 
HETATM 1053 C C27  . SBX B 2 .   ? 8.939   -1.394  8.345   1.00 12.23 ? 108 SBX A C27  1 
HETATM 1054 C C28  . SBX B 2 .   ? 9.350   0.062   8.293   1.00 15.57 ? 108 SBX A C28  1 
HETATM 1055 C C29  . SBX B 2 .   ? 8.286   0.817   7.502   1.00 12.68 ? 108 SBX A C29  1 
HETATM 1056 O O    . HOH C 3 .   ? 7.658   -8.602  4.449   0.63 30.05 ? 109 HOH A O    1 
HETATM 1057 H H1   . HOH C 3 .   ? 8.315   -7.992  4.816   0.63 30.08 ? 109 HOH A H1   1 
HETATM 1058 H H2   . HOH C 3 .   ? 8.176   -9.120  3.827   0.63 29.57 ? 109 HOH A H2   1 
HETATM 1059 O O    . HOH C 3 .   ? -11.308 -14.045 3.177   0.97 17.75 ? 110 HOH A O    1 
HETATM 1060 H H1   . HOH C 3 .   ? -11.209 -14.135 4.131   0.97 17.08 ? 110 HOH A H1   1 
HETATM 1061 H H2   . HOH C 3 .   ? -11.444 -14.969 2.933   0.97 16.85 ? 110 HOH A H2   1 
HETATM 1062 O O    . HOH C 3 .   ? -5.683  -10.202 12.973  0.66 12.00 ? 111 HOH A O    1 
HETATM 1063 H H1   . HOH C 3 .   ? -5.863  -11.104 12.629  0.66 11.34 ? 111 HOH A H1   1 
HETATM 1064 H H2   . HOH C 3 .   ? -6.535  -9.724  12.852  0.66 11.65 ? 111 HOH A H2   1 
HETATM 1065 O O    . HOH C 3 .   ? -4.083  -3.980  -15.895 1.00 19.09 ? 112 HOH A O    1 
HETATM 1066 H H1   . HOH C 3 .   ? -4.760  -4.096  -15.206 1.00 18.77 ? 112 HOH A H1   1 
HETATM 1067 H H2   . HOH C 3 .   ? -4.326  -3.097  -16.193 1.00 18.80 ? 112 HOH A H2   1 
HETATM 1068 O O    . HOH C 3 .   ? -0.989  -8.938  12.710  1.00 21.02 ? 113 HOH A O    1 
HETATM 1069 H H1   . HOH C 3 .   ? -1.459  -8.141  12.968  1.00 20.89 ? 113 HOH A H1   1 
HETATM 1070 H H2   . HOH C 3 .   ? -1.705  -9.456  12.309  1.00 20.89 ? 113 HOH A H2   1 
HETATM 1071 O O    . HOH C 3 .   ? 13.081  -4.544  -2.996  1.00 14.08 ? 114 HOH A O    1 
HETATM 1072 H H1   . HOH C 3 .   ? 12.996  -5.363  -2.464  1.00 13.62 ? 114 HOH A H1   1 
HETATM 1073 H H2   . HOH C 3 .   ? 13.578  -4.023  -2.337  1.00 15.24 ? 114 HOH A H2   1 
HETATM 1074 O O    . HOH C 3 .   ? 3.140   -10.478 -7.044  1.00 12.05 ? 115 HOH A O    1 
HETATM 1075 H H1   . HOH C 3 .   ? 3.858   -10.759 -7.614  1.00 10.92 ? 115 HOH A H1   1 
HETATM 1076 H H2   . HOH C 3 .   ? 2.696   -9.822  -7.589  1.00 10.62 ? 115 HOH A H2   1 
HETATM 1077 O O    . HOH C 3 .   ? 3.222   -5.206  14.150  0.74 11.34 ? 116 HOH A O    1 
HETATM 1078 H H1   . HOH C 3 .   ? 3.107   -5.849  14.859  0.74 12.27 ? 116 HOH A H1   1 
HETATM 1079 H H2   . HOH C 3 .   ? 2.716   -5.590  13.421  0.74 10.73 ? 116 HOH A H2   1 
HETATM 1080 O O    . HOH C 3 .   ? -9.914  -13.478 -5.375  0.99 13.93 ? 117 HOH A O    1 
HETATM 1081 H H1   . HOH C 3 .   ? -10.418 -12.892 -4.806  0.99 13.54 ? 117 HOH A H1   1 
HETATM 1082 H H2   . HOH C 3 .   ? -9.894  -13.023 -6.218  0.99 13.74 ? 117 HOH A H2   1 
HETATM 1083 O O    . HOH C 3 .   ? -5.774  -14.257 -3.394  0.73 26.60 ? 118 HOH A O    1 
HETATM 1084 H H1   . HOH C 3 .   ? -5.378  -13.962 -4.235  0.73 26.31 ? 118 HOH A H1   1 
HETATM 1085 H H2   . HOH C 3 .   ? -5.412  -13.651 -2.741  0.73 26.03 ? 118 HOH A H2   1 
HETATM 1086 O O    . HOH C 3 .   ? -3.103  5.307   -8.336  1.00 8.15  ? 119 HOH A O    1 
HETATM 1087 H H1   . HOH C 3 .   ? -2.236  5.542   -8.702  1.00 6.89  ? 119 HOH A H1   1 
HETATM 1088 H H2   . HOH C 3 .   ? -2.978  4.630   -7.657  1.00 8.15  ? 119 HOH A H2   1 
HETATM 1089 O O    . HOH C 3 .   ? -13.582 -9.016  5.868   0.61 2.00  ? 120 HOH A O    1 
HETATM 1090 H H1   . HOH C 3 .   ? -13.766 -8.195  5.382   0.61 2.25  ? 120 HOH A H1   1 
HETATM 1091 H H2   . HOH C 3 .   ? -13.000 -8.666  6.554   0.61 2.00  ? 120 HOH A H2   1 
HETATM 1092 O O    . HOH C 3 .   ? 1.125   8.455   7.158   0.72 3.37  ? 121 HOH A O    1 
HETATM 1093 H H1   . HOH C 3 .   ? 1.910   8.905   6.807   0.72 3.88  ? 121 HOH A H1   1 
HETATM 1094 H H2   . HOH C 3 .   ? 0.528   9.183   7.399   0.72 2.56  ? 121 HOH A H2   1 
HETATM 1095 O O    . HOH C 3 .   ? 8.165   12.267  2.110   1.00 2.00  ? 122 HOH A O    1 
HETATM 1096 H H1   . HOH C 3 .   ? 7.408   11.683  1.956   1.00 2.74  ? 122 HOH A H1   1 
HETATM 1097 H H2   . HOH C 3 .   ? 7.875   12.835  2.824   1.00 2.20  ? 122 HOH A H2   1 
HETATM 1098 O O    . HOH C 3 .   ? -17.728 -15.056 -1.498  1.00 13.61 ? 123 HOH A O    1 
HETATM 1099 H H1   . HOH C 3 .   ? -17.294 -15.881 -1.243  1.00 13.33 ? 123 HOH A H1   1 
HETATM 1100 H H2   . HOH C 3 .   ? -16.996 -14.619 -2.020  1.00 14.40 ? 123 HOH A H2   1 
HETATM 1101 O O    . HOH C 3 .   ? 8.020   0.395   0.564   1.00 32.63 ? 124 HOH A O    1 
HETATM 1102 H H1   . HOH C 3 .   ? 8.051   -0.209  -0.182  1.00 33.67 ? 124 HOH A H1   1 
HETATM 1103 H H2   . HOH C 3 .   ? 7.312   1.006   0.343   1.00 33.57 ? 124 HOH A H2   1 
HETATM 1104 O O    . HOH C 3 .   ? 0.016   7.690   -10.461 0.87 13.82 ? 125 HOH A O    1 
HETATM 1105 H H1   . HOH C 3 .   ? -0.020  7.665   -9.507  0.87 13.46 ? 125 HOH A H1   1 
HETATM 1106 H H2   . HOH C 3 .   ? 0.780   8.278   -10.628 0.87 14.44 ? 125 HOH A H2   1 
HETATM 1107 O O    . HOH C 3 .   ? -12.835 -4.470  -5.139  0.89 2.00  ? 126 HOH A O    1 
HETATM 1108 H H1   . HOH C 3 .   ? -13.658 -3.960  -5.042  0.89 2.00  ? 126 HOH A H1   1 
HETATM 1109 H H2   . HOH C 3 .   ? -12.140 -3.802  -5.127  0.89 2.46  ? 126 HOH A H2   1 
HETATM 1110 O O    . HOH C 3 .   ? -12.802 -22.988 -0.314  0.94 2.00  ? 127 HOH A O    1 
HETATM 1111 H H1   . HOH C 3 .   ? -12.381 -23.195 0.539   0.94 2.00  ? 127 HOH A H1   1 
HETATM 1112 H H2   . HOH C 3 .   ? -13.723 -22.914 -0.041  0.94 2.00  ? 127 HOH A H2   1 
HETATM 1113 O O    . HOH C 3 .   ? 7.884   11.002  -6.020  0.74 3.66  ? 128 HOH A O    1 
HETATM 1114 H H1   . HOH C 3 .   ? 7.600   11.910  -5.787  0.74 4.57  ? 128 HOH A H1   1 
HETATM 1115 H H2   . HOH C 3 .   ? 7.323   10.468  -5.436  0.74 4.41  ? 128 HOH A H2   1 
HETATM 1116 O O    . HOH C 3 .   ? 4.262   7.627   -11.469 0.82 3.27  ? 129 HOH A O    1 
HETATM 1117 H H1   . HOH C 3 .   ? 3.481   7.149   -11.770 0.82 4.97  ? 129 HOH A H1   1 
HETATM 1118 H H2   . HOH C 3 .   ? 4.885   6.889   -11.327 0.82 3.61  ? 129 HOH A H2   1 
HETATM 1119 O O    . HOH C 3 .   ? 6.792   -12.614 -4.922  0.96 34.15 ? 130 HOH A O    1 
HETATM 1120 H H1   . HOH C 3 .   ? 7.651   -12.408 -5.312  0.96 33.99 ? 130 HOH A H1   1 
HETATM 1121 H H2   . HOH C 3 .   ? 6.678   -13.528 -5.204  0.96 33.66 ? 130 HOH A H2   1 
HETATM 1122 O O    . HOH C 3 .   ? -9.386  6.425   -6.067  0.98 12.97 ? 131 HOH A O    1 
HETATM 1123 H H1   . HOH C 3 .   ? -10.137 5.942   -6.426  0.98 11.76 ? 131 HOH A H1   1 
HETATM 1124 H H2   . HOH C 3 .   ? -9.695  6.675   -5.191  0.98 11.75 ? 131 HOH A H2   1 
HETATM 1125 O O    . HOH C 3 .   ? 14.632  12.985  4.758   0.67 2.66  ? 132 HOH A O    1 
HETATM 1126 H H1   . HOH C 3 .   ? 14.943  13.567  5.446   0.67 3.29  ? 132 HOH A H1   1 
HETATM 1127 H H2   . HOH C 3 .   ? 13.670  13.021  4.878   0.67 3.50  ? 132 HOH A H2   1 
HETATM 1128 O O    . HOH C 3 .   ? 14.019  5.746   9.230   0.77 29.35 ? 133 HOH A O    1 
HETATM 1129 H H1   . HOH C 3 .   ? 13.751  5.481   10.132  0.77 29.08 ? 133 HOH A H1   1 
HETATM 1130 H H2   . HOH C 3 .   ? 14.940  5.404   9.173   0.77 28.56 ? 133 HOH A H2   1 
HETATM 1131 O O    . HOH C 3 .   ? 13.389  11.601  -8.171  0.80 39.36 ? 134 HOH A O    1 
HETATM 1132 H H1   . HOH C 3 .   ? 12.819  11.331  -7.446  0.80 39.01 ? 134 HOH A H1   1 
HETATM 1133 H H2   . HOH C 3 .   ? 12.920  11.281  -8.952  0.80 38.78 ? 134 HOH A H2   1 
HETATM 1134 O O    . HOH C 3 .   ? 5.667   5.471   -10.594 0.96 7.39  ? 135 HOH A O    1 
HETATM 1135 H H1   . HOH C 3 .   ? 6.342   5.921   -10.071 0.96 7.35  ? 135 HOH A H1   1 
HETATM 1136 H H2   . HOH C 3 .   ? 5.593   4.632   -10.123 0.96 7.11  ? 135 HOH A H2   1 
HETATM 1137 O O    . HOH C 3 .   ? 5.226   -15.079 -3.116  0.68 6.76  ? 136 HOH A O    1 
HETATM 1138 H H1   . HOH C 3 .   ? 4.871   -15.818 -2.615  0.68 7.17  ? 136 HOH A H1   1 
HETATM 1139 H H2   . HOH C 3 .   ? 6.007   -15.475 -3.543  0.68 6.49  ? 136 HOH A H2   1 
HETATM 1140 O O    . HOH C 3 .   ? -0.921  6.988   15.946  1.00 24.65 ? 137 HOH A O    1 
HETATM 1141 H H1   . HOH C 3 .   ? -0.551  6.374   15.303  1.00 24.46 ? 137 HOH A H1   1 
HETATM 1142 H H2   . HOH C 3 .   ? -1.685  7.361   15.453  1.00 23.61 ? 137 HOH A H2   1 
HETATM 1143 O O    . HOH C 3 .   ? -8.059  -22.086 5.429   0.82 32.64 ? 138 HOH A O    1 
HETATM 1144 H H1   . HOH C 3 .   ? -7.166  -22.424 5.485   0.82 32.75 ? 138 HOH A H1   1 
HETATM 1145 H H2   . HOH C 3 .   ? -8.556  -22.837 5.088   0.82 32.74 ? 138 HOH A H2   1 
HETATM 1146 O O    . HOH C 3 .   ? 22.137  13.537  8.636   0.88 24.33 ? 139 HOH A O    1 
HETATM 1147 H H1   . HOH C 3 .   ? 21.996  12.633  8.349   0.88 24.65 ? 139 HOH A H1   1 
HETATM 1148 H H2   . HOH C 3 .   ? 22.166  14.031  7.801   0.88 24.15 ? 139 HOH A H2   1 
HETATM 1149 O O    . HOH C 3 .   ? -0.853  -12.996 10.510  0.95 24.80 ? 140 HOH A O    1 
HETATM 1150 H H1   . HOH C 3 .   ? -0.255  -13.462 11.096  0.95 24.52 ? 140 HOH A H1   1 
HETATM 1151 H H2   . HOH C 3 .   ? -1.727  -13.298 10.759  0.95 24.38 ? 140 HOH A H2   1 
HETATM 1152 O O    . HOH C 3 .   ? -19.374 -7.227  1.374   0.60 20.18 ? 141 HOH A O    1 
HETATM 1153 H H1   . HOH C 3 .   ? -19.493 -6.516  0.747   0.60 19.83 ? 141 HOH A H1   1 
HETATM 1154 H H2   . HOH C 3 .   ? -18.469 -7.504  1.211   0.60 19.97 ? 141 HOH A H2   1 
HETATM 1155 O O    . HOH C 3 .   ? 13.967  10.789  -12.202 0.54 8.09  ? 142 HOH A O    1 
HETATM 1156 H H1   . HOH C 3 .   ? 14.289  11.417  -12.849 0.54 8.63  ? 142 HOH A H1   1 
HETATM 1157 H H2   . HOH C 3 .   ? 13.302  10.329  -12.733 0.54 8.73  ? 142 HOH A H2   1 
HETATM 1158 O O    . HOH C 3 .   ? 4.075   18.749  -0.406  0.87 44.13 ? 143 HOH A O    1 
HETATM 1159 H H1   . HOH C 3 .   ? 3.756   19.086  -1.247  0.87 43.76 ? 143 HOH A H1   1 
HETATM 1160 H H2   . HOH C 3 .   ? 3.484   18.019  -0.206  0.87 43.28 ? 143 HOH A H2   1 
HETATM 1161 O O    . HOH C 3 .   ? -11.373 -7.427  12.923  0.67 19.52 ? 144 HOH A O    1 
HETATM 1162 H H1   . HOH C 3 .   ? -10.928 -7.184  12.111  0.67 19.51 ? 144 HOH A H1   1 
HETATM 1163 H H2   . HOH C 3 .   ? -11.812 -6.595  13.145  0.67 19.56 ? 144 HOH A H2   1 
HETATM 1164 O O    . HOH C 3 .   ? -9.479  1.883   -11.666 0.95 21.51 ? 145 HOH A O    1 
HETATM 1165 H H1   . HOH C 3 .   ? -9.766  1.443   -12.466 0.95 21.21 ? 145 HOH A H1   1 
HETATM 1166 H H2   . HOH C 3 .   ? -9.529  2.810   -11.910 0.95 21.20 ? 145 HOH A H2   1 
HETATM 1167 O O    . HOH C 3 .   ? -8.622  6.335   -10.375 1.00 26.49 ? 146 HOH A O    1 
HETATM 1168 H H1   . HOH C 3 .   ? -8.642  5.634   -9.706  1.00 25.72 ? 146 HOH A H1   1 
HETATM 1169 H H2   . HOH C 3 .   ? -9.400  6.162   -10.912 1.00 25.96 ? 146 HOH A H2   1 
HETATM 1170 O O    . HOH C 3 .   ? -12.666 7.406   -1.565  0.50 12.71 ? 147 HOH A O    1 
HETATM 1171 H H1   . HOH C 3 .   ? -11.894 6.843   -1.428  0.50 12.97 ? 147 HOH A H1   1 
HETATM 1172 H H2   . HOH C 3 .   ? -13.286 7.128   -0.893  0.50 13.43 ? 147 HOH A H2   1 
HETATM 1173 O O    . HOH C 3 .   ? 13.109  -5.961  -0.693  1.00 24.45 ? 148 HOH A O    1 
HETATM 1174 H H1   . HOH C 3 .   ? 13.699  -6.313  0.003   1.00 23.71 ? 148 HOH A H1   1 
HETATM 1175 H H2   . HOH C 3 .   ? 12.250  -6.340  -0.470  1.00 24.27 ? 148 HOH A H2   1 
HETATM 1176 O O    . HOH C 3 .   ? -17.877 -7.154  -8.852  0.94 32.64 ? 149 HOH A O    1 
HETATM 1177 H H1   . HOH C 3 .   ? -18.765 -7.050  -9.211  0.94 32.76 ? 149 HOH A H1   1 
HETATM 1178 H H2   . HOH C 3 .   ? -18.090 -7.511  -7.968  0.94 32.63 ? 149 HOH A H2   1 
HETATM 1179 O O    . HOH C 3 .   ? -6.967  3.276   13.764  0.87 33.46 ? 150 HOH A O    1 
HETATM 1180 H H1   . HOH C 3 .   ? -7.935  3.209   13.655  0.87 33.23 ? 150 HOH A H1   1 
HETATM 1181 H H2   . HOH C 3 .   ? -6.826  3.229   14.719  0.87 32.45 ? 150 HOH A H2   1 
HETATM 1182 O O    . HOH C 3 .   ? -5.551  -20.435 -0.680  0.52 30.43 ? 151 HOH A O    1 
HETATM 1183 H H1   . HOH C 3 .   ? -5.547  -20.053 -1.574  0.52 30.29 ? 151 HOH A H1   1 
HETATM 1184 H H2   . HOH C 3 .   ? -4.983  -21.210 -0.769  0.52 30.21 ? 151 HOH A H2   1 
HETATM 1185 O O    . HOH C 3 .   ? 0.774   6.562   -14.306 1.00 48.17 ? 152 HOH A O    1 
HETATM 1186 H H1   . HOH C 3 .   ? 1.731   6.512   -14.269 1.00 47.66 ? 152 HOH A H1   1 
HETATM 1187 H H2   . HOH C 3 .   ? 0.586   7.224   -14.971 1.00 47.78 ? 152 HOH A H2   1 
HETATM 1188 O O    . HOH C 3 .   ? 4.432   16.750  13.835  0.52 31.77 ? 153 HOH A O    1 
HETATM 1189 H H1   . HOH C 3 .   ? 4.904   16.809  13.004  0.52 31.90 ? 153 HOH A H1   1 
HETATM 1190 H H2   . HOH C 3 .   ? 5.128   16.646  14.486  0.52 31.63 ? 153 HOH A H2   1 
HETATM 1191 O O    . HOH C 3 .   ? -0.727  10.655  7.770   0.52 10.16 ? 154 HOH A O    1 
HETATM 1192 H H1   . HOH C 3 .   ? -0.639  11.358  7.111   0.52 10.47 ? 154 HOH A H1   1 
HETATM 1193 H H2   . HOH C 3 .   ? -0.542  11.107  8.599   0.52 10.07 ? 154 HOH A H2   1 
HETATM 1194 O O    . HOH C 3 .   ? -20.588 -10.314 -9.379  0.66 34.38 ? 155 HOH A O    1 
HETATM 1195 H H1   . HOH C 3 .   ? -19.665 -10.051 -9.433  0.66 34.04 ? 155 HOH A H1   1 
HETATM 1196 H H2   . HOH C 3 .   ? -20.994 -9.843  -10.108 0.66 34.00 ? 155 HOH A H2   1 
HETATM 1197 O O    . HOH C 3 .   ? -4.767  -25.890 -6.195  0.84 19.05 ? 156 HOH A O    1 
HETATM 1198 H H1   . HOH C 3 .   ? -4.181  -26.202 -5.485  0.84 18.47 ? 156 HOH A H1   1 
HETATM 1199 H H2   . HOH C 3 .   ? -5.620  -26.203 -5.877  0.84 18.08 ? 156 HOH A H2   1 
HETATM 1200 O O    . HOH C 3 .   ? 18.579  7.405   -6.836  0.56 22.77 ? 157 HOH A O    1 
HETATM 1201 H H1   . HOH C 3 .   ? 18.547  8.301   -7.183  0.56 22.96 ? 157 HOH A H1   1 
HETATM 1202 H H2   . HOH C 3 .   ? 18.463  6.910   -7.651  0.56 23.15 ? 157 HOH A H2   1 
HETATM 1203 O O    . HOH C 3 .   ? 3.434   -16.166 7.003   0.45 29.39 ? 158 HOH A O    1 
HETATM 1204 H H1   . HOH C 3 .   ? 3.354   -15.396 6.422   0.45 29.02 ? 158 HOH A H1   1 
HETATM 1205 H H2   . HOH C 3 .   ? 2.728   -16.743 6.712   0.45 28.87 ? 158 HOH A H2   1 
HETATM 1206 O O    . HOH C 3 .   ? -6.750  -10.620 -9.752  0.70 32.84 ? 159 HOH A O    1 
HETATM 1207 H H1   . HOH C 3 .   ? -7.603  -10.231 -9.504  0.70 32.57 ? 159 HOH A H1   1 
HETATM 1208 H H2   . HOH C 3 .   ? -6.806  -10.810 -10.689 0.70 32.57 ? 159 HOH A H2   1 
HETATM 1209 O O    . HOH C 3 .   ? 1.351   -16.940 -7.306  0.46 35.55 ? 160 HOH A O    1 
HETATM 1210 H H1   . HOH C 3 .   ? 0.428   -17.158 -7.169  0.46 35.92 ? 160 HOH A H1   1 
HETATM 1211 H H2   . HOH C 3 .   ? 1.791   -17.788 -7.352  0.46 35.98 ? 160 HOH A H2   1 
HETATM 1212 O O    . HOH C 3 .   ? 15.312  4.981   -2.222  0.85 47.73 ? 161 HOH A O    1 
HETATM 1213 H H1   . HOH C 3 .   ? 14.572  5.599   -2.233  0.85 46.47 ? 161 HOH A H1   1 
HETATM 1214 H H2   . HOH C 3 .   ? 15.527  4.890   -3.153  0.85 46.57 ? 161 HOH A H2   1 
HETATM 1215 O O    . HOH C 3 .   ? -9.005  -15.888 5.136   0.78 25.16 ? 162 HOH A O    1 
HETATM 1216 H H1   . HOH C 3 .   ? -8.408  -16.634 5.213   0.78 25.06 ? 162 HOH A H1   1 
HETATM 1217 H H2   . HOH C 3 .   ? -8.619  -15.258 5.767   0.78 25.79 ? 162 HOH A H2   1 
HETATM 1218 O O    . HOH C 3 .   ? 9.350   -1.179  5.288   0.49 46.45 ? 163 HOH A O    1 
HETATM 1219 H H1   . HOH C 3 .   ? 8.987   -1.675  4.546   0.49 46.33 ? 163 HOH A H1   1 
HETATM 1220 H H2   . HOH C 3 .   ? 9.672   -1.880  5.855   0.49 46.20 ? 163 HOH A H2   1 
HETATM 1221 O O    . HOH C 3 .   ? -14.692 -9.662  20.012  0.75 32.70 ? 164 HOH A O    1 
HETATM 1222 H H1   . HOH C 3 .   ? -13.788 -9.894  20.256  0.75 32.61 ? 164 HOH A H1   1 
HETATM 1223 H H2   . HOH C 3 .   ? -14.722 -9.846  19.076  0.75 32.74 ? 164 HOH A H2   1 
HETATM 1224 O O    . HOH C 3 .   ? 19.470  10.921  1.631   0.84 37.33 ? 165 HOH A O    1 
HETATM 1225 H H1   . HOH C 3 .   ? 20.022  10.361  2.216   0.84 37.31 ? 165 HOH A H1   1 
HETATM 1226 H H2   . HOH C 3 .   ? 20.117  11.310  1.028   0.84 37.48 ? 165 HOH A H2   1 
HETATM 1227 O O    . HOH C 3 .   ? 14.636  -0.023  0.612   1.00 50.98 ? 166 HOH A O    1 
HETATM 1228 H H1   . HOH C 3 .   ? 14.280  0.514   -0.111  1.00 50.60 ? 166 HOH A H1   1 
HETATM 1229 H H2   . HOH C 3 .   ? 15.465  0.401   0.826   1.00 50.80 ? 166 HOH A H2   1 
HETATM 1230 O O    . HOH C 3 .   ? -22.587 -11.637 -1.961  0.99 24.34 ? 167 HOH A O    1 
HETATM 1231 H H1   . HOH C 3 .   ? -22.609 -12.104 -2.814  0.99 23.72 ? 167 HOH A H1   1 
HETATM 1232 H H2   . HOH C 3 .   ? -23.522 -11.557 -1.760  0.99 23.91 ? 167 HOH A H2   1 
HETATM 1233 O O    . HOH C 3 .   ? 13.930  4.989   -4.896  0.82 28.22 ? 168 HOH A O    1 
HETATM 1234 H H1   . HOH C 3 .   ? 14.276  4.451   -5.607  0.82 27.69 ? 168 HOH A H1   1 
HETATM 1235 H H2   . HOH C 3 .   ? 14.131  5.892   -5.141  0.82 27.78 ? 168 HOH A H2   1 
HETATM 1236 O O    . HOH C 3 .   ? -13.310 -1.516  9.141   1.00 16.31 ? 169 HOH A O    1 
HETATM 1237 H H1   . HOH C 3 .   ? -13.464 -0.634  9.492   1.00 16.71 ? 169 HOH A H1   1 
HETATM 1238 H H2   . HOH C 3 .   ? -13.112 -1.289  8.202   1.00 15.87 ? 169 HOH A H2   1 
HETATM 1239 O O    . HOH C 3 .   ? -19.212 -15.769 2.830   0.49 17.58 ? 170 HOH A O    1 
HETATM 1240 H H1   . HOH C 3 .   ? -19.208 -15.128 2.093   0.49 17.64 ? 170 HOH A H1   1 
HETATM 1241 H H2   . HOH C 3 .   ? -20.046 -16.231 2.713   0.49 17.89 ? 170 HOH A H2   1 
HETATM 1242 O O    . HOH C 3 .   ? -9.708  3.011   12.605  0.85 24.37 ? 171 HOH A O    1 
HETATM 1243 H H1   . HOH C 3 .   ? -10.508 2.490   12.714  0.85 24.35 ? 171 HOH A H1   1 
HETATM 1244 H H2   . HOH C 3 .   ? -9.574  3.025   11.651  0.85 23.75 ? 171 HOH A H2   1 
HETATM 1245 O O    . HOH C 3 .   ? 4.578   -13.282 5.109   0.95 21.80 ? 172 HOH A O    1 
HETATM 1246 H H1   . HOH C 3 .   ? 5.371   -12.923 4.697   0.95 21.78 ? 172 HOH A H1   1 
HETATM 1247 H H2   . HOH C 3 .   ? 4.359   -12.514 5.672   0.95 21.73 ? 172 HOH A H2   1 
HETATM 1248 O O    . HOH C 3 .   ? 15.457  17.435  -3.404  0.95 42.78 ? 173 HOH A O    1 
HETATM 1249 H H1   . HOH C 3 .   ? 15.126  17.643  -2.526  0.95 42.93 ? 173 HOH A H1   1 
HETATM 1250 H H2   . HOH C 3 .   ? 16.364  17.798  -3.401  0.95 42.84 ? 173 HOH A H2   1 
HETATM 1251 O O    . HOH C 3 .   ? -2.379  5.071   10.704  0.89 33.53 ? 174 HOH A O    1 
HETATM 1252 H H1   . HOH C 3 .   ? -1.977  5.268   9.853   0.89 33.01 ? 174 HOH A H1   1 
HETATM 1253 H H2   . HOH C 3 .   ? -3.119  4.512   10.453  0.89 32.97 ? 174 HOH A H2   1 
HETATM 1254 O O    . HOH C 3 .   ? 16.831  11.012  0.984   0.75 31.16 ? 175 HOH A O    1 
HETATM 1255 H H1   . HOH C 3 .   ? 16.371  10.991  1.853   0.75 30.80 ? 175 HOH A H1   1 
HETATM 1256 H H2   . HOH C 3 .   ? 17.764  10.893  1.275   0.75 31.10 ? 175 HOH A H2   1 
HETATM 1257 O O    . HOH C 3 .   ? 6.279   22.315  2.677   0.67 58.15 ? 176 HOH A O    1 
HETATM 1258 H H1   . HOH C 3 .   ? 6.627   22.404  3.569   0.67 58.16 ? 176 HOH A H1   1 
HETATM 1259 H H2   . HOH C 3 .   ? 5.371   22.623  2.734   0.67 57.93 ? 176 HOH A H2   1 
HETATM 1260 O O    . HOH C 3 .   ? -0.951  -10.664 -9.493  0.77 16.54 ? 177 HOH A O    1 
HETATM 1261 H H1   . HOH C 3 .   ? -1.895  -10.523 -9.366  0.77 16.34 ? 177 HOH A H1   1 
HETATM 1262 H H2   . HOH C 3 .   ? -0.601  -10.792 -8.615  0.77 15.92 ? 177 HOH A H2   1 
HETATM 1263 O O    . HOH C 3 .   ? -5.351  -22.113 -4.588  0.71 26.73 ? 178 HOH A O    1 
HETATM 1264 H H1   . HOH C 3 .   ? -4.705  -22.707 -4.199  0.71 26.18 ? 178 HOH A H1   1 
HETATM 1265 H H2   . HOH C 3 .   ? -5.500  -22.545 -5.435  0.71 26.09 ? 178 HOH A H2   1 
HETATM 1266 O O    . HOH C 3 .   ? -4.843  3.076   11.823  0.98 42.30 ? 179 HOH A O    1 
HETATM 1267 H H1   . HOH C 3 .   ? -5.071  3.939   11.468  0.98 41.83 ? 179 HOH A H1   1 
HETATM 1268 H H2   . HOH C 3 .   ? -5.401  3.075   12.634  0.98 42.40 ? 179 HOH A H2   1 
HETATM 1269 O O    . HOH C 3 .   ? 4.691   18.465  5.232   0.89 48.09 ? 180 HOH A O    1 
HETATM 1270 H H1   . HOH C 3 .   ? 3.904   18.106  5.687   0.89 47.93 ? 180 HOH A H1   1 
HETATM 1271 H H2   . HOH C 3 .   ? 5.033   19.126  5.840   0.89 47.67 ? 180 HOH A H2   1 
HETATM 1272 O O    . HOH C 3 .   ? -9.657  7.309   -1.018  0.79 20.94 ? 181 HOH A O    1 
HETATM 1273 H H1   . HOH C 3 .   ? -9.154  7.447   -1.834  0.79 21.15 ? 181 HOH A H1   1 
HETATM 1274 H H2   . HOH C 3 .   ? -9.952  8.191   -0.786  0.79 21.27 ? 181 HOH A H2   1 
HETATM 1275 O O    . HOH C 3 .   ? 0.654   -6.595  12.224  0.62 10.15 ? 182 HOH A O    1 
HETATM 1276 H H1   . HOH C 3 .   ? 1.392   -6.546  11.601  0.62 10.48 ? 182 HOH A H1   1 
HETATM 1277 H H2   . HOH C 3 .   ? 0.481   -7.548  12.295  0.62 11.23 ? 182 HOH A H2   1 
HETATM 1278 O O    . HOH C 3 .   ? 6.847   -16.534 1.199   1.00 35.49 ? 183 HOH A O    1 
HETATM 1279 H H1   . HOH C 3 .   ? 6.859   -17.266 0.586   1.00 35.17 ? 183 HOH A H1   1 
HETATM 1280 H H2   . HOH C 3 .   ? 7.543   -15.964 0.858   1.00 34.69 ? 183 HOH A H2   1 
HETATM 1281 O O    . HOH C 3 .   ? -8.279  -14.939 -2.187  0.45 45.25 ? 184 HOH A O    1 
HETATM 1282 H H1   . HOH C 3 .   ? -9.092  -14.791 -2.697  0.45 45.03 ? 184 HOH A H1   1 
HETATM 1283 H H2   . HOH C 3 .   ? -7.596  -14.549 -2.766  0.45 44.99 ? 184 HOH A H2   1 
HETATM 1284 O O    . HOH C 3 .   ? 8.902   -4.211  -9.164  0.70 40.60 ? 185 HOH A O    1 
HETATM 1285 H H1   . HOH C 3 .   ? 8.541   -4.882  -8.572  0.70 39.94 ? 185 HOH A H1   1 
HETATM 1286 H H2   . HOH C 3 .   ? 8.834   -4.646  -10.016 0.70 39.96 ? 185 HOH A H2   1 
HETATM 1287 O O    . HOH C 3 .   ? -7.413  -15.863 11.996  0.46 38.39 ? 186 HOH A O    1 
HETATM 1288 H H1   . HOH C 3 .   ? -8.186  -15.784 11.427  0.46 37.98 ? 186 HOH A H1   1 
HETATM 1289 H H2   . HOH C 3 .   ? -6.958  -15.041 11.739  0.46 37.83 ? 186 HOH A H2   1 
HETATM 1290 O O    . HOH C 3 .   ? -9.441  2.598   6.485   0.55 13.45 ? 187 HOH A O    1 
HETATM 1291 H H1   . HOH C 3 .   ? -8.716  2.134   6.043   0.55 14.54 ? 187 HOH A H1   1 
HETATM 1292 H H2   . HOH C 3 .   ? -10.050 1.890   6.702   0.55 14.62 ? 187 HOH A H2   1 
HETATM 1293 O O    . HOH C 3 .   ? -16.656 -12.560 2.197   0.64 18.97 ? 188 HOH A O    1 
HETATM 1294 H H1   . HOH C 3 .   ? -17.027 -13.441 2.028   0.64 19.20 ? 188 HOH A H1   1 
HETATM 1295 H H2   . HOH C 3 .   ? -17.481 -12.066 2.227   0.64 18.45 ? 188 HOH A H2   1 
HETATM 1296 O O    . HOH C 3 .   ? 14.543  -2.819  -4.560  1.00 39.83 ? 189 HOH A O    1 
HETATM 1297 H H1   . HOH C 3 .   ? 13.961  -3.318  -3.957  1.00 38.93 ? 189 HOH A H1   1 
HETATM 1298 H H2   . HOH C 3 .   ? 14.974  -3.539  -5.024  1.00 38.89 ? 189 HOH A H2   1 
HETATM 1299 O O    . HOH C 3 .   ? 18.227  8.001   -9.786  0.60 28.54 ? 190 HOH A O    1 
HETATM 1300 H H1   . HOH C 3 .   ? 18.764  7.768   -10.538 0.60 28.82 ? 190 HOH A H1   1 
HETATM 1301 H H2   . HOH C 3 .   ? 17.347  8.144   -10.187 0.60 28.65 ? 190 HOH A H2   1 
HETATM 1302 O O    . HOH C 3 .   ? -3.053  7.888   14.490  0.45 36.84 ? 191 HOH A O    1 
HETATM 1303 H H1   . HOH C 3 .   ? -2.989  8.824   14.254  0.45 36.58 ? 191 HOH A H1   1 
HETATM 1304 H H2   . HOH C 3 .   ? -3.625  7.533   13.796  0.45 36.69 ? 191 HOH A H2   1 
HETATM 1305 O O    . HOH C 3 .   ? -8.556  -10.953 12.287  0.41 39.49 ? 192 HOH A O    1 
HETATM 1306 H H1   . HOH C 3 .   ? -8.243  -11.330 11.436  0.41 39.14 ? 192 HOH A H1   1 
HETATM 1307 H H2   . HOH C 3 .   ? -8.189  -11.616 12.884  0.41 38.75 ? 192 HOH A H2   1 
HETATM 1308 O O    . HOH C 3 .   ? 2.326   9.229   -10.603 0.80 32.25 ? 193 HOH A O    1 
HETATM 1309 H H1   . HOH C 3 .   ? 3.179   8.863   -10.935 0.80 31.69 ? 193 HOH A H1   1 
HETATM 1310 H H2   . HOH C 3 .   ? 2.555   10.132  -10.372 0.80 31.80 ? 193 HOH A H2   1 
HETATM 1311 O O    . HOH C 3 .   ? -13.358 -2.041  4.090   0.34 19.03 ? 194 HOH A O    1 
HETATM 1312 H H1   . HOH C 3 .   ? -12.989 -1.818  3.224   0.34 19.99 ? 194 HOH A H1   1 
HETATM 1313 H H2   . HOH C 3 .   ? -12.725 -2.691  4.413   0.34 20.14 ? 194 HOH A H2   1 
HETATM 1314 O O    . HOH C 3 .   ? -13.149 -0.543  6.695   0.89 29.91 ? 195 HOH A O    1 
HETATM 1315 H H1   . HOH C 3 .   ? -13.347 -1.130  5.950   0.89 30.64 ? 195 HOH A H1   1 
HETATM 1316 H H2   . HOH C 3 .   ? -13.788 0.149   6.538   0.89 30.17 ? 195 HOH A H2   1 
HETATM 1317 O O    . HOH C 3 .   ? -7.343  4.941   17.435  0.60 28.57 ? 196 HOH A O    1 
HETATM 1318 H H1   . HOH C 3 .   ? -7.278  3.999   17.275  0.60 28.68 ? 196 HOH A H1   1 
HETATM 1319 H H2   . HOH C 3 .   ? -6.408  5.194   17.367  0.60 28.88 ? 196 HOH A H2   1 
HETATM 1320 O O    . HOH C 3 .   ? 15.800  8.862   -11.039 0.53 26.46 ? 197 HOH A O    1 
HETATM 1321 H H1   . HOH C 3 .   ? 15.027  9.277   -11.470 0.53 26.48 ? 197 HOH A H1   1 
HETATM 1322 H H2   . HOH C 3 .   ? 16.152  9.625   -10.575 0.53 27.19 ? 197 HOH A H2   1 
HETATM 1323 O O    . HOH C 3 .   ? 14.528  -2.255  -1.249  0.69 13.36 ? 198 HOH A O    1 
HETATM 1324 H H1   . HOH C 3 .   ? 14.527  -1.760  -0.413  0.69 13.90 ? 198 HOH A H1   1 
HETATM 1325 H H2   . HOH C 3 .   ? 14.443  -1.523  -1.873  0.69 13.83 ? 198 HOH A H2   1 
HETATM 1326 O O    . HOH C 3 .   ? -21.264 -6.252  -11.279 0.71 27.27 ? 199 HOH A O    1 
HETATM 1327 H H1   . HOH C 3 .   ? -20.995 -5.562  -10.649 0.71 27.83 ? 199 HOH A H1   1 
HETATM 1328 H H2   . HOH C 3 .   ? -22.084 -6.594  -10.890 0.71 27.59 ? 199 HOH A H2   1 
HETATM 1329 O O    . HOH C 3 .   ? -3.540  11.251  9.684   0.68 34.08 ? 200 HOH A O    1 
HETATM 1330 H H1   . HOH C 3 .   ? -4.425  11.372  9.340   0.68 34.32 ? 200 HOH A H1   1 
HETATM 1331 H H2   . HOH C 3 .   ? -3.002  11.167  8.892   0.68 34.37 ? 200 HOH A H2   1 
HETATM 1332 O O    . HOH C 3 .   ? 2.576   -14.873 4.110   0.60 29.07 ? 201 HOH A O    1 
HETATM 1333 H H1   . HOH C 3 .   ? 3.192   -14.206 4.482   0.60 29.03 ? 201 HOH A H1   1 
HETATM 1334 H H2   . HOH C 3 .   ? 3.187   -15.537 3.789   0.60 29.07 ? 201 HOH A H2   1 
HETATM 1335 O O    . HOH C 3 .   ? -4.819  6.139   8.808   0.74 46.34 ? 202 HOH A O    1 
HETATM 1336 H H1   . HOH C 3 .   ? -5.375  5.963   8.043   0.74 46.19 ? 202 HOH A H1   1 
HETATM 1337 H H2   . HOH C 3 .   ? -4.872  7.093   8.904   0.74 46.20 ? 202 HOH A H2   1 
HETATM 1338 O O    . HOH C 3 .   ? 0.734   12.006  -8.495  0.63 27.22 ? 203 HOH A O    1 
HETATM 1339 H H1   . HOH C 3 .   ? -0.020  11.797  -9.053  0.63 27.44 ? 203 HOH A H1   1 
HETATM 1340 H H2   . HOH C 3 .   ? 0.327   12.294  -7.660  0.63 27.50 ? 203 HOH A H2   1 
HETATM 1341 O O    . HOH C 3 .   ? -6.823  -26.008 5.210   0.78 26.59 ? 204 HOH A O    1 
HETATM 1342 H H1   . HOH C 3 .   ? -6.217  -25.714 5.892   0.78 26.27 ? 204 HOH A H1   1 
HETATM 1343 H H2   . HOH C 3 .   ? -7.599  -26.271 5.728   0.78 26.19 ? 204 HOH A H2   1 
HETATM 1344 O O    . HOH C 3 .   ? 8.936   21.635  8.404   0.50 17.92 ? 205 HOH A O    1 
HETATM 1345 H H1   . HOH C 3 .   ? 9.225   20.725  8.528   0.50 18.70 ? 205 HOH A H1   1 
HETATM 1346 H H2   . HOH C 3 .   ? 9.511   22.134  8.999   0.50 18.67 ? 205 HOH A H2   1 
HETATM 1347 O O    . HOH C 3 .   ? 4.913   5.762   1.147   0.54 33.33 ? 206 HOH A O    1 
HETATM 1348 H H1   . HOH C 3 .   ? 5.282   5.228   1.855   0.54 33.40 ? 206 HOH A H1   1 
HETATM 1349 H H2   . HOH C 3 .   ? 5.232   5.317   0.365   0.54 33.03 ? 206 HOH A H2   1 
HETATM 1350 O O    . HOH C 3 .   ? -6.464  -2.973  4.665   0.53 29.37 ? 207 HOH A O    1 
HETATM 1351 H H1   . HOH C 3 .   ? -6.816  -3.502  3.949   0.53 30.40 ? 207 HOH A H1   1 
HETATM 1352 H H2   . HOH C 3 .   ? -6.265  -3.613  5.350   0.53 30.05 ? 207 HOH A H2   1 
HETATM 1353 O O    . HOH C 3 .   ? 11.939  -13.111 2.326   1.00 33.42 ? 208 HOH A O    1 
HETATM 1354 H H1   . HOH C 3 .   ? 12.648  -13.179 2.969   1.00 32.73 ? 208 HOH A H1   1 
HETATM 1355 H H2   . HOH C 3 .   ? 11.689  -14.014 2.130   1.00 32.41 ? 208 HOH A H2   1 
HETATM 1356 O O    . HOH C 3 .   ? -10.850 2.423   2.785   0.71 33.06 ? 209 HOH A O    1 
HETATM 1357 H H1   . HOH C 3 .   ? -10.097 2.987   2.589   0.71 32.96 ? 209 HOH A H1   1 
HETATM 1358 H H2   . HOH C 3 .   ? -11.047 2.615   3.703   0.71 33.13 ? 209 HOH A H2   1 
HETATM 1359 O O    . HOH C 3 .   ? -3.848  14.819  0.672   0.74 35.72 ? 210 HOH A O    1 
HETATM 1360 H H1   . HOH C 3 .   ? -4.108  15.657  1.081   0.74 35.43 ? 210 HOH A H1   1 
HETATM 1361 H H2   . HOH C 3 .   ? -2.890  14.932  0.588   0.74 35.31 ? 210 HOH A H2   1 
HETATM 1362 O O    . HOH C 3 .   ? -16.340 -7.476  3.458   0.52 26.16 ? 211 HOH A O    1 
HETATM 1363 H H1   . HOH C 3 .   ? -16.958 -7.936  2.876   0.52 26.89 ? 211 HOH A H1   1 
HETATM 1364 H H2   . HOH C 3 .   ? -16.664 -7.758  4.320   0.52 26.48 ? 211 HOH A H2   1 
HETATM 1365 O O    . HOH C 3 .   ? 0.212   1.399   -1.305  0.57 47.56 ? 212 HOH A O    1 
HETATM 1366 H H1   . HOH C 3 .   ? -0.274  1.110   -0.529  0.57 46.98 ? 212 HOH A H1   1 
HETATM 1367 H H2   . HOH C 3 .   ? -0.194  2.229   -1.557  0.57 46.94 ? 212 HOH A H2   1 
HETATM 1368 O O    . HOH C 3 .   ? 13.552  2.144   5.072   0.56 41.47 ? 213 HOH A O    1 
HETATM 1369 H H1   . HOH C 3 .   ? 13.440  1.310   4.605   0.56 40.94 ? 213 HOH A H1   1 
HETATM 1370 H H2   . HOH C 3 .   ? 14.511  2.164   5.236   0.56 41.16 ? 213 HOH A H2   1 
HETATM 1371 O O    . HOH C 3 .   ? 15.474  11.178  10.856  0.61 23.43 ? 214 HOH A O    1 
HETATM 1372 H H1   . HOH C 3 .   ? 15.677  11.701  10.080  0.61 24.30 ? 214 HOH A H1   1 
HETATM 1373 H H2   . HOH C 3 .   ? 16.316  11.114  11.308  0.61 24.24 ? 214 HOH A H2   1 
HETATM 1374 O O    . HOH C 3 .   ? 0.867   -16.947 11.058  0.56 15.98 ? 215 HOH A O    1 
HETATM 1375 H H1   . HOH C 3 .   ? 1.714   -17.236 11.409  0.56 16.37 ? 215 HOH A H1   1 
HETATM 1376 H H2   . HOH C 3 .   ? 0.802   -17.417 10.225  0.56 16.43 ? 215 HOH A H2   1 
HETATM 1377 O O    . HOH C 3 .   ? -16.357 -10.177 4.229   0.66 33.88 ? 216 HOH A O    1 
HETATM 1378 H H1   . HOH C 3 .   ? -15.547 -9.919  4.689   0.66 34.78 ? 216 HOH A H1   1 
HETATM 1379 H H2   . HOH C 3 .   ? -16.131 -11.016 3.805   0.66 34.79 ? 216 HOH A H2   1 
HETATM 1380 O O    . HOH C 3 .   ? 10.920  7.353   8.634   0.32 37.57 ? 217 HOH A O    1 
HETATM 1381 H H1   . HOH C 3 .   ? 11.429  7.141   9.435   0.32 37.64 ? 217 HOH A H1   1 
HETATM 1382 H H2   . HOH C 3 .   ? 10.881  8.320   8.660   0.32 37.57 ? 217 HOH A H2   1 
HETATM 1383 O O    . HOH C 3 .   ? 12.955  14.923  -3.754  0.63 37.89 ? 218 HOH A O    1 
HETATM 1384 H H1   . HOH C 3 .   ? 13.666  15.512  -4.040  0.63 37.94 ? 218 HOH A H1   1 
HETATM 1385 H H2   . HOH C 3 .   ? 13.299  14.049  -3.955  0.63 37.62 ? 218 HOH A H2   1 
HETATM 1386 O O    . HOH C 3 .   ? -0.278  21.529  5.799   0.63 36.07 ? 219 HOH A O    1 
HETATM 1387 H H1   . HOH C 3 .   ? -1.186  21.318  6.030   0.63 36.02 ? 219 HOH A H1   1 
HETATM 1388 H H2   . HOH C 3 .   ? -0.260  22.486  5.811   0.63 35.94 ? 219 HOH A H2   1 
HETATM 1389 O O    . HOH C 3 .   ? -1.864  -22.952 6.862   0.38 29.21 ? 220 HOH A O    1 
HETATM 1390 H H1   . HOH C 3 .   ? -1.276  -22.419 7.401   0.38 29.61 ? 220 HOH A H1   1 
HETATM 1391 H H2   . HOH C 3 .   ? -2.134  -23.652 7.455   0.38 29.70 ? 220 HOH A H2   1 
HETATM 1392 O O    . HOH C 3 .   ? -11.921 -18.175 5.760   0.48 41.71 ? 221 HOH A O    1 
HETATM 1393 H H1   . HOH C 3 .   ? -11.081 -17.693 5.780   0.48 41.79 ? 221 HOH A H1   1 
HETATM 1394 H H2   . HOH C 3 .   ? -12.458 -17.523 5.272   0.48 41.83 ? 221 HOH A H2   1 
HETATM 1395 O O    . HOH C 3 .   ? -3.838  -23.194 0.031   0.45 40.91 ? 222 HOH A O    1 
HETATM 1396 H H1   . HOH C 3 .   ? -3.217  -22.780 0.638   0.45 40.98 ? 222 HOH A H1   1 
HETATM 1397 H H2   . HOH C 3 .   ? -3.262  -23.457 -0.695  0.45 41.22 ? 222 HOH A H2   1 
HETATM 1398 O O    . HOH C 3 .   ? 5.251   4.449   6.834   0.60 42.45 ? 223 HOH A O    1 
HETATM 1399 H H1   . HOH C 3 .   ? 4.964   4.464   5.914   0.60 42.12 ? 223 HOH A H1   1 
HETATM 1400 H H2   . HOH C 3 .   ? 4.854   5.214   7.250   0.60 42.07 ? 223 HOH A H2   1 
HETATM 1401 O O    . HOH C 3 .   ? -0.393  12.367  -6.000  0.71 29.81 ? 224 HOH A O    1 
HETATM 1402 H H1   . HOH C 3 .   ? -0.443  11.483  -5.621  0.71 29.75 ? 224 HOH A H1   1 
HETATM 1403 H H2   . HOH C 3 .   ? -1.297  12.685  -5.888  0.71 29.69 ? 224 HOH A H2   1 
HETATM 1404 O O    . HOH C 3 .   ? 7.239   13.712  -5.109  0.67 29.13 ? 225 HOH A O    1 
HETATM 1405 H H1   . HOH C 3 .   ? 8.103   14.052  -4.801  0.67 29.04 ? 225 HOH A H1   1 
HETATM 1406 H H2   . HOH C 3 .   ? 6.676   14.461  -4.857  0.67 28.98 ? 225 HOH A H2   1 
# 
